data_9H44
# 
_entry.id   9H44 
# 
_audit_conform.dict_name       mmcif_pdbx.dic 
_audit_conform.dict_version    5.399 
_audit_conform.dict_location   http://mmcif.pdb.org/dictionaries/ascii/mmcif_pdbx.dic 
# 
loop_
_database_2.database_id 
_database_2.database_code 
_database_2.pdbx_database_accession 
_database_2.pdbx_DOI 
PDB   9H44         pdb_00009h44 10.2210/pdb9h44/pdb 
WWPDB D_1292139631 ?            ?                   
# 
_pdbx_audit_revision_history.ordinal             1 
_pdbx_audit_revision_history.data_content_type   'Structure model' 
_pdbx_audit_revision_history.major_revision      1 
_pdbx_audit_revision_history.minor_revision      0 
_pdbx_audit_revision_history.revision_date       2024-12-04 
# 
_pdbx_audit_revision_details.ordinal             1 
_pdbx_audit_revision_details.revision_ordinal    1 
_pdbx_audit_revision_details.data_content_type   'Structure model' 
_pdbx_audit_revision_details.provider            repository 
_pdbx_audit_revision_details.type                'Initial release' 
_pdbx_audit_revision_details.description         ? 
_pdbx_audit_revision_details.details             ? 
# 
_pdbx_database_status.status_code                     REL 
_pdbx_database_status.status_code_sf                  REL 
_pdbx_database_status.status_code_mr                  ? 
_pdbx_database_status.entry_id                        9H44 
_pdbx_database_status.recvd_initial_deposition_date   2024-10-17 
_pdbx_database_status.SG_entry                        Y 
_pdbx_database_status.deposit_site                    PDBE 
_pdbx_database_status.process_site                    PDBE 
_pdbx_database_status.status_code_cs                  ? 
_pdbx_database_status.status_code_nmr_data            ? 
_pdbx_database_status.methods_development_category    ? 
_pdbx_database_status.pdb_format_compatible           Y 
# 
_pdbx_contact_author.id                 4 
_pdbx_contact_author.email              frank.vondelft@cmd.ox.ac.uk 
_pdbx_contact_author.name_first         Frank 
_pdbx_contact_author.name_last          'von Delft' 
_pdbx_contact_author.name_mi            ? 
_pdbx_contact_author.role               'principal investigator/group leader' 
_pdbx_contact_author.identifier_ORCID   0000-0003-0378-0017 
# 
loop_
_audit_author.name 
_audit_author.pdbx_ordinal 
_audit_author.identifier_ORCID 
'Fairhead, M.'                         1  ? 
'Strain-Damerell, C.'                  2  ? 
'Ye, M.'                               3  ? 
'Mackinnon, S.R.'                      4  ? 
'Pinkas, D.'                           5  ? 
'MacLean, E.M.'                        6  ? 
'Koekemoer, L.'                        7  ? 
'Damerell, D.'                         8  ? 
'Krojer, T.'                           9  ? 
'Yue, W.'                              10 ? 
'Burgess-Brown, N.'                    11 ? 
'Marsden, B.'                          12 ? 
'von Delft, F.'                        13 ? 
'Structural Genomics Consortium (SGC)' 14 ? 
# 
_citation.abstract                  ? 
_citation.abstract_id_CAS           ? 
_citation.book_id_ISBN              ? 
_citation.book_publisher            ? 
_citation.book_publisher_city       ? 
_citation.book_title                ? 
_citation.coordinate_linkage        ? 
_citation.country                   ? 
_citation.database_id_Medline       ? 
_citation.details                   ? 
_citation.id                        primary 
_citation.journal_abbrev            'To Be Published' 
_citation.journal_id_ASTM           ? 
_citation.journal_id_CSD            0353 
_citation.journal_id_ISSN           ? 
_citation.journal_full              ? 
_citation.journal_issue             ? 
_citation.journal_volume            ? 
_citation.language                  ? 
_citation.page_first                ? 
_citation.page_last                 ? 
_citation.title                     
'A fast, parallel method for efficiently exploring crystallization behaviour of large numbers of protein variants' 
_citation.year                      ? 
_citation.database_id_CSD           ? 
_citation.pdbx_database_id_DOI      ? 
_citation.pdbx_database_id_PubMed   ? 
_citation.pdbx_database_id_patent   ? 
_citation.unpublished_flag          ? 
# 
loop_
_citation_author.citation_id 
_citation_author.name 
_citation_author.ordinal 
_citation_author.identifier_ORCID 
primary 'Fairhead, M.'        1  ? 
primary 'Strain-Damerell, C.' 2  ? 
primary 'Ye, M.'              3  ? 
primary 'Mackinnon, S.R.'     4  ? 
primary 'Pinkas, D.'          5  ? 
primary 'MacLean, E.M.'       6  ? 
primary 'Koekemoer, L.'       7  ? 
primary 'Damerell, D.'        8  ? 
primary 'Krojer, T.'          9  ? 
primary 'Yue, W.'             10 ? 
primary 'Burgess-Brown, N.'   11 ? 
primary 'Marsden, B.'         12 ? 
primary 'von Delft, F.'       13 ? 
# 
loop_
_entity.id 
_entity.type 
_entity.src_method 
_entity.pdbx_description 
_entity.formula_weight 
_entity.pdbx_number_of_molecules 
_entity.pdbx_ec 
_entity.pdbx_mutation 
_entity.pdbx_fragment 
_entity.details 
1 polymer     man 'Lysine-specific demethylase 4B'      14724.405 1   1.14.11.66 'L916G, R917A, A918D' ? 
'Jumonji domain-containing protein 2B with crown ether and crystallization epitope mutations L916G:R917A:A918D' 
2 non-polymer syn 1,4,7,10,13,16-HEXAOXACYCLOOCTADECANE 264.315   1   ?          ?                     ? ? 
3 non-polymer syn 'CHLORIDE ION'                        35.453    1   ?          ?                     ? ? 
4 water       nat water                                 18.015    106 ?          ?                     ? ? 
# 
_entity_name_com.entity_id   1 
_entity_name_com.name        
;JmjC domain-containing histone demethylation protein 3B,Jumonji domain-containing protein 2B,[histone H3]-trimethyl-L-lysine(9) demethylase 4B
;
# 
_entity_poly.entity_id                      1 
_entity_poly.type                           'polypeptide(L)' 
_entity_poly.nstd_linkage                   no 
_entity_poly.nstd_monomer                   no 
_entity_poly.pdbx_seq_one_letter_code       
;SMLGADVSLGQVVITKNRNGLYYRCRVIGAASQTCYEVNFDDGSYSDNLYPESITSRDCVQLGPPSEGELVELRWTDGNL
YKAKFISSVTSHIYQVEFEDGSQLTVKRGDIFTLEEELPKRVRSRLSLSTGA
;
_entity_poly.pdbx_seq_one_letter_code_can   
;SMLGADVSLGQVVITKNRNGLYYRCRVIGAASQTCYEVNFDDGSYSDNLYPESITSRDCVQLGPPSEGELVELRWTDGNL
YKAKFISSVTSHIYQVEFEDGSQLTVKRGDIFTLEEELPKRVRSRLSLSTGA
;
_entity_poly.pdbx_strand_id                 A 
_entity_poly.pdbx_target_identifier         ? 
# 
loop_
_pdbx_entity_nonpoly.entity_id 
_pdbx_entity_nonpoly.name 
_pdbx_entity_nonpoly.comp_id 
2 1,4,7,10,13,16-HEXAOXACYCLOOCTADECANE O4B 
3 'CHLORIDE ION'                        CL  
4 water                                 HOH 
# 
loop_
_entity_poly_seq.entity_id 
_entity_poly_seq.num 
_entity_poly_seq.mon_id 
_entity_poly_seq.hetero 
1 1   SER n 
1 2   MET n 
1 3   LEU n 
1 4   GLY n 
1 5   ALA n 
1 6   ASP n 
1 7   VAL n 
1 8   SER n 
1 9   LEU n 
1 10  GLY n 
1 11  GLN n 
1 12  VAL n 
1 13  VAL n 
1 14  ILE n 
1 15  THR n 
1 16  LYS n 
1 17  ASN n 
1 18  ARG n 
1 19  ASN n 
1 20  GLY n 
1 21  LEU n 
1 22  TYR n 
1 23  TYR n 
1 24  ARG n 
1 25  CYS n 
1 26  ARG n 
1 27  VAL n 
1 28  ILE n 
1 29  GLY n 
1 30  ALA n 
1 31  ALA n 
1 32  SER n 
1 33  GLN n 
1 34  THR n 
1 35  CYS n 
1 36  TYR n 
1 37  GLU n 
1 38  VAL n 
1 39  ASN n 
1 40  PHE n 
1 41  ASP n 
1 42  ASP n 
1 43  GLY n 
1 44  SER n 
1 45  TYR n 
1 46  SER n 
1 47  ASP n 
1 48  ASN n 
1 49  LEU n 
1 50  TYR n 
1 51  PRO n 
1 52  GLU n 
1 53  SER n 
1 54  ILE n 
1 55  THR n 
1 56  SER n 
1 57  ARG n 
1 58  ASP n 
1 59  CYS n 
1 60  VAL n 
1 61  GLN n 
1 62  LEU n 
1 63  GLY n 
1 64  PRO n 
1 65  PRO n 
1 66  SER n 
1 67  GLU n 
1 68  GLY n 
1 69  GLU n 
1 70  LEU n 
1 71  VAL n 
1 72  GLU n 
1 73  LEU n 
1 74  ARG n 
1 75  TRP n 
1 76  THR n 
1 77  ASP n 
1 78  GLY n 
1 79  ASN n 
1 80  LEU n 
1 81  TYR n 
1 82  LYS n 
1 83  ALA n 
1 84  LYS n 
1 85  PHE n 
1 86  ILE n 
1 87  SER n 
1 88  SER n 
1 89  VAL n 
1 90  THR n 
1 91  SER n 
1 92  HIS n 
1 93  ILE n 
1 94  TYR n 
1 95  GLN n 
1 96  VAL n 
1 97  GLU n 
1 98  PHE n 
1 99  GLU n 
1 100 ASP n 
1 101 GLY n 
1 102 SER n 
1 103 GLN n 
1 104 LEU n 
1 105 THR n 
1 106 VAL n 
1 107 LYS n 
1 108 ARG n 
1 109 GLY n 
1 110 ASP n 
1 111 ILE n 
1 112 PHE n 
1 113 THR n 
1 114 LEU n 
1 115 GLU n 
1 116 GLU n 
1 117 GLU n 
1 118 LEU n 
1 119 PRO n 
1 120 LYS n 
1 121 ARG n 
1 122 VAL n 
1 123 ARG n 
1 124 SER n 
1 125 ARG n 
1 126 LEU n 
1 127 SER n 
1 128 LEU n 
1 129 SER n 
1 130 THR n 
1 131 GLY n 
1 132 ALA n 
# 
_entity_src_gen.entity_id                          1 
_entity_src_gen.pdbx_src_id                        1 
_entity_src_gen.pdbx_alt_source_flag               sample 
_entity_src_gen.pdbx_seq_type                      'Biological sequence' 
_entity_src_gen.pdbx_beg_seq_num                   1 
_entity_src_gen.pdbx_end_seq_num                   132 
_entity_src_gen.gene_src_common_name               human 
_entity_src_gen.gene_src_genus                     ? 
_entity_src_gen.pdbx_gene_src_gene                 'KDM4B, JHDM3B, JMJD2B, KIAA0876' 
_entity_src_gen.gene_src_species                   ? 
_entity_src_gen.gene_src_strain                    ? 
_entity_src_gen.gene_src_tissue                    ? 
_entity_src_gen.gene_src_tissue_fraction           ? 
_entity_src_gen.gene_src_details                   ? 
_entity_src_gen.pdbx_gene_src_fragment             ? 
_entity_src_gen.pdbx_gene_src_scientific_name      'Homo sapiens' 
_entity_src_gen.pdbx_gene_src_ncbi_taxonomy_id     9606 
_entity_src_gen.pdbx_gene_src_variant              ? 
_entity_src_gen.pdbx_gene_src_cell_line            ? 
_entity_src_gen.pdbx_gene_src_atcc                 ? 
_entity_src_gen.pdbx_gene_src_organ                ? 
_entity_src_gen.pdbx_gene_src_organelle            ? 
_entity_src_gen.pdbx_gene_src_cell                 ? 
_entity_src_gen.pdbx_gene_src_cellular_location    ? 
_entity_src_gen.host_org_common_name               ? 
_entity_src_gen.pdbx_host_org_scientific_name      'Escherichia coli' 
_entity_src_gen.pdbx_host_org_ncbi_taxonomy_id     562 
_entity_src_gen.host_org_genus                     ? 
_entity_src_gen.pdbx_host_org_gene                 ? 
_entity_src_gen.pdbx_host_org_organ                ? 
_entity_src_gen.host_org_species                   ? 
_entity_src_gen.pdbx_host_org_tissue               ? 
_entity_src_gen.pdbx_host_org_tissue_fraction      ? 
_entity_src_gen.pdbx_host_org_strain               ? 
_entity_src_gen.pdbx_host_org_variant              ? 
_entity_src_gen.pdbx_host_org_cell_line            ? 
_entity_src_gen.pdbx_host_org_atcc                 ? 
_entity_src_gen.pdbx_host_org_culture_collection   ? 
_entity_src_gen.pdbx_host_org_cell                 ? 
_entity_src_gen.pdbx_host_org_organelle            ? 
_entity_src_gen.pdbx_host_org_cellular_location    ? 
_entity_src_gen.pdbx_host_org_vector_type          ? 
_entity_src_gen.pdbx_host_org_vector               ? 
_entity_src_gen.host_org_details                   ? 
_entity_src_gen.expression_system_id               ? 
_entity_src_gen.plasmid_name                       ? 
_entity_src_gen.plasmid_details                    ? 
_entity_src_gen.pdbx_description                   ? 
# 
loop_
_chem_comp.id 
_chem_comp.type 
_chem_comp.mon_nstd_flag 
_chem_comp.name 
_chem_comp.pdbx_synonyms 
_chem_comp.formula 
_chem_comp.formula_weight 
ALA 'L-peptide linking' y ALANINE                               ? 'C3 H7 N O2'     89.093  
ARG 'L-peptide linking' y ARGININE                              ? 'C6 H15 N4 O2 1' 175.209 
ASN 'L-peptide linking' y ASPARAGINE                            ? 'C4 H8 N2 O3'    132.118 
ASP 'L-peptide linking' y 'ASPARTIC ACID'                       ? 'C4 H7 N O4'     133.103 
CL  non-polymer         . 'CHLORIDE ION'                        ? 'Cl -1'          35.453  
CYS 'L-peptide linking' y CYSTEINE                              ? 'C3 H7 N O2 S'   121.158 
GLN 'L-peptide linking' y GLUTAMINE                             ? 'C5 H10 N2 O3'   146.144 
GLU 'L-peptide linking' y 'GLUTAMIC ACID'                       ? 'C5 H9 N O4'     147.129 
GLY 'peptide linking'   y GLYCINE                               ? 'C2 H5 N O2'     75.067  
HIS 'L-peptide linking' y HISTIDINE                             ? 'C6 H10 N3 O2 1' 156.162 
HOH non-polymer         . WATER                                 ? 'H2 O'           18.015  
ILE 'L-peptide linking' y ISOLEUCINE                            ? 'C6 H13 N O2'    131.173 
LEU 'L-peptide linking' y LEUCINE                               ? 'C6 H13 N O2'    131.173 
LYS 'L-peptide linking' y LYSINE                                ? 'C6 H15 N2 O2 1' 147.195 
MET 'L-peptide linking' y METHIONINE                            ? 'C5 H11 N O2 S'  149.211 
O4B non-polymer         . 1,4,7,10,13,16-HEXAOXACYCLOOCTADECANE ? 'C12 H24 O6'     264.315 
PHE 'L-peptide linking' y PHENYLALANINE                         ? 'C9 H11 N O2'    165.189 
PRO 'L-peptide linking' y PROLINE                               ? 'C5 H9 N O2'     115.130 
SER 'L-peptide linking' y SERINE                                ? 'C3 H7 N O3'     105.093 
THR 'L-peptide linking' y THREONINE                             ? 'C4 H9 N O3'     119.119 
TRP 'L-peptide linking' y TRYPTOPHAN                            ? 'C11 H12 N2 O2'  204.225 
TYR 'L-peptide linking' y TYROSINE                              ? 'C9 H11 N O3'    181.189 
VAL 'L-peptide linking' y VALINE                                ? 'C5 H11 N O2'    117.146 
# 
loop_
_pdbx_poly_seq_scheme.asym_id 
_pdbx_poly_seq_scheme.entity_id 
_pdbx_poly_seq_scheme.seq_id 
_pdbx_poly_seq_scheme.mon_id 
_pdbx_poly_seq_scheme.ndb_seq_num 
_pdbx_poly_seq_scheme.pdb_seq_num 
_pdbx_poly_seq_scheme.auth_seq_num 
_pdbx_poly_seq_scheme.pdb_mon_id 
_pdbx_poly_seq_scheme.auth_mon_id 
_pdbx_poly_seq_scheme.pdb_strand_id 
_pdbx_poly_seq_scheme.pdb_ins_code 
_pdbx_poly_seq_scheme.hetero 
A 1 1   SER 1   913  913  SER SER A . n 
A 1 2   MET 2   914  914  MET MET A . n 
A 1 3   LEU 3   915  915  LEU LEU A . n 
A 1 4   GLY 4   916  916  GLY GLY A . n 
A 1 5   ALA 5   917  917  ALA ALA A . n 
A 1 6   ASP 6   918  918  ASP ASP A . n 
A 1 7   VAL 7   919  919  VAL VAL A . n 
A 1 8   SER 8   920  920  SER SER A . n 
A 1 9   LEU 9   921  921  LEU LEU A . n 
A 1 10  GLY 10  922  922  GLY GLY A . n 
A 1 11  GLN 11  923  923  GLN GLN A . n 
A 1 12  VAL 12  924  924  VAL VAL A . n 
A 1 13  VAL 13  925  925  VAL VAL A . n 
A 1 14  ILE 14  926  926  ILE ILE A . n 
A 1 15  THR 15  927  927  THR THR A . n 
A 1 16  LYS 16  928  928  LYS LYS A . n 
A 1 17  ASN 17  929  929  ASN ASN A . n 
A 1 18  ARG 18  930  930  ARG ARG A . n 
A 1 19  ASN 19  931  931  ASN ASN A . n 
A 1 20  GLY 20  932  932  GLY GLY A . n 
A 1 21  LEU 21  933  933  LEU LEU A . n 
A 1 22  TYR 22  934  934  TYR TYR A . n 
A 1 23  TYR 23  935  935  TYR TYR A . n 
A 1 24  ARG 24  936  936  ARG ARG A . n 
A 1 25  CYS 25  937  937  CYS CYS A . n 
A 1 26  ARG 26  938  938  ARG ARG A . n 
A 1 27  VAL 27  939  939  VAL VAL A . n 
A 1 28  ILE 28  940  940  ILE ILE A . n 
A 1 29  GLY 29  941  941  GLY GLY A . n 
A 1 30  ALA 30  942  942  ALA ALA A . n 
A 1 31  ALA 31  943  943  ALA ALA A . n 
A 1 32  SER 32  944  944  SER SER A . n 
A 1 33  GLN 33  945  945  GLN GLN A . n 
A 1 34  THR 34  946  946  THR THR A . n 
A 1 35  CYS 35  947  947  CYS CYS A . n 
A 1 36  TYR 36  948  948  TYR TYR A . n 
A 1 37  GLU 37  949  949  GLU GLU A . n 
A 1 38  VAL 38  950  950  VAL VAL A . n 
A 1 39  ASN 39  951  951  ASN ASN A . n 
A 1 40  PHE 40  952  952  PHE PHE A . n 
A 1 41  ASP 41  953  953  ASP ASP A . n 
A 1 42  ASP 42  954  954  ASP ASP A . n 
A 1 43  GLY 43  955  955  GLY GLY A . n 
A 1 44  SER 44  956  956  SER SER A . n 
A 1 45  TYR 45  957  957  TYR TYR A . n 
A 1 46  SER 46  958  958  SER SER A . n 
A 1 47  ASP 47  959  959  ASP ASP A . n 
A 1 48  ASN 48  960  960  ASN ASN A . n 
A 1 49  LEU 49  961  961  LEU LEU A . n 
A 1 50  TYR 50  962  962  TYR TYR A . n 
A 1 51  PRO 51  963  963  PRO PRO A . n 
A 1 52  GLU 52  964  964  GLU GLU A . n 
A 1 53  SER 53  965  965  SER SER A . n 
A 1 54  ILE 54  966  966  ILE ILE A . n 
A 1 55  THR 55  967  967  THR THR A . n 
A 1 56  SER 56  968  968  SER SER A . n 
A 1 57  ARG 57  969  969  ARG ARG A . n 
A 1 58  ASP 58  970  970  ASP ASP A . n 
A 1 59  CYS 59  971  971  CYS CYS A . n 
A 1 60  VAL 60  972  972  VAL VAL A . n 
A 1 61  GLN 61  973  973  GLN GLN A . n 
A 1 62  LEU 62  974  974  LEU LEU A . n 
A 1 63  GLY 63  975  975  GLY GLY A . n 
A 1 64  PRO 64  976  976  PRO PRO A . n 
A 1 65  PRO 65  977  977  PRO PRO A . n 
A 1 66  SER 66  978  978  SER SER A . n 
A 1 67  GLU 67  979  979  GLU GLU A . n 
A 1 68  GLY 68  980  980  GLY GLY A . n 
A 1 69  GLU 69  981  981  GLU GLU A . n 
A 1 70  LEU 70  982  982  LEU LEU A . n 
A 1 71  VAL 71  983  983  VAL VAL A . n 
A 1 72  GLU 72  984  984  GLU GLU A . n 
A 1 73  LEU 73  985  985  LEU LEU A . n 
A 1 74  ARG 74  986  986  ARG ARG A . n 
A 1 75  TRP 75  987  987  TRP TRP A . n 
A 1 76  THR 76  988  988  THR THR A . n 
A 1 77  ASP 77  989  989  ASP ASP A . n 
A 1 78  GLY 78  990  990  GLY GLY A . n 
A 1 79  ASN 79  991  991  ASN ASN A . n 
A 1 80  LEU 80  992  992  LEU LEU A . n 
A 1 81  TYR 81  993  993  TYR TYR A . n 
A 1 82  LYS 82  994  994  LYS LYS A . n 
A 1 83  ALA 83  995  995  ALA ALA A . n 
A 1 84  LYS 84  996  996  LYS LYS A . n 
A 1 85  PHE 85  997  997  PHE PHE A . n 
A 1 86  ILE 86  998  998  ILE ILE A . n 
A 1 87  SER 87  999  999  SER SER A . n 
A 1 88  SER 88  1000 1000 SER SER A . n 
A 1 89  VAL 89  1001 1001 VAL VAL A . n 
A 1 90  THR 90  1002 1002 THR THR A . n 
A 1 91  SER 91  1003 1003 SER SER A . n 
A 1 92  HIS 92  1004 1004 HIS HIS A . n 
A 1 93  ILE 93  1005 1005 ILE ILE A . n 
A 1 94  TYR 94  1006 1006 TYR TYR A . n 
A 1 95  GLN 95  1007 1007 GLN GLN A . n 
A 1 96  VAL 96  1008 1008 VAL VAL A . n 
A 1 97  GLU 97  1009 1009 GLU GLU A . n 
A 1 98  PHE 98  1010 1010 PHE PHE A . n 
A 1 99  GLU 99  1011 1011 GLU GLU A . n 
A 1 100 ASP 100 1012 1012 ASP ASP A . n 
A 1 101 GLY 101 1013 1013 GLY GLY A . n 
A 1 102 SER 102 1014 1014 SER SER A . n 
A 1 103 GLN 103 1015 1015 GLN GLN A . n 
A 1 104 LEU 104 1016 1016 LEU LEU A . n 
A 1 105 THR 105 1017 1017 THR THR A . n 
A 1 106 VAL 106 1018 1018 VAL VAL A . n 
A 1 107 LYS 107 1019 1019 LYS LYS A . n 
A 1 108 ARG 108 1020 1020 ARG ARG A . n 
A 1 109 GLY 109 1021 1021 GLY GLY A . n 
A 1 110 ASP 110 1022 1022 ASP ASP A . n 
A 1 111 ILE 111 1023 1023 ILE ILE A . n 
A 1 112 PHE 112 1024 1024 PHE PHE A . n 
A 1 113 THR 113 1025 1025 THR THR A . n 
A 1 114 LEU 114 1026 1026 LEU LEU A . n 
A 1 115 GLU 115 1027 1027 GLU GLU A . n 
A 1 116 GLU 116 1028 1028 GLU GLU A . n 
A 1 117 GLU 117 1029 1029 GLU GLU A . n 
A 1 118 LEU 118 1030 1030 LEU LEU A . n 
A 1 119 PRO 119 1031 1031 PRO PRO A . n 
A 1 120 LYS 120 1032 1032 LYS LYS A . n 
A 1 121 ARG 121 1033 1033 ARG ARG A . n 
A 1 122 VAL 122 1034 1034 VAL VAL A . n 
A 1 123 ARG 123 1035 1035 ARG ARG A . n 
A 1 124 SER 124 1036 1036 SER SER A . n 
A 1 125 ARG 125 1037 1037 ARG ARG A . n 
A 1 126 LEU 126 1038 1038 LEU LEU A . n 
A 1 127 SER 127 1039 1039 SER SER A . n 
A 1 128 LEU 128 1040 1040 LEU LEU A . n 
A 1 129 SER 129 1041 ?    ?   ?   A . n 
A 1 130 THR 130 1042 ?    ?   ?   A . n 
A 1 131 GLY 131 1043 ?    ?   ?   A . n 
A 1 132 ALA 132 1044 ?    ?   ?   A . n 
# 
loop_
_pdbx_nonpoly_scheme.asym_id 
_pdbx_nonpoly_scheme.entity_id 
_pdbx_nonpoly_scheme.mon_id 
_pdbx_nonpoly_scheme.ndb_seq_num 
_pdbx_nonpoly_scheme.pdb_seq_num 
_pdbx_nonpoly_scheme.auth_seq_num 
_pdbx_nonpoly_scheme.pdb_mon_id 
_pdbx_nonpoly_scheme.auth_mon_id 
_pdbx_nonpoly_scheme.pdb_strand_id 
_pdbx_nonpoly_scheme.pdb_ins_code 
B 2 O4B 1   1101 1   O4B O4B A . 
C 3 CL  1   1102 1   CL  CL  A . 
D 4 HOH 1   1201 20  HOH HOH A . 
D 4 HOH 2   1202 38  HOH HOH A . 
D 4 HOH 3   1203 86  HOH HOH A . 
D 4 HOH 4   1204 93  HOH HOH A . 
D 4 HOH 5   1205 122 HOH HOH A . 
D 4 HOH 6   1206 4   HOH HOH A . 
D 4 HOH 7   1207 62  HOH HOH A . 
D 4 HOH 8   1208 25  HOH HOH A . 
D 4 HOH 9   1209 67  HOH HOH A . 
D 4 HOH 10  1210 126 HOH HOH A . 
D 4 HOH 11  1211 181 HOH HOH A . 
D 4 HOH 12  1212 58  HOH HOH A . 
D 4 HOH 13  1213 10  HOH HOH A . 
D 4 HOH 14  1214 1   HOH HOH A . 
D 4 HOH 15  1215 101 HOH HOH A . 
D 4 HOH 16  1216 15  HOH HOH A . 
D 4 HOH 17  1217 149 HOH HOH A . 
D 4 HOH 18  1218 18  HOH HOH A . 
D 4 HOH 19  1219 44  HOH HOH A . 
D 4 HOH 20  1220 29  HOH HOH A . 
D 4 HOH 21  1221 159 HOH HOH A . 
D 4 HOH 22  1222 37  HOH HOH A . 
D 4 HOH 23  1223 8   HOH HOH A . 
D 4 HOH 24  1224 42  HOH HOH A . 
D 4 HOH 25  1225 47  HOH HOH A . 
D 4 HOH 26  1226 2   HOH HOH A . 
D 4 HOH 27  1227 26  HOH HOH A . 
D 4 HOH 28  1228 98  HOH HOH A . 
D 4 HOH 29  1229 13  HOH HOH A . 
D 4 HOH 30  1230 22  HOH HOH A . 
D 4 HOH 31  1231 39  HOH HOH A . 
D 4 HOH 32  1232 27  HOH HOH A . 
D 4 HOH 33  1233 3   HOH HOH A . 
D 4 HOH 34  1234 133 HOH HOH A . 
D 4 HOH 35  1235 183 HOH HOH A . 
D 4 HOH 36  1236 55  HOH HOH A . 
D 4 HOH 37  1237 5   HOH HOH A . 
D 4 HOH 38  1238 30  HOH HOH A . 
D 4 HOH 39  1239 80  HOH HOH A . 
D 4 HOH 40  1240 6   HOH HOH A . 
D 4 HOH 41  1241 163 HOH HOH A . 
D 4 HOH 42  1242 43  HOH HOH A . 
D 4 HOH 43  1243 111 HOH HOH A . 
D 4 HOH 44  1244 23  HOH HOH A . 
D 4 HOH 45  1245 92  HOH HOH A . 
D 4 HOH 46  1246 75  HOH HOH A . 
D 4 HOH 47  1247 114 HOH HOH A . 
D 4 HOH 48  1248 11  HOH HOH A . 
D 4 HOH 49  1249 40  HOH HOH A . 
D 4 HOH 50  1250 9   HOH HOH A . 
D 4 HOH 51  1251 28  HOH HOH A . 
D 4 HOH 52  1252 21  HOH HOH A . 
D 4 HOH 53  1253 45  HOH HOH A . 
D 4 HOH 54  1254 69  HOH HOH A . 
D 4 HOH 55  1255 49  HOH HOH A . 
D 4 HOH 56  1256 77  HOH HOH A . 
D 4 HOH 57  1257 36  HOH HOH A . 
D 4 HOH 58  1258 94  HOH HOH A . 
D 4 HOH 59  1259 66  HOH HOH A . 
D 4 HOH 60  1260 41  HOH HOH A . 
D 4 HOH 61  1261 131 HOH HOH A . 
D 4 HOH 62  1262 50  HOH HOH A . 
D 4 HOH 63  1263 17  HOH HOH A . 
D 4 HOH 64  1264 12  HOH HOH A . 
D 4 HOH 65  1265 7   HOH HOH A . 
D 4 HOH 66  1266 76  HOH HOH A . 
D 4 HOH 67  1267 52  HOH HOH A . 
D 4 HOH 68  1268 88  HOH HOH A . 
D 4 HOH 69  1269 24  HOH HOH A . 
D 4 HOH 70  1270 125 HOH HOH A . 
D 4 HOH 71  1271 14  HOH HOH A . 
D 4 HOH 72  1272 64  HOH HOH A . 
D 4 HOH 73  1273 140 HOH HOH A . 
D 4 HOH 74  1274 59  HOH HOH A . 
D 4 HOH 75  1275 116 HOH HOH A . 
D 4 HOH 76  1276 57  HOH HOH A . 
D 4 HOH 77  1277 100 HOH HOH A . 
D 4 HOH 78  1278 16  HOH HOH A . 
D 4 HOH 79  1279 120 HOH HOH A . 
D 4 HOH 80  1280 61  HOH HOH A . 
D 4 HOH 81  1281 60  HOH HOH A . 
D 4 HOH 82  1282 48  HOH HOH A . 
D 4 HOH 83  1283 81  HOH HOH A . 
D 4 HOH 84  1284 32  HOH HOH A . 
D 4 HOH 85  1285 70  HOH HOH A . 
D 4 HOH 86  1286 99  HOH HOH A . 
D 4 HOH 87  1287 180 HOH HOH A . 
D 4 HOH 88  1288 95  HOH HOH A . 
D 4 HOH 89  1289 145 HOH HOH A . 
D 4 HOH 90  1290 89  HOH HOH A . 
D 4 HOH 91  1291 31  HOH HOH A . 
D 4 HOH 92  1292 110 HOH HOH A . 
D 4 HOH 93  1293 134 HOH HOH A . 
D 4 HOH 94  1294 34  HOH HOH A . 
D 4 HOH 95  1295 106 HOH HOH A . 
D 4 HOH 96  1296 90  HOH HOH A . 
D 4 HOH 97  1297 129 HOH HOH A . 
D 4 HOH 98  1298 161 HOH HOH A . 
D 4 HOH 99  1299 51  HOH HOH A . 
D 4 HOH 100 1300 96  HOH HOH A . 
D 4 HOH 101 1301 65  HOH HOH A . 
D 4 HOH 102 1302 132 HOH HOH A . 
D 4 HOH 103 1303 128 HOH HOH A . 
D 4 HOH 104 1304 107 HOH HOH A . 
D 4 HOH 105 1305 53  HOH HOH A . 
D 4 HOH 106 1306 73  HOH HOH A . 
# 
_pdbx_unobs_or_zero_occ_atoms.id               1 
_pdbx_unobs_or_zero_occ_atoms.PDB_model_num    1 
_pdbx_unobs_or_zero_occ_atoms.polymer_flag     Y 
_pdbx_unobs_or_zero_occ_atoms.occupancy_flag   1 
_pdbx_unobs_or_zero_occ_atoms.auth_asym_id     A 
_pdbx_unobs_or_zero_occ_atoms.auth_comp_id     LYS 
_pdbx_unobs_or_zero_occ_atoms.auth_seq_id      996 
_pdbx_unobs_or_zero_occ_atoms.PDB_ins_code     ? 
_pdbx_unobs_or_zero_occ_atoms.auth_atom_id     NZ 
_pdbx_unobs_or_zero_occ_atoms.label_alt_id     ? 
_pdbx_unobs_or_zero_occ_atoms.label_asym_id    A 
_pdbx_unobs_or_zero_occ_atoms.label_comp_id    LYS 
_pdbx_unobs_or_zero_occ_atoms.label_seq_id     84 
_pdbx_unobs_or_zero_occ_atoms.label_atom_id    NZ 
# 
loop_
_software.citation_id 
_software.classification 
_software.compiler_name 
_software.compiler_version 
_software.contact_author 
_software.contact_author_email 
_software.date 
_software.description 
_software.dependencies 
_software.hardware 
_software.language 
_software.location 
_software.mods 
_software.name 
_software.os 
_software.os_version 
_software.type 
_software.version 
_software.pdbx_ordinal 
? refinement       ? ? ? ? ? ? ? ? ? ? ? REFMAC ? ? ? '5.8.0430 (refmacat 0.4.82)' 1 
? 'data reduction' ? ? ? ? ? ? ? ? ? ? ? xia2   ? ? ? .                            2 
? 'data scaling'   ? ? ? ? ? ? ? ? ? ? ? xia2   ? ? ? .                            3 
? phasing          ? ? ? ? ? ? ? ? ? ? ? PHASER ? ? ? .                            4 
# 
_cell.angle_alpha                  90 
_cell.angle_alpha_esd              ? 
_cell.angle_beta                   90 
_cell.angle_beta_esd               ? 
_cell.angle_gamma                  120 
_cell.angle_gamma_esd              ? 
_cell.entry_id                     9H44 
_cell.details                      ? 
_cell.formula_units_Z              ? 
_cell.length_a                     87.93 
_cell.length_a_esd                 ? 
_cell.length_b                     87.93 
_cell.length_b_esd                 ? 
_cell.length_c                     142.91 
_cell.length_c_esd                 ? 
_cell.volume                       ? 
_cell.volume_esd                   ? 
_cell.Z_PDB                        18 
_cell.reciprocal_angle_alpha       ? 
_cell.reciprocal_angle_beta        ? 
_cell.reciprocal_angle_gamma       ? 
_cell.reciprocal_angle_alpha_esd   ? 
_cell.reciprocal_angle_beta_esd    ? 
_cell.reciprocal_angle_gamma_esd   ? 
_cell.reciprocal_length_a          ? 
_cell.reciprocal_length_b          ? 
_cell.reciprocal_length_c          ? 
_cell.reciprocal_length_a_esd      ? 
_cell.reciprocal_length_b_esd      ? 
_cell.reciprocal_length_c_esd      ? 
_cell.pdbx_unique_axis             ? 
_cell.pdbx_esd_method              ? 
# 
_symmetry.entry_id                         9H44 
_symmetry.cell_setting                     ? 
_symmetry.Int_Tables_number                155 
_symmetry.space_group_name_Hall            ? 
_symmetry.space_group_name_H-M             'H 3 2' 
_symmetry.pdbx_full_space_group_name_H-M   ? 
# 
_exptl.absorpt_coefficient_mu     ? 
_exptl.absorpt_correction_T_max   ? 
_exptl.absorpt_correction_T_min   ? 
_exptl.absorpt_correction_type    ? 
_exptl.absorpt_process_details    ? 
_exptl.entry_id                   9H44 
_exptl.crystals_number            1 
_exptl.details                    ? 
_exptl.method                     'X-RAY DIFFRACTION' 
_exptl.method_details             ? 
# 
_exptl_crystal.colour                       ? 
_exptl_crystal.density_diffrn               ? 
_exptl_crystal.density_Matthews             3.61 
_exptl_crystal.density_method               ? 
_exptl_crystal.density_percent_sol          65.93 
_exptl_crystal.description                  ? 
_exptl_crystal.F_000                        ? 
_exptl_crystal.id                           1 
_exptl_crystal.preparation                  ? 
_exptl_crystal.size_max                     ? 
_exptl_crystal.size_mid                     ? 
_exptl_crystal.size_min                     ? 
_exptl_crystal.size_rad                     ? 
_exptl_crystal.colour_lustre                ? 
_exptl_crystal.colour_modifier              ? 
_exptl_crystal.colour_primary               ? 
_exptl_crystal.density_meas                 ? 
_exptl_crystal.density_meas_esd             ? 
_exptl_crystal.density_meas_gt              ? 
_exptl_crystal.density_meas_lt              ? 
_exptl_crystal.density_meas_temp            ? 
_exptl_crystal.density_meas_temp_esd        ? 
_exptl_crystal.density_meas_temp_gt         ? 
_exptl_crystal.density_meas_temp_lt         ? 
_exptl_crystal.pdbx_crystal_image_url       ? 
_exptl_crystal.pdbx_crystal_image_format    ? 
_exptl_crystal.pdbx_mosaicity               ? 
_exptl_crystal.pdbx_mosaicity_esd           ? 
_exptl_crystal.pdbx_mosaic_method           ? 
_exptl_crystal.pdbx_mosaic_block_size       ? 
_exptl_crystal.pdbx_mosaic_block_size_esd   ? 
# 
_exptl_crystal_grow.apparatus       ? 
_exptl_crystal_grow.atmosphere      ? 
_exptl_crystal_grow.crystal_id      1 
_exptl_crystal_grow.details         ? 
_exptl_crystal_grow.method          'VAPOR DIFFUSION, SITTING DROP' 
_exptl_crystal_grow.method_ref      ? 
_exptl_crystal_grow.pH              ? 
_exptl_crystal_grow.pressure        ? 
_exptl_crystal_grow.pressure_esd    ? 
_exptl_crystal_grow.seeding         ? 
_exptl_crystal_grow.seeding_ref     ? 
_exptl_crystal_grow.temp_details    ? 
_exptl_crystal_grow.temp_esd        ? 
_exptl_crystal_grow.time            ? 
_exptl_crystal_grow.pdbx_details    
;Hampton Index well B7
0.056 M sodium phosphate monobasic 
1.344 M potassium phosphate dibasic
;
_exptl_crystal_grow.pdbx_pH_range   ? 
_exptl_crystal_grow.temp            277 
# 
_diffrn.ambient_environment              ? 
_diffrn.ambient_temp                     100 
_diffrn.ambient_temp_details             ? 
_diffrn.ambient_temp_esd                 ? 
_diffrn.crystal_id                       1 
_diffrn.crystal_support                  ? 
_diffrn.crystal_treatment                ? 
_diffrn.details                          ? 
_diffrn.id                               1 
_diffrn.ambient_pressure                 ? 
_diffrn.ambient_pressure_esd             ? 
_diffrn.ambient_pressure_gt              ? 
_diffrn.ambient_pressure_lt              ? 
_diffrn.ambient_temp_gt                  ? 
_diffrn.ambient_temp_lt                  ? 
_diffrn.pdbx_serial_crystal_experiment   N 
# 
_diffrn_detector.details                      ? 
_diffrn_detector.detector                     PIXEL 
_diffrn_detector.diffrn_id                    1 
_diffrn_detector.type                         'DECTRIS PILATUS 6M' 
_diffrn_detector.area_resol_mean              ? 
_diffrn_detector.dtime                        ? 
_diffrn_detector.pdbx_frames_total            ? 
_diffrn_detector.pdbx_collection_time_total   ? 
_diffrn_detector.pdbx_collection_date         2016-01-15 
_diffrn_detector.pdbx_frequency               ? 
_diffrn_detector.id                           ? 
_diffrn_detector.number_of_axes               ? 
# 
_diffrn_radiation.collimation                      ? 
_diffrn_radiation.diffrn_id                        1 
_diffrn_radiation.filter_edge                      ? 
_diffrn_radiation.inhomogeneity                    ? 
_diffrn_radiation.monochromator                    ? 
_diffrn_radiation.polarisn_norm                    ? 
_diffrn_radiation.polarisn_ratio                   ? 
_diffrn_radiation.probe                            ? 
_diffrn_radiation.type                             ? 
_diffrn_radiation.xray_symbol                      ? 
_diffrn_radiation.wavelength_id                    1 
_diffrn_radiation.pdbx_monochromatic_or_laue_m_l   M 
_diffrn_radiation.pdbx_wavelength_list             ? 
_diffrn_radiation.pdbx_wavelength                  ? 
_diffrn_radiation.pdbx_diffrn_protocol             'SINGLE WAVELENGTH' 
_diffrn_radiation.pdbx_analyzer                    ? 
_diffrn_radiation.pdbx_scattering_type             x-ray 
# 
_diffrn_radiation_wavelength.id           1 
_diffrn_radiation_wavelength.wavelength   0.97949 
_diffrn_radiation_wavelength.wt           1.0 
# 
_diffrn_source.current                     ? 
_diffrn_source.details                     ? 
_diffrn_source.diffrn_id                   1 
_diffrn_source.power                       ? 
_diffrn_source.size                        ? 
_diffrn_source.source                      SYNCHROTRON 
_diffrn_source.target                      ? 
_diffrn_source.type                        'DIAMOND BEAMLINE I02' 
_diffrn_source.voltage                     ? 
_diffrn_source.take-off_angle              ? 
_diffrn_source.pdbx_wavelength_list        0.97949 
_diffrn_source.pdbx_wavelength             ? 
_diffrn_source.pdbx_synchrotron_beamline   I02 
_diffrn_source.pdbx_synchrotron_site       Diamond 
# 
_reflns.B_iso_Wilson_estimate                          ? 
_reflns.entry_id                                       9H44 
_reflns.data_reduction_details                         ? 
_reflns.data_reduction_method                          ? 
_reflns.d_resolution_high                              1.74 
_reflns.d_resolution_low                               32.31 
_reflns.details                                        ? 
_reflns.limit_h_max                                    ? 
_reflns.limit_h_min                                    ? 
_reflns.limit_k_max                                    ? 
_reflns.limit_k_min                                    ? 
_reflns.limit_l_max                                    ? 
_reflns.limit_l_min                                    ? 
_reflns.number_all                                     ? 
_reflns.number_obs                                     21921 
_reflns.observed_criterion                             ? 
_reflns.observed_criterion_F_max                       ? 
_reflns.observed_criterion_F_min                       ? 
_reflns.observed_criterion_I_max                       ? 
_reflns.observed_criterion_I_min                       ? 
_reflns.observed_criterion_sigma_F                     ? 
_reflns.observed_criterion_sigma_I                     ? 
_reflns.percent_possible_obs                           99.3 
_reflns.R_free_details                                 ? 
_reflns.Rmerge_F_all                                   ? 
_reflns.Rmerge_F_obs                                   ? 
_reflns.Friedel_coverage                               ? 
_reflns.number_gt                                      ? 
_reflns.threshold_expression                           ? 
_reflns.pdbx_redundancy                                8.7 
_reflns.pdbx_netI_over_av_sigmaI                       ? 
_reflns.pdbx_netI_over_sigmaI                          20.5 
_reflns.pdbx_res_netI_over_av_sigmaI_2                 ? 
_reflns.pdbx_res_netI_over_sigmaI_2                    ? 
_reflns.pdbx_chi_squared                               ? 
_reflns.pdbx_scaling_rejects                           ? 
_reflns.pdbx_d_res_high_opt                            ? 
_reflns.pdbx_d_res_low_opt                             ? 
_reflns.pdbx_d_res_opt_method                          ? 
_reflns.phase_calculation_details                      ? 
_reflns.pdbx_Rrim_I_all                                ? 
_reflns.pdbx_Rpim_I_all                                ? 
_reflns.pdbx_d_opt                                     ? 
_reflns.pdbx_number_measured_all                       ? 
_reflns.pdbx_diffrn_id                                 1 
_reflns.pdbx_ordinal                                   1 
_reflns.pdbx_CC_half                                   ? 
_reflns.pdbx_CC_star                                   ? 
_reflns.pdbx_R_split                                   ? 
_reflns.pdbx_Rmerge_I_obs                              0.053 
_reflns.pdbx_Rmerge_I_all                              ? 
_reflns.pdbx_Rsym_value                                ? 
_reflns.pdbx_CC_split_method                           ? 
_reflns.pdbx_aniso_diffraction_limit_axis_1_ortho[1]   ? 
_reflns.pdbx_aniso_diffraction_limit_axis_1_ortho[2]   ? 
_reflns.pdbx_aniso_diffraction_limit_axis_1_ortho[3]   ? 
_reflns.pdbx_aniso_diffraction_limit_axis_2_ortho[1]   ? 
_reflns.pdbx_aniso_diffraction_limit_axis_2_ortho[2]   ? 
_reflns.pdbx_aniso_diffraction_limit_axis_2_ortho[3]   ? 
_reflns.pdbx_aniso_diffraction_limit_axis_3_ortho[1]   ? 
_reflns.pdbx_aniso_diffraction_limit_axis_3_ortho[2]   ? 
_reflns.pdbx_aniso_diffraction_limit_axis_3_ortho[3]   ? 
_reflns.pdbx_aniso_diffraction_limit_1                 ? 
_reflns.pdbx_aniso_diffraction_limit_2                 ? 
_reflns.pdbx_aniso_diffraction_limit_3                 ? 
_reflns.pdbx_aniso_B_tensor_eigenvector_1_ortho[1]     ? 
_reflns.pdbx_aniso_B_tensor_eigenvector_1_ortho[2]     ? 
_reflns.pdbx_aniso_B_tensor_eigenvector_1_ortho[3]     ? 
_reflns.pdbx_aniso_B_tensor_eigenvector_2_ortho[1]     ? 
_reflns.pdbx_aniso_B_tensor_eigenvector_2_ortho[2]     ? 
_reflns.pdbx_aniso_B_tensor_eigenvector_2_ortho[3]     ? 
_reflns.pdbx_aniso_B_tensor_eigenvector_3_ortho[1]     ? 
_reflns.pdbx_aniso_B_tensor_eigenvector_3_ortho[2]     ? 
_reflns.pdbx_aniso_B_tensor_eigenvector_3_ortho[3]     ? 
_reflns.pdbx_aniso_B_tensor_eigenvalue_1               ? 
_reflns.pdbx_aniso_B_tensor_eigenvalue_2               ? 
_reflns.pdbx_aniso_B_tensor_eigenvalue_3               ? 
_reflns.pdbx_orthogonalization_convention              ? 
_reflns.pdbx_percent_possible_ellipsoidal              ? 
_reflns.pdbx_percent_possible_spherical                ? 
_reflns.pdbx_percent_possible_ellipsoidal_anomalous    ? 
_reflns.pdbx_percent_possible_spherical_anomalous      ? 
_reflns.pdbx_redundancy_anomalous                      ? 
_reflns.pdbx_CC_half_anomalous                         ? 
_reflns.pdbx_absDiff_over_sigma_anomalous              ? 
_reflns.pdbx_percent_possible_anomalous                ? 
_reflns.pdbx_observed_signal_threshold                 ? 
_reflns.pdbx_signal_type                               ? 
_reflns.pdbx_signal_details                            ? 
_reflns.pdbx_signal_software_id                        ? 
# 
_reflns_shell.d_res_high                                    1.74 
_reflns_shell.d_res_low                                     1.79 
_reflns_shell.meanI_over_sigI_all                           ? 
_reflns_shell.meanI_over_sigI_obs                           ? 
_reflns_shell.number_measured_all                           ? 
_reflns_shell.number_measured_obs                           ? 
_reflns_shell.number_possible                               ? 
_reflns_shell.number_unique_all                             ? 
_reflns_shell.number_unique_obs                             1522 
_reflns_shell.percent_possible_obs                          ? 
_reflns_shell.Rmerge_F_all                                  ? 
_reflns_shell.Rmerge_F_obs                                  ? 
_reflns_shell.meanI_over_sigI_gt                            ? 
_reflns_shell.meanI_over_uI_all                             ? 
_reflns_shell.meanI_over_uI_gt                              ? 
_reflns_shell.number_measured_gt                            ? 
_reflns_shell.number_unique_gt                              ? 
_reflns_shell.percent_possible_gt                           ? 
_reflns_shell.Rmerge_F_gt                                   ? 
_reflns_shell.Rmerge_I_gt                                   ? 
_reflns_shell.pdbx_redundancy                               ? 
_reflns_shell.pdbx_chi_squared                              ? 
_reflns_shell.pdbx_netI_over_sigmaI_all                     ? 
_reflns_shell.pdbx_netI_over_sigmaI_obs                     ? 
_reflns_shell.pdbx_Rrim_I_all                               ? 
_reflns_shell.pdbx_Rpim_I_all                               ? 
_reflns_shell.pdbx_rejects                                  ? 
_reflns_shell.pdbx_ordinal                                  1 
_reflns_shell.pdbx_diffrn_id                                1 
_reflns_shell.pdbx_CC_half                                  ? 
_reflns_shell.pdbx_CC_star                                  ? 
_reflns_shell.pdbx_R_split                                  ? 
_reflns_shell.percent_possible_all                          ? 
_reflns_shell.Rmerge_I_all                                  ? 
_reflns_shell.Rmerge_I_obs                                  0.746 
_reflns_shell.pdbx_Rsym_value                               ? 
_reflns_shell.pdbx_percent_possible_ellipsoidal             ? 
_reflns_shell.pdbx_percent_possible_spherical               ? 
_reflns_shell.pdbx_percent_possible_ellipsoidal_anomalous   ? 
_reflns_shell.pdbx_percent_possible_spherical_anomalous     ? 
_reflns_shell.pdbx_redundancy_anomalous                     ? 
_reflns_shell.pdbx_CC_half_anomalous                        ? 
_reflns_shell.pdbx_absDiff_over_sigma_anomalous             ? 
_reflns_shell.pdbx_percent_possible_anomalous               ? 
# 
_refine.aniso_B[1][1]                            0.007 
_refine.aniso_B[1][2]                            0.003 
_refine.aniso_B[1][3]                            -0.000 
_refine.aniso_B[2][2]                            0.007 
_refine.aniso_B[2][3]                            -0.000 
_refine.aniso_B[3][3]                            -0.021 
_refine.B_iso_max                                ? 
_refine.B_iso_mean                               39.680 
_refine.B_iso_min                                ? 
_refine.correlation_coeff_Fo_to_Fc               0.961 
_refine.correlation_coeff_Fo_to_Fc_free          0.961 
_refine.details                                  'Hydrogens have not been used' 
_refine.diff_density_max                         ? 
_refine.diff_density_max_esd                     ? 
_refine.diff_density_min                         ? 
_refine.diff_density_min_esd                     ? 
_refine.diff_density_rms                         ? 
_refine.diff_density_rms_esd                     ? 
_refine.entry_id                                 9H44 
_refine.pdbx_refine_id                           'X-RAY DIFFRACTION' 
_refine.ls_abs_structure_details                 ? 
_refine.ls_abs_structure_Flack                   ? 
_refine.ls_abs_structure_Flack_esd               ? 
_refine.ls_abs_structure_Rogers                  ? 
_refine.ls_abs_structure_Rogers_esd              ? 
_refine.ls_d_res_high                            1.740 
_refine.ls_d_res_low                             32.308 
_refine.ls_extinction_coef                       ? 
_refine.ls_extinction_coef_esd                   ? 
_refine.ls_extinction_expression                 ? 
_refine.ls_extinction_method                     ? 
_refine.ls_goodness_of_fit_all                   ? 
_refine.ls_goodness_of_fit_all_esd               ? 
_refine.ls_goodness_of_fit_obs                   ? 
_refine.ls_goodness_of_fit_obs_esd               ? 
_refine.ls_hydrogen_treatment                    ? 
_refine.ls_matrix_type                           ? 
_refine.ls_number_constraints                    ? 
_refine.ls_number_parameters                     ? 
_refine.ls_number_reflns_all                     ? 
_refine.ls_number_reflns_obs                     21920 
_refine.ls_number_reflns_R_free                  1107 
_refine.ls_number_reflns_R_work                  20813 
_refine.ls_number_restraints                     ? 
_refine.ls_percent_reflns_obs                    99.257 
_refine.ls_percent_reflns_R_free                 5.050 
_refine.ls_R_factor_all                          0.204 
_refine.ls_R_factor_obs                          ? 
_refine.ls_R_factor_R_free                       0.2251 
_refine.ls_R_factor_R_free_error                 ? 
_refine.ls_R_factor_R_free_error_details         ? 
_refine.ls_R_factor_R_work                       0.2030 
_refine.ls_R_Fsqd_factor_obs                     ? 
_refine.ls_R_I_factor_obs                        ? 
_refine.ls_redundancy_reflns_all                 ? 
_refine.ls_redundancy_reflns_obs                 ? 
_refine.ls_restrained_S_all                      ? 
_refine.ls_restrained_S_obs                      ? 
_refine.ls_shift_over_esd_max                    ? 
_refine.ls_shift_over_esd_mean                   ? 
_refine.ls_structure_factor_coef                 ? 
_refine.ls_weighting_details                     ? 
_refine.ls_weighting_scheme                      ? 
_refine.ls_wR_factor_all                         ? 
_refine.ls_wR_factor_obs                         ? 
_refine.ls_wR_factor_R_free                      ? 
_refine.ls_wR_factor_R_work                      ? 
_refine.occupancy_max                            ? 
_refine.occupancy_min                            ? 
_refine.solvent_model_details                    'MASK BULK SOLVENT' 
_refine.solvent_model_param_bsol                 ? 
_refine.solvent_model_param_ksol                 ? 
_refine.pdbx_R_complete                          ? 
_refine.ls_R_factor_gt                           ? 
_refine.ls_goodness_of_fit_gt                    ? 
_refine.ls_goodness_of_fit_ref                   ? 
_refine.ls_shift_over_su_max                     ? 
_refine.ls_shift_over_su_max_lt                  ? 
_refine.ls_shift_over_su_mean                    ? 
_refine.ls_shift_over_su_mean_lt                 ? 
_refine.pdbx_ls_sigma_I                          ? 
_refine.pdbx_ls_sigma_F                          ? 
_refine.pdbx_ls_sigma_Fsqd                       ? 
_refine.pdbx_data_cutoff_high_absF               ? 
_refine.pdbx_data_cutoff_high_rms_absF           ? 
_refine.pdbx_data_cutoff_low_absF                ? 
_refine.pdbx_isotropic_thermal_model             ? 
_refine.pdbx_ls_cross_valid_method               'FREE R-VALUE' 
_refine.pdbx_method_to_determine_struct          'MOLECULAR REPLACEMENT' 
_refine.pdbx_starting_model                      ? 
_refine.pdbx_stereochemistry_target_values       ? 
_refine.pdbx_R_Free_selection_details            ? 
_refine.pdbx_stereochem_target_val_spec_case     ? 
_refine.pdbx_overall_ESU_R                       0.099 
_refine.pdbx_overall_ESU_R_Free                  0.096 
_refine.pdbx_solvent_vdw_probe_radii             1.200 
_refine.pdbx_solvent_ion_probe_radii             0.800 
_refine.pdbx_solvent_shrinkage_radii             0.800 
_refine.pdbx_real_space_R                        ? 
_refine.pdbx_density_correlation                 ? 
_refine.pdbx_pd_number_of_powder_patterns        ? 
_refine.pdbx_pd_number_of_points                 ? 
_refine.pdbx_pd_meas_number_of_points            ? 
_refine.pdbx_pd_proc_ls_prof_R_factor            ? 
_refine.pdbx_pd_proc_ls_prof_wR_factor           ? 
_refine.pdbx_pd_Marquardt_correlation_coeff      ? 
_refine.pdbx_pd_Fsqrd_R_factor                   ? 
_refine.pdbx_pd_ls_matrix_band_width             ? 
_refine.pdbx_overall_phase_error                 ? 
_refine.pdbx_overall_SU_R_free_Cruickshank_DPI   ? 
_refine.pdbx_overall_SU_R_free_Blow_DPI          ? 
_refine.pdbx_overall_SU_R_Blow_DPI               ? 
_refine.pdbx_TLS_residual_ADP_flag               ? 
_refine.pdbx_diffrn_id                           1 
_refine.overall_SU_B                             2.438 
_refine.overall_SU_ML                            0.076 
_refine.overall_SU_R_Cruickshank_DPI             ? 
_refine.overall_SU_R_free                        ? 
_refine.overall_FOM_free_R_set                   ? 
_refine.overall_FOM_work_R_set                   ? 
_refine.pdbx_average_fsc_overall                 ? 
_refine.pdbx_average_fsc_work                    ? 
_refine.pdbx_average_fsc_free                    ? 
# 
_refine_hist.pdbx_refine_id                   'X-RAY DIFFRACTION' 
_refine_hist.cycle_id                         LAST 
_refine_hist.details                          ? 
_refine_hist.d_res_high                       1.740 
_refine_hist.d_res_low                        32.308 
_refine_hist.number_atoms_solvent             106 
_refine_hist.number_atoms_total               1135 
_refine_hist.number_reflns_all                ? 
_refine_hist.number_reflns_obs                ? 
_refine_hist.number_reflns_R_free             ? 
_refine_hist.number_reflns_R_work             ? 
_refine_hist.R_factor_all                     ? 
_refine_hist.R_factor_obs                     ? 
_refine_hist.R_factor_R_free                  ? 
_refine_hist.R_factor_R_work                  ? 
_refine_hist.pdbx_number_residues_total       ? 
_refine_hist.pdbx_B_iso_mean_ligand           ? 
_refine_hist.pdbx_B_iso_mean_solvent          ? 
_refine_hist.pdbx_number_atoms_protein        1010 
_refine_hist.pdbx_number_atoms_nucleic_acid   0 
_refine_hist.pdbx_number_atoms_ligand         19 
_refine_hist.pdbx_number_atoms_lipid          ? 
_refine_hist.pdbx_number_atoms_carb           ? 
_refine_hist.pdbx_pseudo_atom_details         ? 
# 
loop_
_refine_ls_restr.pdbx_refine_id 
_refine_ls_restr.criterion 
_refine_ls_restr.dev_ideal 
_refine_ls_restr.dev_ideal_target 
_refine_ls_restr.number 
_refine_ls_restr.rejects 
_refine_ls_restr.type 
_refine_ls_restr.weight 
_refine_ls_restr.pdbx_restraint_function 
'X-RAY DIFFRACTION' ? 0.010  0.012  1131 ? r_bond_refined_d               ? ? 
'X-RAY DIFFRACTION' ? 2.048  1.829  1537 ? r_angle_refined_deg            ? ? 
'X-RAY DIFFRACTION' ? 6.632  5.000  145  ? r_dihedral_angle_1_deg         ? ? 
'X-RAY DIFFRACTION' ? 7.558  5.000  10   ? r_dihedral_angle_2_deg         ? ? 
'X-RAY DIFFRACTION' ? 12.026 10.000 192  ? r_dihedral_angle_3_deg         ? ? 
'X-RAY DIFFRACTION' ? 15.020 10.000 56   ? r_dihedral_angle_6_deg         ? ? 
'X-RAY DIFFRACTION' ? 0.147  0.200  164  ? r_chiral_restr                 ? ? 
'X-RAY DIFFRACTION' ? 0.010  0.020  878  ? r_gen_planes_refined           ? ? 
'X-RAY DIFFRACTION' ? 0.282  0.200  459  ? r_nbd_refined                  ? ? 
'X-RAY DIFFRACTION' ? 0.318  0.200  758  ? r_nbtor_refined                ? ? 
'X-RAY DIFFRACTION' ? 0.227  0.200  99   ? r_xyhbond_nbd_refined          ? ? 
'X-RAY DIFFRACTION' ? 0.636  0.200  107  ? r_symmetry_nbd_refined         ? ? 
'X-RAY DIFFRACTION' ? 0.383  0.200  21   ? r_symmetry_xyhbond_nbd_refined ? ? 
'X-RAY DIFFRACTION' ? 3.869  3.519  556  ? r_mcbond_it                    ? ? 
'X-RAY DIFFRACTION' ? 4.940  6.254  709  ? r_mcangle_it                   ? ? 
'X-RAY DIFFRACTION' ? 5.512  4.163  575  ? r_scbond_it                    ? ? 
'X-RAY DIFFRACTION' ? 7.609  7.301  828  ? r_scangle_it                   ? ? 
'X-RAY DIFFRACTION' ? 13.350 42.085 1745 ? r_lrange_it                    ? ? 
# 
loop_
_refine_ls_shell.pdbx_refine_id 
_refine_ls_shell.d_res_high 
_refine_ls_shell.d_res_low 
_refine_ls_shell.number_reflns_all 
_refine_ls_shell.number_reflns_obs 
_refine_ls_shell.number_reflns_R_free 
_refine_ls_shell.number_reflns_R_work 
_refine_ls_shell.percent_reflns_obs 
_refine_ls_shell.percent_reflns_R_free 
_refine_ls_shell.R_factor_all 
_refine_ls_shell.R_factor_obs 
_refine_ls_shell.R_factor_R_free_error 
_refine_ls_shell.R_factor_R_work 
_refine_ls_shell.redundancy_reflns_all 
_refine_ls_shell.redundancy_reflns_obs 
_refine_ls_shell.wR_factor_all 
_refine_ls_shell.wR_factor_obs 
_refine_ls_shell.wR_factor_R_free 
_refine_ls_shell.wR_factor_R_work 
_refine_ls_shell.pdbx_R_complete 
_refine_ls_shell.pdbx_total_number_of_bins_used 
_refine_ls_shell.pdbx_phase_error 
_refine_ls_shell.pdbx_fsc_work 
_refine_ls_shell.pdbx_fsc_free 
_refine_ls_shell.R_factor_R_free 
'X-RAY DIFFRACTION' 1.740 1.785  1619 . 78 1439 93.6998  . 0.334 . . 0.335 . . . . . 0.321 . 20 . 0.930 0.927 0.328 
'X-RAY DIFFRACTION' 1.785 1.834  1552 . 78 1433 97.3582  . 0.294 . . 0.295 . . . . . 0.269 . 20 . 0.944 0.947 0.290 
'X-RAY DIFFRACTION' 1.834 1.887  1518 . 83 1428 99.5389  . 0.253 . . 0.251 . . . . . 0.218 . 20 . 0.959 0.953 0.284 
'X-RAY DIFFRACTION' 1.887 1.945  1473 . 64 1406 99.7963  . 0.236 . . 0.234 . . . . . 0.204 . 20 . 0.964 0.954 0.263 
'X-RAY DIFFRACTION' 1.945 2.008  1457 . 75 1381 99.9314  . 0.226 . . 0.226 . . . . . 0.199 . 20 . 0.966 0.971 0.229 
'X-RAY DIFFRACTION' 2.008 2.078  1385 . 81 1304 100.0000 . 0.222 . . 0.221 . . . . . 0.197 . 20 . 0.970 0.963 0.236 
'X-RAY DIFFRACTION' 2.078 2.157  1354 . 79 1275 100.0000 . 0.209 . . 0.206 . . . . . 0.189 . 20 . 0.974 0.963 0.249 
'X-RAY DIFFRACTION' 2.157 2.244  1310 . 64 1246 100.0000 . 0.204 . . 0.203 . . . . . 0.186 . 20 . 0.974 0.969 0.225 
'X-RAY DIFFRACTION' 2.244 2.344  1228 . 69 1158 99.9186  . 0.206 . . 0.205 . . . . . 0.193 . 20 . 0.973 0.965 0.235 
'X-RAY DIFFRACTION' 2.344 2.457  1212 . 53 1159 100.0000 . 0.213 . . 0.211 . . . . . 0.203 . 20 . 0.972 0.964 0.261 
'X-RAY DIFFRACTION' 2.457 2.589  1136 . 52 1084 100.0000 . 0.206 . . 0.205 . . . . . 0.200 . 20 . 0.973 0.966 0.213 
'X-RAY DIFFRACTION' 2.589 2.745  1070 . 75 994  99.9065  . 0.210 . . 0.207 . . . . . 0.211 . 20 . 0.973 0.961 0.253 
'X-RAY DIFFRACTION' 2.745 2.933  1016 . 41 975  100.0000 . 0.213 . . 0.211 . . . . . 0.221 . 20 . 0.972 0.956 0.257 
'X-RAY DIFFRACTION' 2.933 3.166  960  . 46 913  99.8958  . 0.212 . . 0.209 . . . . . 0.228 . 20 . 0.971 0.962 0.273 
'X-RAY DIFFRACTION' 3.166 3.465  864  . 36 828  100.0000 . 0.206 . . 0.204 . . . . . 0.230 . 20 . 0.973 0.971 0.245 
'X-RAY DIFFRACTION' 3.465 3.869  817  . 42 775  100.0000 . 0.199 . . 0.199 . . . . . 0.227 . 20 . 0.978 0.979 0.188 
'X-RAY DIFFRACTION' 3.869 4.456  701  . 32 669  100.0000 . 0.153 . . 0.151 . . . . . 0.185 . 20 . 0.986 0.982 0.186 
'X-RAY DIFFRACTION' 4.456 5.432  618  . 25 593  100.0000 . 0.161 . . 0.162 . . . . . 0.209 . 20 . 0.985 0.987 0.150 
'X-RAY DIFFRACTION' 5.432 7.576  485  . 25 460  100.0000 . 0.234 . . 0.232 . . . . . 0.287 . 20 . 0.969 0.957 0.268 
'X-RAY DIFFRACTION' 7.576 32.308 302  . 9  293  100.0000 . 0.214 . . 0.217 . . . . . 0.296 . 20 . 0.968 0.989 0.135 
# 
_struct.entry_id                     9H44 
_struct.title                        
'Jumonji domain-containing protein 2B with crown ether and crystallization epitope mutations L916G:R917A:A918D' 
_struct.pdbx_model_details           ? 
_struct.pdbx_formula_weight          ? 
_struct.pdbx_formula_weight_method   ? 
_struct.pdbx_model_type_details      ? 
_struct.pdbx_CASP_flag               N 
# 
_struct_keywords.entry_id        9H44 
_struct_keywords.text            'crystal epitopes, Structural Genomics, Structural Genomics Consortium, SGC, OXIDOREDUCTASE' 
_struct_keywords.pdbx_keywords   OXIDOREDUCTASE 
# 
loop_
_struct_asym.id 
_struct_asym.pdbx_blank_PDB_chainid_flag 
_struct_asym.pdbx_modified 
_struct_asym.entity_id 
_struct_asym.details 
A N N 1 ? 
B N N 2 ? 
C N N 3 ? 
D N N 4 ? 
# 
_struct_ref.id                         1 
_struct_ref.db_name                    UNP 
_struct_ref.db_code                    KDM4B_HUMAN 
_struct_ref.pdbx_db_accession          O94953 
_struct_ref.pdbx_db_isoform            ? 
_struct_ref.entity_id                  1 
_struct_ref.pdbx_seq_one_letter_code   
;LLRAVSLGQVVITKNRNGLYYRCRVIGAASQTCYEVNFDDGSYSDNLYPESITSRDCVQLGPPSEGELVELRWTDGNLYK
AKFISSVTSHIYQVEFEDGSQLTVKRGDIFTLEEELPKRVRSRLSLSTGA
;
_struct_ref.pdbx_align_begin           915 
# 
_struct_ref_seq.align_id                      1 
_struct_ref_seq.ref_id                        1 
_struct_ref_seq.pdbx_PDB_id_code              9H44 
_struct_ref_seq.pdbx_strand_id                A 
_struct_ref_seq.seq_align_beg                 3 
_struct_ref_seq.pdbx_seq_align_beg_ins_code   ? 
_struct_ref_seq.seq_align_end                 132 
_struct_ref_seq.pdbx_seq_align_end_ins_code   ? 
_struct_ref_seq.pdbx_db_accession             O94953 
_struct_ref_seq.db_align_beg                  915 
_struct_ref_seq.pdbx_db_align_beg_ins_code    ? 
_struct_ref_seq.db_align_end                  1044 
_struct_ref_seq.pdbx_db_align_end_ins_code    ? 
_struct_ref_seq.pdbx_auth_seq_align_beg       915 
_struct_ref_seq.pdbx_auth_seq_align_end       1044 
# 
loop_
_struct_ref_seq_dif.align_id 
_struct_ref_seq_dif.pdbx_pdb_id_code 
_struct_ref_seq_dif.mon_id 
_struct_ref_seq_dif.pdbx_pdb_strand_id 
_struct_ref_seq_dif.seq_num 
_struct_ref_seq_dif.pdbx_pdb_ins_code 
_struct_ref_seq_dif.pdbx_seq_db_name 
_struct_ref_seq_dif.pdbx_seq_db_accession_code 
_struct_ref_seq_dif.db_mon_id 
_struct_ref_seq_dif.pdbx_seq_db_seq_num 
_struct_ref_seq_dif.details 
_struct_ref_seq_dif.pdbx_auth_seq_num 
_struct_ref_seq_dif.pdbx_ordinal 
1 9H44 SER A 1 ? UNP O94953 ?   ?   'expression tag'      913 1 
1 9H44 MET A 2 ? UNP O94953 ?   ?   'expression tag'      914 2 
1 9H44 GLY A 4 ? UNP O94953 LEU 916 'engineered mutation' 916 3 
1 9H44 ALA A 5 ? UNP O94953 ARG 917 'engineered mutation' 917 4 
1 9H44 ASP A 6 ? UNP O94953 ALA 918 'engineered mutation' 918 5 
# 
loop_
_pdbx_struct_assembly.id 
_pdbx_struct_assembly.details 
_pdbx_struct_assembly.method_details 
_pdbx_struct_assembly.oligomeric_details 
_pdbx_struct_assembly.oligomeric_count 
1 author_defined_assembly   ?    monomeric 1 
2 software_defined_assembly PISA dimeric   2 
# 
loop_
_pdbx_struct_assembly_prop.biol_id 
_pdbx_struct_assembly_prop.type 
_pdbx_struct_assembly_prop.value 
_pdbx_struct_assembly_prop.details 
1 'ABSA (A^2)' 100   ? 
1 MORE         -8    ? 
1 'SSA (A^2)'  8280  ? 
2 'ABSA (A^2)' 1340  ? 
2 MORE         -43   ? 
2 'SSA (A^2)'  15430 ? 
# 
loop_
_pdbx_struct_assembly_gen.assembly_id 
_pdbx_struct_assembly_gen.oper_expression 
_pdbx_struct_assembly_gen.asym_id_list 
1 1   A,B,C,D 
2 1,2 A,B,C,D 
# 
_pdbx_struct_assembly_auth_evidence.id                     1 
_pdbx_struct_assembly_auth_evidence.assembly_id            1 
_pdbx_struct_assembly_auth_evidence.experimental_support   'gel filtration' 
_pdbx_struct_assembly_auth_evidence.details                ? 
# 
loop_
_pdbx_struct_oper_list.id 
_pdbx_struct_oper_list.type 
_pdbx_struct_oper_list.name 
_pdbx_struct_oper_list.symmetry_operation 
_pdbx_struct_oper_list.matrix[1][1] 
_pdbx_struct_oper_list.matrix[1][2] 
_pdbx_struct_oper_list.matrix[1][3] 
_pdbx_struct_oper_list.vector[1] 
_pdbx_struct_oper_list.matrix[2][1] 
_pdbx_struct_oper_list.matrix[2][2] 
_pdbx_struct_oper_list.matrix[2][3] 
_pdbx_struct_oper_list.vector[2] 
_pdbx_struct_oper_list.matrix[3][1] 
_pdbx_struct_oper_list.matrix[3][2] 
_pdbx_struct_oper_list.matrix[3][3] 
_pdbx_struct_oper_list.vector[3] 
1 'identity operation'         1_555  x,y,z                  1.0000000000 0.0000000000  0.0000000000  0.0000000000  0.0000000000  1.0000000000  0.0000000000 0.0000000000  0.0000000000  0.0000000000 1.0000000000  0.0000000000   
2 'crystal symmetry operation' 12_557 -x+2/3,-x+y+1/3,-z+7/3 0.3279634334 -0.8982575156 -0.2925293524 11.9005884009 -0.8982575156 -0.3924030255 0.1978719314 21.4001094148 -0.2925293524 0.1978719314 -0.9355604079 -11.6886146847 
# 
loop_
_struct_conf.conf_type_id 
_struct_conf.id 
_struct_conf.pdbx_PDB_helix_id 
_struct_conf.beg_label_comp_id 
_struct_conf.beg_label_asym_id 
_struct_conf.beg_label_seq_id 
_struct_conf.pdbx_beg_PDB_ins_code 
_struct_conf.end_label_comp_id 
_struct_conf.end_label_asym_id 
_struct_conf.end_label_seq_id 
_struct_conf.pdbx_end_PDB_ins_code 
_struct_conf.beg_auth_comp_id 
_struct_conf.beg_auth_asym_id 
_struct_conf.beg_auth_seq_id 
_struct_conf.end_auth_comp_id 
_struct_conf.end_auth_asym_id 
_struct_conf.end_auth_seq_id 
_struct_conf.pdbx_PDB_helix_class 
_struct_conf.details 
_struct_conf.pdbx_PDB_helix_length 
HELX_P HELX_P1 AA1 TYR A 50  ? ILE A 54  ? TYR A 962  ILE A 966  5 ? 5 
HELX_P HELX_P2 AA2 ASP A 58  ? GLY A 63  ? ASP A 970  GLY A 975  1 ? 6 
HELX_P HELX_P3 AA3 GLY A 109 ? ILE A 111 ? GLY A 1021 ILE A 1023 5 ? 3 
HELX_P HELX_P4 AA4 PRO A 119 ? SER A 124 ? PRO A 1031 SER A 1036 1 ? 6 
# 
_struct_conf_type.id          HELX_P 
_struct_conf_type.criteria    ? 
_struct_conf_type.reference   ? 
# 
loop_
_struct_sheet.id 
_struct_sheet.type 
_struct_sheet.number_strands 
_struct_sheet.details 
AA1 ? 4 ? 
AA2 ? 4 ? 
# 
loop_
_struct_sheet_order.sheet_id 
_struct_sheet_order.range_id_1 
_struct_sheet_order.range_id_2 
_struct_sheet_order.offset 
_struct_sheet_order.sense 
AA1 1 2 ? anti-parallel 
AA1 2 3 ? anti-parallel 
AA1 3 4 ? anti-parallel 
AA2 1 2 ? anti-parallel 
AA2 2 3 ? anti-parallel 
AA2 3 4 ? anti-parallel 
# 
loop_
_struct_sheet_range.sheet_id 
_struct_sheet_range.id 
_struct_sheet_range.beg_label_comp_id 
_struct_sheet_range.beg_label_asym_id 
_struct_sheet_range.beg_label_seq_id 
_struct_sheet_range.pdbx_beg_PDB_ins_code 
_struct_sheet_range.end_label_comp_id 
_struct_sheet_range.end_label_asym_id 
_struct_sheet_range.end_label_seq_id 
_struct_sheet_range.pdbx_end_PDB_ins_code 
_struct_sheet_range.beg_auth_comp_id 
_struct_sheet_range.beg_auth_asym_id 
_struct_sheet_range.beg_auth_seq_id 
_struct_sheet_range.end_auth_comp_id 
_struct_sheet_range.end_auth_asym_id 
_struct_sheet_range.end_auth_seq_id 
AA1 1 VAL A 12  ? LYS A 16  ? VAL A 924  LYS A 928  
AA1 2 TYR A 22  ? PHE A 40  ? TYR A 934  PHE A 952  
AA1 3 LEU A 80  ? GLU A 97  ? LEU A 992  GLU A 1009 
AA1 4 LEU A 70  ? ARG A 74  ? LEU A 982  ARG A 986  
AA2 1 TYR A 45  ? LEU A 49  ? TYR A 957  LEU A 961  
AA2 2 TYR A 22  ? PHE A 40  ? TYR A 934  PHE A 952  
AA2 3 LEU A 80  ? GLU A 97  ? LEU A 992  GLU A 1009 
AA2 4 GLN A 103 ? LYS A 107 ? GLN A 1015 LYS A 1019 
# 
loop_
_pdbx_struct_sheet_hbond.sheet_id 
_pdbx_struct_sheet_hbond.range_id_1 
_pdbx_struct_sheet_hbond.range_id_2 
_pdbx_struct_sheet_hbond.range_1_label_atom_id 
_pdbx_struct_sheet_hbond.range_1_label_comp_id 
_pdbx_struct_sheet_hbond.range_1_label_asym_id 
_pdbx_struct_sheet_hbond.range_1_label_seq_id 
_pdbx_struct_sheet_hbond.range_1_PDB_ins_code 
_pdbx_struct_sheet_hbond.range_1_auth_atom_id 
_pdbx_struct_sheet_hbond.range_1_auth_comp_id 
_pdbx_struct_sheet_hbond.range_1_auth_asym_id 
_pdbx_struct_sheet_hbond.range_1_auth_seq_id 
_pdbx_struct_sheet_hbond.range_2_label_atom_id 
_pdbx_struct_sheet_hbond.range_2_label_comp_id 
_pdbx_struct_sheet_hbond.range_2_label_asym_id 
_pdbx_struct_sheet_hbond.range_2_label_seq_id 
_pdbx_struct_sheet_hbond.range_2_PDB_ins_code 
_pdbx_struct_sheet_hbond.range_2_auth_atom_id 
_pdbx_struct_sheet_hbond.range_2_auth_comp_id 
_pdbx_struct_sheet_hbond.range_2_auth_asym_id 
_pdbx_struct_sheet_hbond.range_2_auth_seq_id 
AA1 1 2 N VAL A 13 ? N VAL A 925  O CYS A 25  ? O CYS A 937  
AA1 2 3 N GLU A 37 ? N GLU A 949  O ILE A 86  ? O ILE A 998  
AA1 3 4 O ALA A 83 ? O ALA A 995  N VAL A 71  ? N VAL A 983  
AA2 1 2 O LEU A 49 ? O LEU A 961  N TYR A 36  ? N TYR A 948  
AA2 2 3 N GLU A 37 ? N GLU A 949  O ILE A 86  ? O ILE A 998  
AA2 3 4 N TYR A 94 ? N TYR A 1006 O VAL A 106 ? O VAL A 1018 
# 
_pdbx_entry_details.entry_id                   9H44 
_pdbx_entry_details.has_ligand_of_interest     N 
_pdbx_entry_details.compound_details           ? 
_pdbx_entry_details.source_details             ? 
_pdbx_entry_details.nonpolymer_details         ? 
_pdbx_entry_details.sequence_details           ? 
_pdbx_entry_details.has_protein_modification   N 
# 
loop_
_pdbx_validate_close_contact.id 
_pdbx_validate_close_contact.PDB_model_num 
_pdbx_validate_close_contact.auth_atom_id_1 
_pdbx_validate_close_contact.auth_asym_id_1 
_pdbx_validate_close_contact.auth_comp_id_1 
_pdbx_validate_close_contact.auth_seq_id_1 
_pdbx_validate_close_contact.PDB_ins_code_1 
_pdbx_validate_close_contact.label_alt_id_1 
_pdbx_validate_close_contact.auth_atom_id_2 
_pdbx_validate_close_contact.auth_asym_id_2 
_pdbx_validate_close_contact.auth_comp_id_2 
_pdbx_validate_close_contact.auth_seq_id_2 
_pdbx_validate_close_contact.PDB_ins_code_2 
_pdbx_validate_close_contact.label_alt_id_2 
_pdbx_validate_close_contact.dist 
1  1 OAM A O4B 1101 ? ? O   A HOH 1201 ? ? 1.56 
2  1 OD2 A ASP 954  ? ? CAC A O4B 1101 ? ? 1.83 
3  1 OD2 A ASP 954  ? ? CAD A O4B 1101 ? ? 1.87 
4  1 O   A HOH 1294 ? ? O   A HOH 1300 ? ? 1.89 
5  1 CAD A O4B 1101 ? ? O   A HOH 1201 ? ? 1.98 
6  1 CAC A O4B 1101 ? ? O   A HOH 1201 ? ? 2.09 
7  1 O   A HOH 1224 ? ? O   A HOH 1286 ? ? 2.10 
8  1 O   A HOH 1210 ? ? O   A HOH 1297 ? ? 2.15 
9  1 O   A HOH 1298 ? ? O   A HOH 1303 ? ? 2.16 
10 1 OAO A O4B 1101 ? ? O   A HOH 1202 ? ? 2.19 
# 
loop_
_pdbx_validate_symm_contact.id 
_pdbx_validate_symm_contact.PDB_model_num 
_pdbx_validate_symm_contact.auth_atom_id_1 
_pdbx_validate_symm_contact.auth_asym_id_1 
_pdbx_validate_symm_contact.auth_comp_id_1 
_pdbx_validate_symm_contact.auth_seq_id_1 
_pdbx_validate_symm_contact.PDB_ins_code_1 
_pdbx_validate_symm_contact.label_alt_id_1 
_pdbx_validate_symm_contact.site_symmetry_1 
_pdbx_validate_symm_contact.auth_atom_id_2 
_pdbx_validate_symm_contact.auth_asym_id_2 
_pdbx_validate_symm_contact.auth_comp_id_2 
_pdbx_validate_symm_contact.auth_seq_id_2 
_pdbx_validate_symm_contact.PDB_ins_code_2 
_pdbx_validate_symm_contact.label_alt_id_2 
_pdbx_validate_symm_contact.site_symmetry_2 
_pdbx_validate_symm_contact.dist 
1 1 NH1 A ARG 930  ? ? 1_555 N  A SER 1014 ? ? 3_555  0.79 
2 1 NH2 A ARG 930  ? ? 1_555 O  A GLY 1013 ? ? 3_555  1.27 
3 1 NH1 A ARG 930  ? ? 1_555 C  A GLY 1013 ? ? 3_555  1.41 
4 1 NH1 A ARG 930  ? ? 1_555 CA A SER 1014 ? ? 3_555  1.69 
5 1 CZ  A ARG 930  ? ? 1_555 C  A GLY 1013 ? ? 3_555  1.81 
6 1 CZ  A ARG 930  ? ? 1_555 O  A GLY 1013 ? ? 3_555  1.95 
7 1 CZ  A ARG 930  ? ? 1_555 N  A SER 1014 ? ? 3_555  2.02 
8 1 NH2 A ARG 930  ? ? 1_555 C  A GLY 1013 ? ? 3_555  2.02 
9 1 O   A HOH 1217 ? ? 1_555 O  A HOH 1242 ? ? 12_557 2.19 
# 
_pdbx_validate_rmsd_angle.id                         1 
_pdbx_validate_rmsd_angle.PDB_model_num              1 
_pdbx_validate_rmsd_angle.auth_atom_id_1             NE 
_pdbx_validate_rmsd_angle.auth_asym_id_1             A 
_pdbx_validate_rmsd_angle.auth_comp_id_1             ARG 
_pdbx_validate_rmsd_angle.auth_seq_id_1              986 
_pdbx_validate_rmsd_angle.PDB_ins_code_1             ? 
_pdbx_validate_rmsd_angle.label_alt_id_1             ? 
_pdbx_validate_rmsd_angle.auth_atom_id_2             CZ 
_pdbx_validate_rmsd_angle.auth_asym_id_2             A 
_pdbx_validate_rmsd_angle.auth_comp_id_2             ARG 
_pdbx_validate_rmsd_angle.auth_seq_id_2              986 
_pdbx_validate_rmsd_angle.PDB_ins_code_2             ? 
_pdbx_validate_rmsd_angle.label_alt_id_2             ? 
_pdbx_validate_rmsd_angle.auth_atom_id_3             NH1 
_pdbx_validate_rmsd_angle.auth_asym_id_3             A 
_pdbx_validate_rmsd_angle.auth_comp_id_3             ARG 
_pdbx_validate_rmsd_angle.auth_seq_id_3              986 
_pdbx_validate_rmsd_angle.PDB_ins_code_3             ? 
_pdbx_validate_rmsd_angle.label_alt_id_3             ? 
_pdbx_validate_rmsd_angle.angle_value                124.12 
_pdbx_validate_rmsd_angle.angle_target_value         120.30 
_pdbx_validate_rmsd_angle.angle_deviation            3.82 
_pdbx_validate_rmsd_angle.angle_standard_deviation   0.50 
_pdbx_validate_rmsd_angle.linker_flag                N 
# 
_pdbx_validate_torsion.id              1 
_pdbx_validate_torsion.PDB_model_num   1 
_pdbx_validate_torsion.auth_comp_id    PRO 
_pdbx_validate_torsion.auth_asym_id    A 
_pdbx_validate_torsion.auth_seq_id     1031 
_pdbx_validate_torsion.PDB_ins_code    ? 
_pdbx_validate_torsion.label_alt_id    ? 
_pdbx_validate_torsion.phi             -46.88 
_pdbx_validate_torsion.psi             152.14 
# 
_pdbx_SG_project.id                    1 
_pdbx_SG_project.project_name          ? 
_pdbx_SG_project.full_name_of_center   'Structural Genomics Consortium' 
_pdbx_SG_project.initial_of_center     SGC 
# 
loop_
_pdbx_struct_special_symmetry.id 
_pdbx_struct_special_symmetry.PDB_model_num 
_pdbx_struct_special_symmetry.auth_asym_id 
_pdbx_struct_special_symmetry.auth_comp_id 
_pdbx_struct_special_symmetry.auth_seq_id 
_pdbx_struct_special_symmetry.PDB_ins_code 
_pdbx_struct_special_symmetry.label_asym_id 
_pdbx_struct_special_symmetry.label_comp_id 
_pdbx_struct_special_symmetry.label_seq_id 
1 1 A TYR 957  ? A TYR 45 
2 1 A HOH 1270 ? D HOH .  
# 
loop_
_pdbx_unobs_or_zero_occ_residues.id 
_pdbx_unobs_or_zero_occ_residues.PDB_model_num 
_pdbx_unobs_or_zero_occ_residues.polymer_flag 
_pdbx_unobs_or_zero_occ_residues.occupancy_flag 
_pdbx_unobs_or_zero_occ_residues.auth_asym_id 
_pdbx_unobs_or_zero_occ_residues.auth_comp_id 
_pdbx_unobs_or_zero_occ_residues.auth_seq_id 
_pdbx_unobs_or_zero_occ_residues.PDB_ins_code 
_pdbx_unobs_or_zero_occ_residues.label_asym_id 
_pdbx_unobs_or_zero_occ_residues.label_comp_id 
_pdbx_unobs_or_zero_occ_residues.label_seq_id 
1 1 Y 1 A SER 1041 ? A SER 129 
2 1 Y 1 A THR 1042 ? A THR 130 
3 1 Y 1 A GLY 1043 ? A GLY 131 
4 1 Y 1 A ALA 1044 ? A ALA 132 
# 
loop_
_chem_comp_atom.comp_id 
_chem_comp_atom.atom_id 
_chem_comp_atom.type_symbol 
_chem_comp_atom.pdbx_aromatic_flag 
_chem_comp_atom.pdbx_stereo_config 
_chem_comp_atom.pdbx_ordinal 
ALA N    N  N N 1   
ALA CA   C  N S 2   
ALA C    C  N N 3   
ALA O    O  N N 4   
ALA CB   C  N N 5   
ALA OXT  O  N N 6   
ALA H    H  N N 7   
ALA H2   H  N N 8   
ALA HA   H  N N 9   
ALA HB1  H  N N 10  
ALA HB2  H  N N 11  
ALA HB3  H  N N 12  
ALA HXT  H  N N 13  
ARG N    N  N N 14  
ARG CA   C  N S 15  
ARG C    C  N N 16  
ARG O    O  N N 17  
ARG CB   C  N N 18  
ARG CG   C  N N 19  
ARG CD   C  N N 20  
ARG NE   N  N N 21  
ARG CZ   C  N N 22  
ARG NH1  N  N N 23  
ARG NH2  N  N N 24  
ARG OXT  O  N N 25  
ARG H    H  N N 26  
ARG H2   H  N N 27  
ARG HA   H  N N 28  
ARG HB2  H  N N 29  
ARG HB3  H  N N 30  
ARG HG2  H  N N 31  
ARG HG3  H  N N 32  
ARG HD2  H  N N 33  
ARG HD3  H  N N 34  
ARG HE   H  N N 35  
ARG HH11 H  N N 36  
ARG HH12 H  N N 37  
ARG HH21 H  N N 38  
ARG HH22 H  N N 39  
ARG HXT  H  N N 40  
ASN N    N  N N 41  
ASN CA   C  N S 42  
ASN C    C  N N 43  
ASN O    O  N N 44  
ASN CB   C  N N 45  
ASN CG   C  N N 46  
ASN OD1  O  N N 47  
ASN ND2  N  N N 48  
ASN OXT  O  N N 49  
ASN H    H  N N 50  
ASN H2   H  N N 51  
ASN HA   H  N N 52  
ASN HB2  H  N N 53  
ASN HB3  H  N N 54  
ASN HD21 H  N N 55  
ASN HD22 H  N N 56  
ASN HXT  H  N N 57  
ASP N    N  N N 58  
ASP CA   C  N S 59  
ASP C    C  N N 60  
ASP O    O  N N 61  
ASP CB   C  N N 62  
ASP CG   C  N N 63  
ASP OD1  O  N N 64  
ASP OD2  O  N N 65  
ASP OXT  O  N N 66  
ASP H    H  N N 67  
ASP H2   H  N N 68  
ASP HA   H  N N 69  
ASP HB2  H  N N 70  
ASP HB3  H  N N 71  
ASP HD2  H  N N 72  
ASP HXT  H  N N 73  
CL  CL   CL N N 74  
CYS N    N  N N 75  
CYS CA   C  N R 76  
CYS C    C  N N 77  
CYS O    O  N N 78  
CYS CB   C  N N 79  
CYS SG   S  N N 80  
CYS OXT  O  N N 81  
CYS H    H  N N 82  
CYS H2   H  N N 83  
CYS HA   H  N N 84  
CYS HB2  H  N N 85  
CYS HB3  H  N N 86  
CYS HG   H  N N 87  
CYS HXT  H  N N 88  
GLN N    N  N N 89  
GLN CA   C  N S 90  
GLN C    C  N N 91  
GLN O    O  N N 92  
GLN CB   C  N N 93  
GLN CG   C  N N 94  
GLN CD   C  N N 95  
GLN OE1  O  N N 96  
GLN NE2  N  N N 97  
GLN OXT  O  N N 98  
GLN H    H  N N 99  
GLN H2   H  N N 100 
GLN HA   H  N N 101 
GLN HB2  H  N N 102 
GLN HB3  H  N N 103 
GLN HG2  H  N N 104 
GLN HG3  H  N N 105 
GLN HE21 H  N N 106 
GLN HE22 H  N N 107 
GLN HXT  H  N N 108 
GLU N    N  N N 109 
GLU CA   C  N S 110 
GLU C    C  N N 111 
GLU O    O  N N 112 
GLU CB   C  N N 113 
GLU CG   C  N N 114 
GLU CD   C  N N 115 
GLU OE1  O  N N 116 
GLU OE2  O  N N 117 
GLU OXT  O  N N 118 
GLU H    H  N N 119 
GLU H2   H  N N 120 
GLU HA   H  N N 121 
GLU HB2  H  N N 122 
GLU HB3  H  N N 123 
GLU HG2  H  N N 124 
GLU HG3  H  N N 125 
GLU HE2  H  N N 126 
GLU HXT  H  N N 127 
GLY N    N  N N 128 
GLY CA   C  N N 129 
GLY C    C  N N 130 
GLY O    O  N N 131 
GLY OXT  O  N N 132 
GLY H    H  N N 133 
GLY H2   H  N N 134 
GLY HA2  H  N N 135 
GLY HA3  H  N N 136 
GLY HXT  H  N N 137 
HIS N    N  N N 138 
HIS CA   C  N S 139 
HIS C    C  N N 140 
HIS O    O  N N 141 
HIS CB   C  N N 142 
HIS CG   C  Y N 143 
HIS ND1  N  Y N 144 
HIS CD2  C  Y N 145 
HIS CE1  C  Y N 146 
HIS NE2  N  Y N 147 
HIS OXT  O  N N 148 
HIS H    H  N N 149 
HIS H2   H  N N 150 
HIS HA   H  N N 151 
HIS HB2  H  N N 152 
HIS HB3  H  N N 153 
HIS HD1  H  N N 154 
HIS HD2  H  N N 155 
HIS HE1  H  N N 156 
HIS HE2  H  N N 157 
HIS HXT  H  N N 158 
HOH O    O  N N 159 
HOH H1   H  N N 160 
HOH H2   H  N N 161 
ILE N    N  N N 162 
ILE CA   C  N S 163 
ILE C    C  N N 164 
ILE O    O  N N 165 
ILE CB   C  N S 166 
ILE CG1  C  N N 167 
ILE CG2  C  N N 168 
ILE CD1  C  N N 169 
ILE OXT  O  N N 170 
ILE H    H  N N 171 
ILE H2   H  N N 172 
ILE HA   H  N N 173 
ILE HB   H  N N 174 
ILE HG12 H  N N 175 
ILE HG13 H  N N 176 
ILE HG21 H  N N 177 
ILE HG22 H  N N 178 
ILE HG23 H  N N 179 
ILE HD11 H  N N 180 
ILE HD12 H  N N 181 
ILE HD13 H  N N 182 
ILE HXT  H  N N 183 
LEU N    N  N N 184 
LEU CA   C  N S 185 
LEU C    C  N N 186 
LEU O    O  N N 187 
LEU CB   C  N N 188 
LEU CG   C  N N 189 
LEU CD1  C  N N 190 
LEU CD2  C  N N 191 
LEU OXT  O  N N 192 
LEU H    H  N N 193 
LEU H2   H  N N 194 
LEU HA   H  N N 195 
LEU HB2  H  N N 196 
LEU HB3  H  N N 197 
LEU HG   H  N N 198 
LEU HD11 H  N N 199 
LEU HD12 H  N N 200 
LEU HD13 H  N N 201 
LEU HD21 H  N N 202 
LEU HD22 H  N N 203 
LEU HD23 H  N N 204 
LEU HXT  H  N N 205 
LYS N    N  N N 206 
LYS CA   C  N S 207 
LYS C    C  N N 208 
LYS O    O  N N 209 
LYS CB   C  N N 210 
LYS CG   C  N N 211 
LYS CD   C  N N 212 
LYS CE   C  N N 213 
LYS NZ   N  N N 214 
LYS OXT  O  N N 215 
LYS H    H  N N 216 
LYS H2   H  N N 217 
LYS HA   H  N N 218 
LYS HB2  H  N N 219 
LYS HB3  H  N N 220 
LYS HG2  H  N N 221 
LYS HG3  H  N N 222 
LYS HD2  H  N N 223 
LYS HD3  H  N N 224 
LYS HE2  H  N N 225 
LYS HE3  H  N N 226 
LYS HZ1  H  N N 227 
LYS HZ2  H  N N 228 
LYS HZ3  H  N N 229 
LYS HXT  H  N N 230 
MET N    N  N N 231 
MET CA   C  N S 232 
MET C    C  N N 233 
MET O    O  N N 234 
MET CB   C  N N 235 
MET CG   C  N N 236 
MET SD   S  N N 237 
MET CE   C  N N 238 
MET OXT  O  N N 239 
MET H    H  N N 240 
MET H2   H  N N 241 
MET HA   H  N N 242 
MET HB2  H  N N 243 
MET HB3  H  N N 244 
MET HG2  H  N N 245 
MET HG3  H  N N 246 
MET HE1  H  N N 247 
MET HE2  H  N N 248 
MET HE3  H  N N 249 
MET HXT  H  N N 250 
O4B CAA  C  N N 251 
O4B OAM  O  N N 252 
O4B CAC  C  N N 253 
O4B CAD  C  N N 254 
O4B OAO  O  N N 255 
O4B CAG  C  N N 256 
O4B CAH  C  N N 257 
O4B OAQ  O  N N 258 
O4B CAK  C  N N 259 
O4B CAL  C  N N 260 
O4B OAR  O  N N 261 
O4B CAJ  C  N N 262 
O4B CAI  C  N N 263 
O4B OAP  O  N N 264 
O4B CAF  C  N N 265 
O4B CAE  C  N N 266 
O4B OAN  O  N N 267 
O4B CAB  C  N N 268 
O4B HAA1 H  N N 269 
O4B HAA2 H  N N 270 
O4B HAB1 H  N N 271 
O4B HAB2 H  N N 272 
O4B HAC1 H  N N 273 
O4B HAC2 H  N N 274 
O4B HAD1 H  N N 275 
O4B HAD2 H  N N 276 
O4B HAG1 H  N N 277 
O4B HAG2 H  N N 278 
O4B HAH1 H  N N 279 
O4B HAH2 H  N N 280 
O4B HAK1 H  N N 281 
O4B HAK2 H  N N 282 
O4B HAL1 H  N N 283 
O4B HAL2 H  N N 284 
O4B HAJ1 H  N N 285 
O4B HAJ2 H  N N 286 
O4B HAI1 H  N N 287 
O4B HAI2 H  N N 288 
O4B HAF1 H  N N 289 
O4B HAF2 H  N N 290 
O4B HAE1 H  N N 291 
O4B HAE2 H  N N 292 
PHE N    N  N N 293 
PHE CA   C  N S 294 
PHE C    C  N N 295 
PHE O    O  N N 296 
PHE CB   C  N N 297 
PHE CG   C  Y N 298 
PHE CD1  C  Y N 299 
PHE CD2  C  Y N 300 
PHE CE1  C  Y N 301 
PHE CE2  C  Y N 302 
PHE CZ   C  Y N 303 
PHE OXT  O  N N 304 
PHE H    H  N N 305 
PHE H2   H  N N 306 
PHE HA   H  N N 307 
PHE HB2  H  N N 308 
PHE HB3  H  N N 309 
PHE HD1  H  N N 310 
PHE HD2  H  N N 311 
PHE HE1  H  N N 312 
PHE HE2  H  N N 313 
PHE HZ   H  N N 314 
PHE HXT  H  N N 315 
PRO N    N  N N 316 
PRO CA   C  N S 317 
PRO C    C  N N 318 
PRO O    O  N N 319 
PRO CB   C  N N 320 
PRO CG   C  N N 321 
PRO CD   C  N N 322 
PRO OXT  O  N N 323 
PRO H    H  N N 324 
PRO HA   H  N N 325 
PRO HB2  H  N N 326 
PRO HB3  H  N N 327 
PRO HG2  H  N N 328 
PRO HG3  H  N N 329 
PRO HD2  H  N N 330 
PRO HD3  H  N N 331 
PRO HXT  H  N N 332 
SER N    N  N N 333 
SER CA   C  N S 334 
SER C    C  N N 335 
SER O    O  N N 336 
SER CB   C  N N 337 
SER OG   O  N N 338 
SER OXT  O  N N 339 
SER H    H  N N 340 
SER H2   H  N N 341 
SER HA   H  N N 342 
SER HB2  H  N N 343 
SER HB3  H  N N 344 
SER HG   H  N N 345 
SER HXT  H  N N 346 
THR N    N  N N 347 
THR CA   C  N S 348 
THR C    C  N N 349 
THR O    O  N N 350 
THR CB   C  N R 351 
THR OG1  O  N N 352 
THR CG2  C  N N 353 
THR OXT  O  N N 354 
THR H    H  N N 355 
THR H2   H  N N 356 
THR HA   H  N N 357 
THR HB   H  N N 358 
THR HG1  H  N N 359 
THR HG21 H  N N 360 
THR HG22 H  N N 361 
THR HG23 H  N N 362 
THR HXT  H  N N 363 
TRP N    N  N N 364 
TRP CA   C  N S 365 
TRP C    C  N N 366 
TRP O    O  N N 367 
TRP CB   C  N N 368 
TRP CG   C  Y N 369 
TRP CD1  C  Y N 370 
TRP CD2  C  Y N 371 
TRP NE1  N  Y N 372 
TRP CE2  C  Y N 373 
TRP CE3  C  Y N 374 
TRP CZ2  C  Y N 375 
TRP CZ3  C  Y N 376 
TRP CH2  C  Y N 377 
TRP OXT  O  N N 378 
TRP H    H  N N 379 
TRP H2   H  N N 380 
TRP HA   H  N N 381 
TRP HB2  H  N N 382 
TRP HB3  H  N N 383 
TRP HD1  H  N N 384 
TRP HE1  H  N N 385 
TRP HE3  H  N N 386 
TRP HZ2  H  N N 387 
TRP HZ3  H  N N 388 
TRP HH2  H  N N 389 
TRP HXT  H  N N 390 
TYR N    N  N N 391 
TYR CA   C  N S 392 
TYR C    C  N N 393 
TYR O    O  N N 394 
TYR CB   C  N N 395 
TYR CG   C  Y N 396 
TYR CD1  C  Y N 397 
TYR CD2  C  Y N 398 
TYR CE1  C  Y N 399 
TYR CE2  C  Y N 400 
TYR CZ   C  Y N 401 
TYR OH   O  N N 402 
TYR OXT  O  N N 403 
TYR H    H  N N 404 
TYR H2   H  N N 405 
TYR HA   H  N N 406 
TYR HB2  H  N N 407 
TYR HB3  H  N N 408 
TYR HD1  H  N N 409 
TYR HD2  H  N N 410 
TYR HE1  H  N N 411 
TYR HE2  H  N N 412 
TYR HH   H  N N 413 
TYR HXT  H  N N 414 
VAL N    N  N N 415 
VAL CA   C  N S 416 
VAL C    C  N N 417 
VAL O    O  N N 418 
VAL CB   C  N N 419 
VAL CG1  C  N N 420 
VAL CG2  C  N N 421 
VAL OXT  O  N N 422 
VAL H    H  N N 423 
VAL H2   H  N N 424 
VAL HA   H  N N 425 
VAL HB   H  N N 426 
VAL HG11 H  N N 427 
VAL HG12 H  N N 428 
VAL HG13 H  N N 429 
VAL HG21 H  N N 430 
VAL HG22 H  N N 431 
VAL HG23 H  N N 432 
VAL HXT  H  N N 433 
# 
loop_
_chem_comp_bond.comp_id 
_chem_comp_bond.atom_id_1 
_chem_comp_bond.atom_id_2 
_chem_comp_bond.value_order 
_chem_comp_bond.pdbx_aromatic_flag 
_chem_comp_bond.pdbx_stereo_config 
_chem_comp_bond.pdbx_ordinal 
ALA N   CA   sing N N 1   
ALA N   H    sing N N 2   
ALA N   H2   sing N N 3   
ALA CA  C    sing N N 4   
ALA CA  CB   sing N N 5   
ALA CA  HA   sing N N 6   
ALA C   O    doub N N 7   
ALA C   OXT  sing N N 8   
ALA CB  HB1  sing N N 9   
ALA CB  HB2  sing N N 10  
ALA CB  HB3  sing N N 11  
ALA OXT HXT  sing N N 12  
ARG N   CA   sing N N 13  
ARG N   H    sing N N 14  
ARG N   H2   sing N N 15  
ARG CA  C    sing N N 16  
ARG CA  CB   sing N N 17  
ARG CA  HA   sing N N 18  
ARG C   O    doub N N 19  
ARG C   OXT  sing N N 20  
ARG CB  CG   sing N N 21  
ARG CB  HB2  sing N N 22  
ARG CB  HB3  sing N N 23  
ARG CG  CD   sing N N 24  
ARG CG  HG2  sing N N 25  
ARG CG  HG3  sing N N 26  
ARG CD  NE   sing N N 27  
ARG CD  HD2  sing N N 28  
ARG CD  HD3  sing N N 29  
ARG NE  CZ   sing N N 30  
ARG NE  HE   sing N N 31  
ARG CZ  NH1  sing N N 32  
ARG CZ  NH2  doub N N 33  
ARG NH1 HH11 sing N N 34  
ARG NH1 HH12 sing N N 35  
ARG NH2 HH21 sing N N 36  
ARG NH2 HH22 sing N N 37  
ARG OXT HXT  sing N N 38  
ASN N   CA   sing N N 39  
ASN N   H    sing N N 40  
ASN N   H2   sing N N 41  
ASN CA  C    sing N N 42  
ASN CA  CB   sing N N 43  
ASN CA  HA   sing N N 44  
ASN C   O    doub N N 45  
ASN C   OXT  sing N N 46  
ASN CB  CG   sing N N 47  
ASN CB  HB2  sing N N 48  
ASN CB  HB3  sing N N 49  
ASN CG  OD1  doub N N 50  
ASN CG  ND2  sing N N 51  
ASN ND2 HD21 sing N N 52  
ASN ND2 HD22 sing N N 53  
ASN OXT HXT  sing N N 54  
ASP N   CA   sing N N 55  
ASP N   H    sing N N 56  
ASP N   H2   sing N N 57  
ASP CA  C    sing N N 58  
ASP CA  CB   sing N N 59  
ASP CA  HA   sing N N 60  
ASP C   O    doub N N 61  
ASP C   OXT  sing N N 62  
ASP CB  CG   sing N N 63  
ASP CB  HB2  sing N N 64  
ASP CB  HB3  sing N N 65  
ASP CG  OD1  doub N N 66  
ASP CG  OD2  sing N N 67  
ASP OD2 HD2  sing N N 68  
ASP OXT HXT  sing N N 69  
CYS N   CA   sing N N 70  
CYS N   H    sing N N 71  
CYS N   H2   sing N N 72  
CYS CA  C    sing N N 73  
CYS CA  CB   sing N N 74  
CYS CA  HA   sing N N 75  
CYS C   O    doub N N 76  
CYS C   OXT  sing N N 77  
CYS CB  SG   sing N N 78  
CYS CB  HB2  sing N N 79  
CYS CB  HB3  sing N N 80  
CYS SG  HG   sing N N 81  
CYS OXT HXT  sing N N 82  
GLN N   CA   sing N N 83  
GLN N   H    sing N N 84  
GLN N   H2   sing N N 85  
GLN CA  C    sing N N 86  
GLN CA  CB   sing N N 87  
GLN CA  HA   sing N N 88  
GLN C   O    doub N N 89  
GLN C   OXT  sing N N 90  
GLN CB  CG   sing N N 91  
GLN CB  HB2  sing N N 92  
GLN CB  HB3  sing N N 93  
GLN CG  CD   sing N N 94  
GLN CG  HG2  sing N N 95  
GLN CG  HG3  sing N N 96  
GLN CD  OE1  doub N N 97  
GLN CD  NE2  sing N N 98  
GLN NE2 HE21 sing N N 99  
GLN NE2 HE22 sing N N 100 
GLN OXT HXT  sing N N 101 
GLU N   CA   sing N N 102 
GLU N   H    sing N N 103 
GLU N   H2   sing N N 104 
GLU CA  C    sing N N 105 
GLU CA  CB   sing N N 106 
GLU CA  HA   sing N N 107 
GLU C   O    doub N N 108 
GLU C   OXT  sing N N 109 
GLU CB  CG   sing N N 110 
GLU CB  HB2  sing N N 111 
GLU CB  HB3  sing N N 112 
GLU CG  CD   sing N N 113 
GLU CG  HG2  sing N N 114 
GLU CG  HG3  sing N N 115 
GLU CD  OE1  doub N N 116 
GLU CD  OE2  sing N N 117 
GLU OE2 HE2  sing N N 118 
GLU OXT HXT  sing N N 119 
GLY N   CA   sing N N 120 
GLY N   H    sing N N 121 
GLY N   H2   sing N N 122 
GLY CA  C    sing N N 123 
GLY CA  HA2  sing N N 124 
GLY CA  HA3  sing N N 125 
GLY C   O    doub N N 126 
GLY C   OXT  sing N N 127 
GLY OXT HXT  sing N N 128 
HIS N   CA   sing N N 129 
HIS N   H    sing N N 130 
HIS N   H2   sing N N 131 
HIS CA  C    sing N N 132 
HIS CA  CB   sing N N 133 
HIS CA  HA   sing N N 134 
HIS C   O    doub N N 135 
HIS C   OXT  sing N N 136 
HIS CB  CG   sing N N 137 
HIS CB  HB2  sing N N 138 
HIS CB  HB3  sing N N 139 
HIS CG  ND1  sing Y N 140 
HIS CG  CD2  doub Y N 141 
HIS ND1 CE1  doub Y N 142 
HIS ND1 HD1  sing N N 143 
HIS CD2 NE2  sing Y N 144 
HIS CD2 HD2  sing N N 145 
HIS CE1 NE2  sing Y N 146 
HIS CE1 HE1  sing N N 147 
HIS NE2 HE2  sing N N 148 
HIS OXT HXT  sing N N 149 
HOH O   H1   sing N N 150 
HOH O   H2   sing N N 151 
ILE N   CA   sing N N 152 
ILE N   H    sing N N 153 
ILE N   H2   sing N N 154 
ILE CA  C    sing N N 155 
ILE CA  CB   sing N N 156 
ILE CA  HA   sing N N 157 
ILE C   O    doub N N 158 
ILE C   OXT  sing N N 159 
ILE CB  CG1  sing N N 160 
ILE CB  CG2  sing N N 161 
ILE CB  HB   sing N N 162 
ILE CG1 CD1  sing N N 163 
ILE CG1 HG12 sing N N 164 
ILE CG1 HG13 sing N N 165 
ILE CG2 HG21 sing N N 166 
ILE CG2 HG22 sing N N 167 
ILE CG2 HG23 sing N N 168 
ILE CD1 HD11 sing N N 169 
ILE CD1 HD12 sing N N 170 
ILE CD1 HD13 sing N N 171 
ILE OXT HXT  sing N N 172 
LEU N   CA   sing N N 173 
LEU N   H    sing N N 174 
LEU N   H2   sing N N 175 
LEU CA  C    sing N N 176 
LEU CA  CB   sing N N 177 
LEU CA  HA   sing N N 178 
LEU C   O    doub N N 179 
LEU C   OXT  sing N N 180 
LEU CB  CG   sing N N 181 
LEU CB  HB2  sing N N 182 
LEU CB  HB3  sing N N 183 
LEU CG  CD1  sing N N 184 
LEU CG  CD2  sing N N 185 
LEU CG  HG   sing N N 186 
LEU CD1 HD11 sing N N 187 
LEU CD1 HD12 sing N N 188 
LEU CD1 HD13 sing N N 189 
LEU CD2 HD21 sing N N 190 
LEU CD2 HD22 sing N N 191 
LEU CD2 HD23 sing N N 192 
LEU OXT HXT  sing N N 193 
LYS N   CA   sing N N 194 
LYS N   H    sing N N 195 
LYS N   H2   sing N N 196 
LYS CA  C    sing N N 197 
LYS CA  CB   sing N N 198 
LYS CA  HA   sing N N 199 
LYS C   O    doub N N 200 
LYS C   OXT  sing N N 201 
LYS CB  CG   sing N N 202 
LYS CB  HB2  sing N N 203 
LYS CB  HB3  sing N N 204 
LYS CG  CD   sing N N 205 
LYS CG  HG2  sing N N 206 
LYS CG  HG3  sing N N 207 
LYS CD  CE   sing N N 208 
LYS CD  HD2  sing N N 209 
LYS CD  HD3  sing N N 210 
LYS CE  NZ   sing N N 211 
LYS CE  HE2  sing N N 212 
LYS CE  HE3  sing N N 213 
LYS NZ  HZ1  sing N N 214 
LYS NZ  HZ2  sing N N 215 
LYS NZ  HZ3  sing N N 216 
LYS OXT HXT  sing N N 217 
MET N   CA   sing N N 218 
MET N   H    sing N N 219 
MET N   H2   sing N N 220 
MET CA  C    sing N N 221 
MET CA  CB   sing N N 222 
MET CA  HA   sing N N 223 
MET C   O    doub N N 224 
MET C   OXT  sing N N 225 
MET CB  CG   sing N N 226 
MET CB  HB2  sing N N 227 
MET CB  HB3  sing N N 228 
MET CG  SD   sing N N 229 
MET CG  HG2  sing N N 230 
MET CG  HG3  sing N N 231 
MET SD  CE   sing N N 232 
MET CE  HE1  sing N N 233 
MET CE  HE2  sing N N 234 
MET CE  HE3  sing N N 235 
MET OXT HXT  sing N N 236 
O4B CAA OAM  sing N N 237 
O4B CAA CAB  sing N N 238 
O4B OAM CAC  sing N N 239 
O4B CAC CAD  sing N N 240 
O4B CAD OAO  sing N N 241 
O4B OAO CAG  sing N N 242 
O4B CAG CAH  sing N N 243 
O4B CAH OAQ  sing N N 244 
O4B OAQ CAK  sing N N 245 
O4B CAK CAL  sing N N 246 
O4B CAL OAR  sing N N 247 
O4B OAR CAJ  sing N N 248 
O4B CAJ CAI  sing N N 249 
O4B CAI OAP  sing N N 250 
O4B OAP CAF  sing N N 251 
O4B CAF CAE  sing N N 252 
O4B CAE OAN  sing N N 253 
O4B OAN CAB  sing N N 254 
O4B CAA HAA1 sing N N 255 
O4B CAA HAA2 sing N N 256 
O4B CAB HAB1 sing N N 257 
O4B CAB HAB2 sing N N 258 
O4B CAC HAC1 sing N N 259 
O4B CAC HAC2 sing N N 260 
O4B CAD HAD1 sing N N 261 
O4B CAD HAD2 sing N N 262 
O4B CAG HAG1 sing N N 263 
O4B CAG HAG2 sing N N 264 
O4B CAH HAH1 sing N N 265 
O4B CAH HAH2 sing N N 266 
O4B CAK HAK1 sing N N 267 
O4B CAK HAK2 sing N N 268 
O4B CAL HAL1 sing N N 269 
O4B CAL HAL2 sing N N 270 
O4B CAJ HAJ1 sing N N 271 
O4B CAJ HAJ2 sing N N 272 
O4B CAI HAI1 sing N N 273 
O4B CAI HAI2 sing N N 274 
O4B CAF HAF1 sing N N 275 
O4B CAF HAF2 sing N N 276 
O4B CAE HAE1 sing N N 277 
O4B CAE HAE2 sing N N 278 
PHE N   CA   sing N N 279 
PHE N   H    sing N N 280 
PHE N   H2   sing N N 281 
PHE CA  C    sing N N 282 
PHE CA  CB   sing N N 283 
PHE CA  HA   sing N N 284 
PHE C   O    doub N N 285 
PHE C   OXT  sing N N 286 
PHE CB  CG   sing N N 287 
PHE CB  HB2  sing N N 288 
PHE CB  HB3  sing N N 289 
PHE CG  CD1  doub Y N 290 
PHE CG  CD2  sing Y N 291 
PHE CD1 CE1  sing Y N 292 
PHE CD1 HD1  sing N N 293 
PHE CD2 CE2  doub Y N 294 
PHE CD2 HD2  sing N N 295 
PHE CE1 CZ   doub Y N 296 
PHE CE1 HE1  sing N N 297 
PHE CE2 CZ   sing Y N 298 
PHE CE2 HE2  sing N N 299 
PHE CZ  HZ   sing N N 300 
PHE OXT HXT  sing N N 301 
PRO N   CA   sing N N 302 
PRO N   CD   sing N N 303 
PRO N   H    sing N N 304 
PRO CA  C    sing N N 305 
PRO CA  CB   sing N N 306 
PRO CA  HA   sing N N 307 
PRO C   O    doub N N 308 
PRO C   OXT  sing N N 309 
PRO CB  CG   sing N N 310 
PRO CB  HB2  sing N N 311 
PRO CB  HB3  sing N N 312 
PRO CG  CD   sing N N 313 
PRO CG  HG2  sing N N 314 
PRO CG  HG3  sing N N 315 
PRO CD  HD2  sing N N 316 
PRO CD  HD3  sing N N 317 
PRO OXT HXT  sing N N 318 
SER N   CA   sing N N 319 
SER N   H    sing N N 320 
SER N   H2   sing N N 321 
SER CA  C    sing N N 322 
SER CA  CB   sing N N 323 
SER CA  HA   sing N N 324 
SER C   O    doub N N 325 
SER C   OXT  sing N N 326 
SER CB  OG   sing N N 327 
SER CB  HB2  sing N N 328 
SER CB  HB3  sing N N 329 
SER OG  HG   sing N N 330 
SER OXT HXT  sing N N 331 
THR N   CA   sing N N 332 
THR N   H    sing N N 333 
THR N   H2   sing N N 334 
THR CA  C    sing N N 335 
THR CA  CB   sing N N 336 
THR CA  HA   sing N N 337 
THR C   O    doub N N 338 
THR C   OXT  sing N N 339 
THR CB  OG1  sing N N 340 
THR CB  CG2  sing N N 341 
THR CB  HB   sing N N 342 
THR OG1 HG1  sing N N 343 
THR CG2 HG21 sing N N 344 
THR CG2 HG22 sing N N 345 
THR CG2 HG23 sing N N 346 
THR OXT HXT  sing N N 347 
TRP N   CA   sing N N 348 
TRP N   H    sing N N 349 
TRP N   H2   sing N N 350 
TRP CA  C    sing N N 351 
TRP CA  CB   sing N N 352 
TRP CA  HA   sing N N 353 
TRP C   O    doub N N 354 
TRP C   OXT  sing N N 355 
TRP CB  CG   sing N N 356 
TRP CB  HB2  sing N N 357 
TRP CB  HB3  sing N N 358 
TRP CG  CD1  doub Y N 359 
TRP CG  CD2  sing Y N 360 
TRP CD1 NE1  sing Y N 361 
TRP CD1 HD1  sing N N 362 
TRP CD2 CE2  doub Y N 363 
TRP CD2 CE3  sing Y N 364 
TRP NE1 CE2  sing Y N 365 
TRP NE1 HE1  sing N N 366 
TRP CE2 CZ2  sing Y N 367 
TRP CE3 CZ3  doub Y N 368 
TRP CE3 HE3  sing N N 369 
TRP CZ2 CH2  doub Y N 370 
TRP CZ2 HZ2  sing N N 371 
TRP CZ3 CH2  sing Y N 372 
TRP CZ3 HZ3  sing N N 373 
TRP CH2 HH2  sing N N 374 
TRP OXT HXT  sing N N 375 
TYR N   CA   sing N N 376 
TYR N   H    sing N N 377 
TYR N   H2   sing N N 378 
TYR CA  C    sing N N 379 
TYR CA  CB   sing N N 380 
TYR CA  HA   sing N N 381 
TYR C   O    doub N N 382 
TYR C   OXT  sing N N 383 
TYR CB  CG   sing N N 384 
TYR CB  HB2  sing N N 385 
TYR CB  HB3  sing N N 386 
TYR CG  CD1  doub Y N 387 
TYR CG  CD2  sing Y N 388 
TYR CD1 CE1  sing Y N 389 
TYR CD1 HD1  sing N N 390 
TYR CD2 CE2  doub Y N 391 
TYR CD2 HD2  sing N N 392 
TYR CE1 CZ   doub Y N 393 
TYR CE1 HE1  sing N N 394 
TYR CE2 CZ   sing Y N 395 
TYR CE2 HE2  sing N N 396 
TYR CZ  OH   sing N N 397 
TYR OH  HH   sing N N 398 
TYR OXT HXT  sing N N 399 
VAL N   CA   sing N N 400 
VAL N   H    sing N N 401 
VAL N   H2   sing N N 402 
VAL CA  C    sing N N 403 
VAL CA  CB   sing N N 404 
VAL CA  HA   sing N N 405 
VAL C   O    doub N N 406 
VAL C   OXT  sing N N 407 
VAL CB  CG1  sing N N 408 
VAL CB  CG2  sing N N 409 
VAL CB  HB   sing N N 410 
VAL CG1 HG11 sing N N 411 
VAL CG1 HG12 sing N N 412 
VAL CG1 HG13 sing N N 413 
VAL CG2 HG21 sing N N 414 
VAL CG2 HG22 sing N N 415 
VAL CG2 HG23 sing N N 416 
VAL OXT HXT  sing N N 417 
# 
_pdbx_audit_support.funding_organization   'Not funded' 
_pdbx_audit_support.country                ? 
_pdbx_audit_support.grant_number           ? 
_pdbx_audit_support.ordinal                1 
# 
_pdbx_initial_refinement_model.id               1 
_pdbx_initial_refinement_model.entity_id_list   ? 
_pdbx_initial_refinement_model.type             'experimental model' 
_pdbx_initial_refinement_model.source_name      PDB 
_pdbx_initial_refinement_model.accession_code   4LXL 
_pdbx_initial_refinement_model.details          ? 
# 
_atom_sites.entry_id                    9H44 
_atom_sites.Cartn_transf_matrix[1][1]   ? 
_atom_sites.Cartn_transf_matrix[1][2]   ? 
_atom_sites.Cartn_transf_matrix[1][3]   ? 
_atom_sites.Cartn_transf_matrix[2][1]   ? 
_atom_sites.Cartn_transf_matrix[2][2]   ? 
_atom_sites.Cartn_transf_matrix[2][3]   ? 
_atom_sites.Cartn_transf_matrix[3][1]   ? 
_atom_sites.Cartn_transf_matrix[3][2]   ? 
_atom_sites.Cartn_transf_matrix[3][3]   ? 
_atom_sites.Cartn_transf_vector[1]      ? 
_atom_sites.Cartn_transf_vector[2]      ? 
_atom_sites.Cartn_transf_vector[3]      ? 
_atom_sites.Cartn_transform_axes        ? 
_atom_sites.fract_transf_matrix[1][1]   0.00544559 
_atom_sites.fract_transf_matrix[1][2]   0.01011998 
_atom_sites.fract_transf_matrix[1][3]   -0.00635523 
_atom_sites.fract_transf_matrix[2][1]   -0.00654435 
_atom_sites.fract_transf_matrix[2][2]   0.01132829 
_atom_sites.fract_transf_matrix[2][3]   -0.00113615 
_atom_sites.fract_transf_matrix[3][1]   0.00283422 
_atom_sites.fract_transf_matrix[3][2]   0.00223837 
_atom_sites.fract_transf_matrix[3][3]   0.00599291 
_atom_sites.fract_transf_vector[1]      0.155510 
_atom_sites.fract_transf_vector[2]      0.129795 
_atom_sites.fract_transf_vector[3]      1.160807 
_atom_sites.solution_primary            ? 
_atom_sites.solution_secondary          ? 
_atom_sites.solution_hydrogens          ? 
_atom_sites.special_details             ? 
# 
loop_
_atom_type.symbol 
_atom_type.pdbx_scat_Z 
_atom_type.pdbx_N_electrons 
_atom_type.scat_Cromer_Mann_a1 
_atom_type.scat_Cromer_Mann_b1 
_atom_type.scat_Cromer_Mann_a2 
_atom_type.scat_Cromer_Mann_b2 
_atom_type.scat_Cromer_Mann_a3 
_atom_type.scat_Cromer_Mann_b3 
_atom_type.scat_Cromer_Mann_a4 
_atom_type.scat_Cromer_Mann_b4 
_atom_type.scat_Cromer_Mann_c 
C  6  6  2.3103  20.8439 1.0201 10.2075 1.5888 0.5687  0.8651 51.6512 0.2156   
CL 17 17 11.4601 0.0104  7.1962 1.1662  6.2554 18.5194 1.6455 47.7784 -9.3378  
N  7  7  12.2220 0.0057  3.1346 9.8933  2.0141 28.9975 1.1672 0.5826  -11.5379 
O  8  8  3.0487  13.2771 2.2870 5.7011  1.5464 0.3239  0.8671 32.9089 0.2508   
S  16 16 6.9054  1.4679  5.2035 22.2151 1.4379 0.2536  1.5863 56.1720 1.0555   
# 
loop_
_atom_site.group_PDB 
_atom_site.id 
_atom_site.type_symbol 
_atom_site.label_atom_id 
_atom_site.label_alt_id 
_atom_site.label_comp_id 
_atom_site.label_asym_id 
_atom_site.label_entity_id 
_atom_site.label_seq_id 
_atom_site.pdbx_PDB_ins_code 
_atom_site.Cartn_x 
_atom_site.Cartn_y 
_atom_site.Cartn_z 
_atom_site.occupancy 
_atom_site.B_iso_or_equiv 
_atom_site.pdbx_formal_charge 
_atom_site.auth_seq_id 
_atom_site.auth_comp_id 
_atom_site.auth_asym_id 
_atom_site.auth_atom_id 
_atom_site.pdbx_PDB_model_num 
ATOM   1    N  N   . SER A 1 1   ? -0.242  -0.545  11.098  1    35.578  ? 913  SER A N   1 
ATOM   2    C  CA  . SER A 1 1   ? -1.485  -0.981  11.783  1    38.824  ? 913  SER A CA  1 
ATOM   3    C  C   . SER A 1 1   ? -2.670  -0.504  10.961  1    35.412  ? 913  SER A C   1 
ATOM   4    O  O   . SER A 1 1   ? -2.509  0.198   9.962   1    35.023  ? 913  SER A O   1 
ATOM   5    C  CB  . SER A 1 1   ? -1.576  -0.430  13.210  1    35.977  ? 913  SER A CB  1 
ATOM   6    O  OG  . SER A 1 1   ? -1.977  0.937   13.219  1    36.229  ? 913  SER A OG  1 
ATOM   7    N  N   . MET A 1 2   ? -3.875  -0.848  11.428  1    33.037  ? 914  MET A N   1 
ATOM   8    C  CA  . MET A 1 2   ? -5.086  -0.428  10.738  1    33.41   ? 914  MET A CA  1 
ATOM   9    C  C   . MET A 1 2   ? -5.539  0.942   11.252  1    36.632  ? 914  MET A C   1 
ATOM   10   O  O   . MET A 1 2   ? -6.584  1.469   10.855  1    32.581  ? 914  MET A O   1 
ATOM   11   C  CB  . MET A 1 2   ? -6.191  -1.501  10.875  1    34.791  ? 914  MET A CB  1 
ATOM   12   C  CG  . MET A 1 2   ? -5.796  -2.878  10.329  1    31.583  ? 914  MET A CG  1 
ATOM   13   S  SD  . MET A 1 2   ? -5.165  -2.752  8.621   1    32.465  ? 914  MET A SD  1 
ATOM   14   C  CE  . MET A 1 2   ? -6.458  -1.894  7.729   1    28.739  ? 914  MET A CE  1 
ATOM   15   N  N   . LEU A 1 3   ? -4.755  1.561   12.159  1    37.068  ? 915  LEU A N   1 
ATOM   16   C  CA  . LEU A 1 3   ? -5.059  2.945   12.524  1    38.282  ? 915  LEU A CA  1 
ATOM   17   C  C   . LEU A 1 3   ? -5.349  3.830   11.304  1    38.217  ? 915  LEU A C   1 
ATOM   18   O  O   . LEU A 1 3   ? -4.562  3.892   10.365  1    40.211  ? 915  LEU A O   1 
ATOM   19   C  CB  . LEU A 1 3   ? -3.907  3.538   13.341  1    39.696  ? 915  LEU A CB  1 
ATOM   20   C  CG  . LEU A 1 3   ? -4.149  4.937   13.895  1    45.188  ? 915  LEU A CG  1 
ATOM   21   C  CD1 . LEU A 1 3   ? -5.319  4.829   14.889  1    43.238  ? 915  LEU A CD1 1 
ATOM   22   C  CD2 . LEU A 1 3   ? -2.833  5.263   14.609  1    47.395  ? 915  LEU A CD2 1 
ATOM   23   N  N   . GLY A 1 4   ? -6.492  4.533   11.327  1    31.558  ? 916  GLY A N   1 
ATOM   24   C  CA  . GLY A 1 4   ? -6.811  5.477   10.280  1    34.446  ? 916  GLY A CA  1 
ATOM   25   C  C   . GLY A 1 4   ? -7.398  4.834   9.014   1    35.307  ? 916  GLY A C   1 
ATOM   26   O  O   . GLY A 1 4   ? -7.680  5.543   8.062   1    34.328  ? 916  GLY A O   1 
ATOM   27   N  N   . ALA A 1 5   ? -7.636  3.523   9.025   1    33.294  ? 917  ALA A N   1 
ATOM   28   C  CA  . ALA A 1 5   ? -8.235  2.856   7.860   1    31.505  ? 917  ALA A CA  1 
ATOM   29   C  C   . ALA A 1 5   ? -9.674  3.340   7.636   1    29.864  ? 917  ALA A C   1 
ATOM   30   O  O   . ALA A 1 5   ? -10.454 3.479   8.582   1    36.029  ? 917  ALA A O   1 
ATOM   31   C  CB  . ALA A 1 5   ? -8.180  1.365   8.106   1    34.309  ? 917  ALA A CB  1 
ATOM   32   N  N   . ASP A 1 6   ? -10.074 3.584   6.381   1    30.084  ? 918  ASP A N   1 
ATOM   33   C  CA  . ASP A 1 6   ? -11.425 4.083   6.142   1    29.73   ? 918  ASP A CA  1 
ATOM   34   C  C   . ASP A 1 6   ? -12.295 3.039   5.449   1    29.181  ? 918  ASP A C   1 
ATOM   35   O  O   . ASP A 1 6   ? -13.348 3.372   4.873   1    28.784  ? 918  ASP A O   1 
ATOM   36   C  CB  . ASP A 1 6   ? -11.422 5.375   5.329   1    31.486  ? 918  ASP A CB  1 
ATOM   37   C  CG  . ASP A 1 6   ? -10.901 5.209   3.906   1    35.962  ? 918  ASP A CG  1 
ATOM   38   O  OD1 . ASP A 1 6   ? -10.337 4.156   3.603   1    32.018  ? 918  ASP A OD1 1 
ATOM   39   O  OD2 . ASP A 1 6   ? -11.175 6.070   3.077   1    36.496  ? 918  ASP A OD2 1 
ATOM   40   N  N   . VAL A 1 7   ? -11.845 1.783   5.517   1    26.069  ? 919  VAL A N   1 
ATOM   41   C  CA  . VAL A 1 7   ? -12.669 0.670   5.021   1    26.156  ? 919  VAL A CA  1 
ATOM   42   C  C   . VAL A 1 7   ? -12.690 -0.381  6.116   1    24.313  ? 919  VAL A C   1 
ATOM   43   O  O   . VAL A 1 7   ? -11.657 -0.659  6.711   1    26.542  ? 919  VAL A O   1 
ATOM   44   C  CB  . VAL A 1 7   ? -12.105 0.076   3.714   1    27.119  ? 919  VAL A CB  1 
ATOM   45   C  CG1 . VAL A 1 7   ? -12.854 -1.184  3.263   1    24.714  ? 919  VAL A CG1 1 
ATOM   46   C  CG2 . VAL A 1 7   ? -12.204 1.093   2.577   1    30.166  ? 919  VAL A CG2 1 
ATOM   47   N  N   A SER A 1 8   ? -13.884 -0.946  6.379   0.42 26.246  ? 920  SER A N   1 
ATOM   48   N  N   B SER A 1 8   ? -13.866 -0.940  6.413   0.23 25.263  ? 920  SER A N   1 
ATOM   49   N  N   C SER A 1 8   ? -13.883 -0.966  6.334   0.35 26.507  ? 920  SER A N   1 
ATOM   50   C  CA  A SER A 1 8   ? -14.065 -1.921  7.453   0.42 24.657  ? 920  SER A CA  1 
ATOM   51   C  CA  B SER A 1 8   ? -13.938 -1.907  7.498   0.23 23.498  ? 920  SER A CA  1 
ATOM   52   C  CA  C SER A 1 8   ? -14.109 -1.956  7.382   0.35 25.85   ? 920  SER A CA  1 
ATOM   53   C  C   A SER A 1 8   ? -14.114 -3.337  6.890   0.42 23.275  ? 920  SER A C   1 
ATOM   54   C  C   B SER A 1 8   ? -14.091 -3.309  6.919   0.23 23.131  ? 920  SER A C   1 
ATOM   55   C  C   C SER A 1 8   ? -14.051 -3.369  6.827   0.35 25.082  ? 920  SER A C   1 
ATOM   56   O  O   A SER A 1 8   ? -14.581 -3.550  5.760   0.42 21.838  ? 920  SER A O   1 
ATOM   57   O  O   B SER A 1 8   ? -14.570 -3.470  5.792   0.23 22.704  ? 920  SER A O   1 
ATOM   58   O  O   C SER A 1 8   ? -14.419 -3.607  5.672   0.35 25.155  ? 920  SER A O   1 
ATOM   59   C  CB  A SER A 1 8   ? -15.366 -1.609  8.225   0.42 25.163  ? 920  SER A CB  1 
ATOM   60   C  CB  B SER A 1 8   ? -15.093 -1.558  8.417   0.23 24.159  ? 920  SER A CB  1 
ATOM   61   C  CB  C SER A 1 8   ? -15.479 -1.740  8.010   0.35 26.264  ? 920  SER A CB  1 
ATOM   62   O  OG  A SER A 1 8   ? -15.753 -2.687  9.070   0.42 23.329  ? 920  SER A OG  1 
ATOM   63   O  OG  B SER A 1 8   ? -16.290 -1.517  7.655   0.23 21.982  ? 920  SER A OG  1 
ATOM   64   O  OG  C SER A 1 8   ? -15.505 -0.471  8.637   0.35 25.909  ? 920  SER A OG  1 
ATOM   65   N  N   . LEU A 1 9   ? -13.659 -4.317  7.688   1    24.157  ? 921  LEU A N   1 
ATOM   66   C  CA  . LEU A 1 9   ? -13.935 -5.722  7.380   1    22.968  ? 921  LEU A CA  1 
ATOM   67   C  C   . LEU A 1 9   ? -15.449 -5.921  7.251   1    27.742  ? 921  LEU A C   1 
ATOM   68   O  O   . LEU A 1 9   ? -16.225 -5.332  8.023   1    26.397  ? 921  LEU A O   1 
ATOM   69   C  CB  . LEU A 1 9   ? -13.368 -6.614  8.462   1    24.913  ? 921  LEU A CB  1 
ATOM   70   C  CG  . LEU A 1 9   ? -11.837 -6.640  8.526   1    31.238  ? 921  LEU A CG  1 
ATOM   71   C  CD1 . LEU A 1 9   ? -11.456 -7.206  9.873   1    29.884  ? 921  LEU A CD1 1 
ATOM   72   C  CD2 . LEU A 1 9   ? -11.327 -7.544  7.396   1    29.768  ? 921  LEU A CD2 1 
ATOM   73   N  N   . GLY A 1 10  ? -15.874 -6.655  6.207   1    21.772  ? 922  GLY A N   1 
ATOM   74   C  CA  . GLY A 1 10  ? -17.290 -6.877  5.931   1    26.017  ? 922  GLY A CA  1 
ATOM   75   C  C   . GLY A 1 10  ? -17.955 -5.760  5.132   1    26.672  ? 922  GLY A C   1 
ATOM   76   O  O   . GLY A 1 10  ? -19.145 -5.873  4.787   1    26.687  ? 922  GLY A O   1 
ATOM   77   N  N   . GLN A 1 11  ? -17.211 -4.692  4.798   1    22.724  ? 923  GLN A N   1 
ATOM   78   C  CA  . GLN A 1 11  ? -17.757 -3.570  4.016   1    21.547  ? 923  GLN A CA  1 
ATOM   79   C  C   . GLN A 1 11  ? -17.915 -4.003  2.553   1    25.12   ? 923  GLN A C   1 
ATOM   80   O  O   . GLN A 1 11  ? -17.071 -4.751  2.057   1    25.602  ? 923  GLN A O   1 
ATOM   81   C  CB  . GLN A 1 11  ? -16.825 -2.353  4.088   1    21.075  ? 923  GLN A CB  1 
ATOM   82   C  CG  . GLN A 1 11  ? -17.337 -1.124  3.346   1    22.931  ? 923  GLN A CG  1 
ATOM   83   C  CD  . GLN A 1 11  ? -16.581 0.120   3.770   1    25.285  ? 923  GLN A CD  1 
ATOM   84   O  OE1 . GLN A 1 11  ? -15.984 0.159   4.857   1    25.945  ? 923  GLN A OE1 1 
ATOM   85   N  NE2 . GLN A 1 11  ? -16.674 1.170   2.957   1    32.076  ? 923  GLN A NE2 1 
ATOM   86   N  N   . VAL A 1 12  ? -19.015 -3.589  1.915   1    21.136  ? 924  VAL A N   1 
ATOM   87   C  CA  . VAL A 1 12  ? -19.213 -3.817  0.473   1    23.448  ? 924  VAL A CA  1 
ATOM   88   C  C   . VAL A 1 12  ? -18.559 -2.660  -0.264  1    26.016  ? 924  VAL A C   1 
ATOM   89   O  O   . VAL A 1 12  ? -18.813 -1.497  0.036   1    26.627  ? 924  VAL A O   1 
ATOM   90   C  CB  . VAL A 1 12  ? -20.707 -3.964  0.137   1    25.799  ? 924  VAL A CB  1 
ATOM   91   C  CG1 . VAL A 1 12  ? -20.961 -4.148  -1.387  1    27.965  ? 924  VAL A CG1 1 
ATOM   92   C  CG2 . VAL A 1 12  ? -21.286 -5.157  0.860   1    27.935  ? 924  VAL A CG2 1 
ATOM   93   N  N   . VAL A 1 13  ? -17.690 -2.991  -1.241  1    26.906  ? 925  VAL A N   1 
ATOM   94   C  CA  . VAL A 1 13  ? -17.020 -1.921  -1.986  1    25.138  ? 925  VAL A CA  1 
ATOM   95   C  C   . VAL A 1 13  ? -17.096 -2.303  -3.465  1    22.922  ? 925  VAL A C   1 
ATOM   96   O  O   . VAL A 1 13  ? -17.614 -3.360  -3.795  1    24.384  ? 925  VAL A O   1 
ATOM   97   C  CB  . VAL A 1 13  ? -15.556 -1.709  -1.561  1    24.56   ? 925  VAL A CB  1 
ATOM   98   C  CG1 . VAL A 1 13  ? -15.461 -1.233  -0.088  1    24.715  ? 925  VAL A CG1 1 
ATOM   99   C  CG2 . VAL A 1 13  ? -14.726 -2.996  -1.695  1    24.268  ? 925  VAL A CG2 1 
ATOM   100  N  N   . ILE A 1 14  ? -16.572 -1.428  -4.332  1    25.684  ? 926  ILE A N   1 
ATOM   101  C  CA  . ILE A 1 14  ? -16.581 -1.765  -5.755  1    26.367  ? 926  ILE A CA  1 
ATOM   102  C  C   . ILE A 1 14  ? -15.136 -1.800  -6.242  1    22.443  ? 926  ILE A C   1 
ATOM   103  O  O   . ILE A 1 14  ? -14.351 -0.913  -5.929  1    30.198  ? 926  ILE A O   1 
ATOM   104  C  CB  . ILE A 1 14  ? -17.400 -0.720  -6.547  1    31.818  ? 926  ILE A CB  1 
ATOM   105  C  CG1 . ILE A 1 14  ? -18.885 -1.002  -6.367  1    29.783  ? 926  ILE A CG1 1 
ATOM   106  C  CG2 . ILE A 1 14  ? -17.039 -0.788  -8.056  1    30.583  ? 926  ILE A CG2 1 
ATOM   107  C  CD1 . ILE A 1 14  ? -19.713 0.230   -6.725  1    33.061  ? 926  ILE A CD1 1 
ATOM   108  N  N   . THR A 1 15  ? -14.790 -2.835  -7.040  1    25.178  ? 927  THR A N   1 
ATOM   109  C  CA  . THR A 1 15  ? -13.426 -2.836  -7.548  1    27.156  ? 927  THR A CA  1 
ATOM   110  C  C   . THR A 1 15  ? -13.422 -3.608  -8.859  1    31.49   ? 927  THR A C   1 
ATOM   111  O  O   . THR A 1 15  ? -14.354 -4.342  -9.147  1    28.753  ? 927  THR A O   1 
ATOM   112  C  CB  . THR A 1 15  ? -12.405 -3.424  -6.569  1    31.452  ? 927  THR A CB  1 
ATOM   113  O  OG1 . THR A 1 15  ? -11.092 -2.955  -6.903  1    35.224  ? 927  THR A OG1 1 
ATOM   114  C  CG2 . THR A 1 15  ? -12.420 -4.939  -6.548  1    31.069  ? 927  THR A CG2 1 
ATOM   115  N  N   . LYS A 1 16  ? -12.302 -3.479  -9.580  1    30.625  ? 928  LYS A N   1 
ATOM   116  C  CA  . LYS A 1 16  ? -12.224 -4.188  -10.866 1    31.428  ? 928  LYS A CA  1 
ATOM   117  C  C   . LYS A 1 16  ? -11.777 -5.642  -10.680 1    34.172  ? 928  LYS A C   1 
ATOM   118  O  O   . LYS A 1 16  ? -10.806 -5.923  -9.976  1    35.84   ? 928  LYS A O   1 
ATOM   119  C  CB  . LYS A 1 16  ? -11.241 -3.412  -11.760 1    36.423  ? 928  LYS A CB  1 
ATOM   120  C  CG  . LYS A 1 16  ? -11.100 -4.053  -13.140 1    41.909  ? 928  LYS A CG  1 
ATOM   121  C  CD  . LYS A 1 16  ? -9.971  -3.397  -13.942 1    47.346  ? 928  LYS A CD  1 
ATOM   122  C  CE  . LYS A 1 16  ? -9.990  -1.899  -13.836 1    55.752  ? 928  LYS A CE  1 
ATOM   123  N  NZ  . LYS A 1 16  ? -8.981  -1.189  -14.645 1    78.211  ? 928  LYS A NZ  1 
ATOM   124  N  N   . ASN A 1 17  ? -12.519 -6.576  -11.304 1    31.315  ? 929  ASN A N   1 
ATOM   125  C  CA  . ASN A 1 17  ? -12.177 -7.987  -11.276 1    36.412  ? 929  ASN A CA  1 
ATOM   126  C  C   . ASN A 1 17  ? -11.143 -8.298  -12.378 1    43.463  ? 929  ASN A C   1 
ATOM   127  O  O   . ASN A 1 17  ? -10.907 -7.481  -13.272 1    49.719  ? 929  ASN A O   1 
ATOM   128  C  CB  . ASN A 1 17  ? -13.458 -8.770  -11.500 1    40.5    ? 929  ASN A CB  1 
ATOM   129  C  CG  . ASN A 1 17  ? -13.323 -10.270 -11.490 1    58.584  ? 929  ASN A CG  1 
ATOM   130  O  OD1 . ASN A 1 17  ? -13.161 -10.882 -12.558 1    61.725  ? 929  ASN A OD1 1 
ATOM   131  N  ND2 . ASN A 1 17  ? -13.419 -10.879 -10.320 1    53.414  ? 929  ASN A ND2 1 
ATOM   132  N  N   . ARG A 1 18  ? -10.589 -9.516  -12.308 1    48.344  ? 930  ARG A N   1 
ATOM   133  C  CA  . ARG A 1 18  ? -9.702  -10.165 -13.281 1    57.994  ? 930  ARG A CA  1 
ATOM   134  C  C   . ARG A 1 18  ? -10.198 -10.050 -14.729 1    59.243  ? 930  ARG A C   1 
ATOM   135  O  O   . ARG A 1 18  ? -9.417  -10.066 -15.679 1    67.679  ? 930  ARG A O   1 
ATOM   136  C  CB  . ARG A 1 18  ? -9.684  -11.647 -12.844 1    65.389  ? 930  ARG A CB  1 
ATOM   137  C  CG  . ARG A 1 18  ? -8.572  -12.500 -13.431 1    83.579  ? 930  ARG A CG  1 
ATOM   138  C  CD  . ARG A 1 18  ? -7.506  -11.441 -13.569 1    91.946  ? 930  ARG A CD  1 
ATOM   139  N  NE  . ARG A 1 18  ? -7.318  -10.689 -12.318 1    97.415  ? 930  ARG A NE  1 
ATOM   140  C  CZ  . ARG A 1 18  ? -6.094  -10.553 -11.811 1    98.749  ? 930  ARG A CZ  1 
ATOM   141  N  NH1 . ARG A 1 18  ? -5.062  -11.033 -12.517 1    69.303  ? 930  ARG A NH1 1 
ATOM   142  N  NH2 . ARG A 1 18  ? -5.886  -9.939  -10.642 1    80.259  ? 930  ARG A NH2 1 
ATOM   143  N  N   . ASN A 1 19  ? -11.510 -9.957  -14.903 1    49.492  ? 931  ASN A N   1 
ATOM   144  C  CA  . ASN A 1 19  ? -12.118 -10.060 -16.217 1    47.944  ? 931  ASN A CA  1 
ATOM   145  C  C   . ASN A 1 19  ? -12.344 -8.667  -16.820 1    52.059  ? 931  ASN A C   1 
ATOM   146  O  O   . ASN A 1 19  ? -13.004 -8.565  -17.847 1    54.929  ? 931  ASN A O   1 
ATOM   147  C  CB  . ASN A 1 19  ? -13.369 -10.936 -16.125 1    51.68   ? 931  ASN A CB  1 
ATOM   148  C  CG  . ASN A 1 19  ? -14.465 -10.233 -15.347 1    50.235  ? 931  ASN A CG  1 
ATOM   149  O  OD1 . ASN A 1 19  ? -14.389 -9.011  -15.148 1    46.733  ? 931  ASN A OD1 1 
ATOM   150  N  ND2 . ASN A 1 19  ? -15.469 -10.970 -14.890 1    39.845  ? 931  ASN A ND2 1 
ATOM   151  N  N   . GLY A 1 20  ? -11.834 -7.586  -16.197 1    52.793  ? 932  GLY A N   1 
ATOM   152  C  CA  . GLY A 1 20  ? -12.024 -6.244  -16.753 1    48.694  ? 932  GLY A CA  1 
ATOM   153  C  C   . GLY A 1 20  ? -13.314 -5.510  -16.320 1    53.576  ? 932  GLY A C   1 
ATOM   154  O  O   . GLY A 1 20  ? -13.487 -4.329  -16.624 1    55.891  ? 932  GLY A O   1 
ATOM   155  N  N   . LEU A 1 21  ? -14.251 -6.173  -15.617 1    42.896  ? 933  LEU A N   1 
ATOM   156  C  CA  . LEU A 1 21  ? -15.474 -5.481  -15.202 1    40.993  ? 933  LEU A CA  1 
ATOM   157  C  C   . LEU A 1 21  ? -15.354 -5.060  -13.737 1    36.555  ? 933  LEU A C   1 
ATOM   158  O  O   . LEU A 1 21  ? -14.563 -5.660  -13.004 1    33.082  ? 933  LEU A O   1 
ATOM   159  C  CB  . LEU A 1 21  ? -16.721 -6.348  -15.402 1    39.48   ? 933  LEU A CB  1 
ATOM   160  C  CG  . LEU A 1 21  ? -16.960 -6.771  -16.861 1    43.545  ? 933  LEU A CG  1 
ATOM   161  C  CD1 . LEU A 1 21  ? -18.102 -7.746  -16.964 1    47.071  ? 933  LEU A CD1 1 
ATOM   162  C  CD2 . LEU A 1 21  ? -17.208 -5.526  -17.680 1    44.459  ? 933  LEU A CD2 1 
ATOM   163  N  N   . TYR A 1 22  ? -16.229 -4.129  -13.327 1    34.661  ? 934  TYR A N   1 
ATOM   164  C  CA  . TYR A 1 22  ? -16.230 -3.675  -11.942 1    36.12   ? 934  TYR A CA  1 
ATOM   165  C  C   . TYR A 1 22  ? -17.415 -4.328  -11.268 1    30.716  ? 934  TYR A C   1 
ATOM   166  O  O   . TYR A 1 22  ? -18.473 -4.477  -11.884 1    30.452  ? 934  TYR A O   1 
ATOM   167  C  CB  . TYR A 1 22  ? -16.375 -2.160  -11.800 1    36.597  ? 934  TYR A CB  1 
ATOM   168  C  CG  . TYR A 1 22  ? -15.100 -1.421  -12.157 1    39.962  ? 934  TYR A CG  1 
ATOM   169  C  CD1 . TYR A 1 22  ? -14.747 -1.265  -13.496 1    47.004  ? 934  TYR A CD1 1 
ATOM   170  C  CD2 . TYR A 1 22  ? -14.273 -0.856  -11.189 1    42.096  ? 934  TYR A CD2 1 
ATOM   171  C  CE1 . TYR A 1 22  ? -13.585 -0.606  -13.859 1    50.279  ? 934  TYR A CE1 1 
ATOM   172  C  CE2 . TYR A 1 22  ? -13.106 -0.193  -11.545 1    50.201  ? 934  TYR A CE2 1 
ATOM   173  C  CZ  . TYR A 1 22  ? -12.769 -0.065  -12.886 1    56.556  ? 934  TYR A CZ  1 
ATOM   174  O  OH  . TYR A 1 22  ? -11.658 0.590   -13.326 1    61.53   ? 934  TYR A OH  1 
ATOM   175  N  N   . TYR A 1 23  ? -17.211 -4.779  -9.998  1    27.987  ? 935  TYR A N   1 
ATOM   176  C  CA  . TYR A 1 23  ? -18.293 -5.486  -9.337  1    26.918  ? 935  TYR A CA  1 
ATOM   177  C  C   . TYR A 1 23  ? -18.312 -5.053  -7.874  1    25.183  ? 935  TYR A C   1 
ATOM   178  O  O   . TYR A 1 23  ? -17.297 -4.636  -7.345  1    26.614  ? 935  TYR A O   1 
ATOM   179  C  CB  . TYR A 1 23  ? -17.876 -6.955  -9.183  1    27.2    ? 935  TYR A CB  1 
ATOM   180  C  CG  . TYR A 1 23  ? -17.955 -7.745  -10.492 1    29.279  ? 935  TYR A CG  1 
ATOM   181  C  CD1 . TYR A 1 23  ? -19.137 -8.342  -10.918 1    33.972  ? 935  TYR A CD1 1 
ATOM   182  C  CD2 . TYR A 1 23  ? -16.834 -7.835  -11.299 1    32.411  ? 935  TYR A CD2 1 
ATOM   183  C  CE1 . TYR A 1 23  ? -19.171 -9.043  -12.121 1    37.386  ? 935  TYR A CE1 1 
ATOM   184  C  CE2 . TYR A 1 23  ? -16.856 -8.516  -12.506 1    36.987  ? 935  TYR A CE2 1 
ATOM   185  C  CZ  . TYR A 1 23  ? -18.037 -9.105  -12.918 1    38.542  ? 935  TYR A CZ  1 
ATOM   186  O  OH  . TYR A 1 23  ? -17.974 -9.765  -14.118 1    39.19   ? 935  TYR A OH  1 
ATOM   187  N  N   A ARG A 1 24  ? -19.485 -5.167  -7.251  0.53 29.9    ? 936  ARG A N   1 
ATOM   188  N  N   B ARG A 1 24  ? -19.473 -5.178  -7.224  0.47 29.705  ? 936  ARG A N   1 
ATOM   189  C  CA  A ARG A 1 24  ? -19.522 -5.156  -5.795  0.53 29.157  ? 936  ARG A CA  1 
ATOM   190  C  CA  B ARG A 1 24  ? -19.546 -5.053  -5.770  0.47 28.396  ? 936  ARG A CA  1 
ATOM   191  C  C   A ARG A 1 24  ? -18.758 -6.381  -5.279  0.53 28.954  ? 936  ARG A C   1 
ATOM   192  C  C   B ARG A 1 24  ? -19.026 -6.355  -5.142  0.47 29.409  ? 936  ARG A C   1 
ATOM   193  O  O   A ARG A 1 24  ? -18.665 -7.442  -5.915  0.53 29.543  ? 936  ARG A O   1 
ATOM   194  O  O   B ARG A 1 24  ? -19.357 -7.448  -5.617  0.47 30.198  ? 936  ARG A O   1 
ATOM   195  C  CB  A ARG A 1 24  ? -20.980 -5.239  -5.332  0.53 29.594  ? 936  ARG A CB  1 
ATOM   196  C  CB  B ARG A 1 24  ? -21.027 -4.791  -5.466  0.47 29.416  ? 936  ARG A CB  1 
ATOM   197  C  CG  A ARG A 1 24  ? -21.842 -4.041  -5.693  0.53 33.947  ? 936  ARG A CG  1 
ATOM   198  C  CG  B ARG A 1 24  ? -21.528 -3.526  -6.150  0.47 33.484  ? 936  ARG A CG  1 
ATOM   199  C  CD  A ARG A 1 24  ? -23.314 -4.307  -5.367  0.53 39.438  ? 936  ARG A CD  1 
ATOM   200  C  CD  B ARG A 1 24  ? -23.016 -3.568  -6.517  0.47 45.161  ? 936  ARG A CD  1 
ATOM   201  N  NE  A ARG A 1 24  ? -23.753 -3.603  -4.154  0.53 44.457  ? 936  ARG A NE  1 
ATOM   202  N  NE  B ARG A 1 24  ? -23.826 -2.904  -5.494  0.47 45.032  ? 936  ARG A NE  1 
ATOM   203  C  CZ  A ARG A 1 24  ? -24.294 -4.086  -3.044  0.53 42.217  ? 936  ARG A CZ  1 
ATOM   204  C  CZ  B ARG A 1 24  ? -24.031 -1.599  -5.356  0.47 43.637  ? 936  ARG A CZ  1 
ATOM   205  N  NH1 A ARG A 1 24  ? -24.483 -5.388  -2.887  0.53 32.892  ? 936  ARG A NH1 1 
ATOM   206  N  NH1 B ARG A 1 24  ? -23.726 -0.781  -6.341  0.47 48.361  ? 936  ARG A NH1 1 
ATOM   207  N  NH2 A ARG A 1 24  ? -24.623 -3.238  -2.075  0.53 37.406  ? 936  ARG A NH2 1 
ATOM   208  N  NH2 B ARG A 1 24  ? -24.629 -1.132  -4.265  0.47 38.795  ? 936  ARG A NH2 1 
ATOM   209  N  N   . CYS A 1 25  ? -18.203 -6.236  -4.090  1    27.645  ? 937  CYS A N   1 
ATOM   210  C  CA  . CYS A 1 25  ? -17.500 -7.353  -3.469  1    25.826  ? 937  CYS A CA  1 
ATOM   211  C  C   . CYS A 1 25  ? -17.376 -7.043  -1.976  1    27.001  ? 937  CYS A C   1 
ATOM   212  O  O   . CYS A 1 25  ? -17.651 -5.923  -1.558  1    25.825  ? 937  CYS A O   1 
ATOM   213  C  CB  . CYS A 1 25  ? -16.076 -7.507  -4.036  1    26.481  ? 937  CYS A CB  1 
ATOM   214  S  SG  . CYS A 1 25  ? -15.117 -5.973  -4.089  1    29.793  ? 937  CYS A SG  1 
ATOM   215  N  N   . ARG A 1 26  ? -17.075 -8.053  -1.176  1    23.426  ? 938  ARG A N   1 
ATOM   216  C  CA  . ARG A 1 26  ? -17.073 -7.756  0.257   1    23.415  ? 938  ARG A CA  1 
ATOM   217  C  C   . ARG A 1 26  ? -15.635 -7.865  0.749   1    21.795  ? 938  ARG A C   1 
ATOM   218  O  O   . ARG A 1 26  ? -14.876 -8.753  0.352   1    25.226  ? 938  ARG A O   1 
ATOM   219  C  CB  . ARG A 1 26  ? -18.016 -8.765  0.938   1    26.224  ? 938  ARG A CB  1 
ATOM   220  C  CG  . ARG A 1 26  ? -18.222 -8.220  2.366   1    34.246  ? 938  ARG A CG  1 
ATOM   221  C  CD  . ARG A 1 26  ? -19.304 -8.967  3.148   1    36.983  ? 938  ARG A CD  1 
ATOM   222  N  NE  . ARG A 1 26  ? -20.648 -8.800  2.563   1    38.037  ? 938  ARG A NE  1 
ATOM   223  C  CZ  . ARG A 1 26  ? -21.659 -7.978  2.963   1    39.905  ? 938  ARG A CZ  1 
ATOM   224  N  NH1 . ARG A 1 26  ? -21.501 -7.008  3.888   1    34.221  ? 938  ARG A NH1 1 
ATOM   225  N  NH2 . ARG A 1 26  ? -22.862 -8.141  2.395   1    36.254  ? 938  ARG A NH2 1 
ATOM   226  N  N   . VAL A 1 27  ? -15.272 -6.975  1.684   1    20.351  ? 939  VAL A N   1 
ATOM   227  C  CA  . VAL A 1 27  ? -13.955 -7.030  2.290   1    21.106  ? 939  VAL A CA  1 
ATOM   228  C  C   . VAL A 1 27  ? -13.886 -8.197  3.274   1    27.162  ? 939  VAL A C   1 
ATOM   229  O  O   . VAL A 1 27  ? -14.639 -8.281  4.252   1    25.461  ? 939  VAL A O   1 
ATOM   230  C  CB  . VAL A 1 27  ? -13.643 -5.689  2.978   1    22.737  ? 939  VAL A CB  1 
ATOM   231  C  CG1 . VAL A 1 27  ? -12.298 -5.760  3.714   1    23.253  ? 939  VAL A CG1 1 
ATOM   232  C  CG2 . VAL A 1 27  ? -13.649 -4.559  1.931   1    22.61   ? 939  VAL A CG2 1 
ATOM   233  N  N   . ILE A 1 28  ? -12.917 -9.084  3.063   1    21.684  ? 940  ILE A N   1 
ATOM   234  C  CA  . ILE A 1 28  ? -12.746 -10.252 3.916   1    23.55   ? 940  ILE A CA  1 
ATOM   235  C  C   . ILE A 1 28  ? -11.417 -10.202 4.637   1    25.488  ? 940  ILE A C   1 
ATOM   236  O  O   . ILE A 1 28  ? -11.183 -11.032 5.510   1    25.845  ? 940  ILE A O   1 
ATOM   237  C  CB  . ILE A 1 28  ? -12.893 -11.550 3.106   1    25.184  ? 940  ILE A CB  1 
ATOM   238  C  CG1 . ILE A 1 28  ? -11.811 -11.673 1.976   1    28.845  ? 940  ILE A CG1 1 
ATOM   239  C  CG2 . ILE A 1 28  ? -14.320 -11.646 2.575   1    27.155  ? 940  ILE A CG2 1 
ATOM   240  C  CD1 . ILE A 1 28  ? -11.603 -13.096 1.439   1    26.819  ? 940  ILE A CD1 1 
ATOM   241  N  N   . GLY A 1 29  ? -10.544 -9.238  4.293   1    24.14   ? 941  GLY A N   1 
ATOM   242  C  CA  . GLY A 1 29  ? -9.257  -9.206  4.998   1    24.012  ? 941  GLY A CA  1 
ATOM   243  C  C   . GLY A 1 29  ? -8.654  -7.820  4.866   1    23.871  ? 941  GLY A C   1 
ATOM   244  O  O   . GLY A 1 29  ? -9.045  -7.080  3.974   1    23.532  ? 941  GLY A O   1 
ATOM   245  N  N   . ALA A 1 30  ? -7.840  -7.430  5.866   1    23.383  ? 942  ALA A N   1 
ATOM   246  C  CA  . ALA A 1 30  ? -7.272  -6.087  5.839   1    25.652  ? 942  ALA A CA  1 
ATOM   247  C  C   . ALA A 1 30  ? -5.855  -6.156  6.393   1    28.415  ? 942  ALA A C   1 
ATOM   248  O  O   . ALA A 1 30  ? -5.567  -6.932  7.303   1    29.185  ? 942  ALA A O   1 
ATOM   249  C  CB  . ALA A 1 30  ? -8.138  -5.143  6.691   1    28.776  ? 942  ALA A CB  1 
ATOM   250  N  N   . ALA A 1 31  ? -4.958  -5.340  5.839   1    27.685  ? 943  ALA A N   1 
ATOM   251  C  CA  . ALA A 1 31  ? -3.569  -5.382  6.273   1    30.065  ? 943  ALA A CA  1 
ATOM   252  C  C   . ALA A 1 31  ? -2.973  -3.994  6.081   1    29.466  ? 943  ALA A C   1 
ATOM   253  O  O   . ALA A 1 31  ? -3.559  -3.144  5.389   1    26.746  ? 943  ALA A O   1 
ATOM   254  C  CB  . ALA A 1 31  ? -2.820  -6.480  5.518   1    34.118  ? 943  ALA A CB  1 
ATOM   255  N  N   . SER A 1 32  ? -1.864  -3.740  6.777   1    32.222  ? 944  SER A N   1 
ATOM   256  C  CA  . SER A 1 32  ? -1.165  -2.501  6.494   1    28.041  ? 944  SER A CA  1 
ATOM   257  C  C   . SER A 1 32  ? 0.247   -2.829  6.004   1    29.008  ? 944  SER A C   1 
ATOM   258  O  O   . SER A 1 32  ? 0.784   -3.898  6.287   1    30.381  ? 944  SER A O   1 
ATOM   259  C  CB  . SER A 1 32  ? -1.136  -1.563  7.648   1    32.492  ? 944  SER A CB  1 
ATOM   260  O  OG  . SER A 1 32  ? -0.243  -2.093  8.610   1    39.51   ? 944  SER A OG  1 
ATOM   261  N  N   . GLN A 1 33  ? 0.830   -1.876  5.270   1    28.857  ? 945  GLN A N   1 
ATOM   262  C  CA  . GLN A 1 33  ? 2.124   -2.113  4.644   1    28.6    ? 945  GLN A CA  1 
ATOM   263  C  C   . GLN A 1 33  ? 2.868   -0.804  4.895   1    28.6    ? 945  GLN A C   1 
ATOM   264  O  O   . GLN A 1 33  ? 2.380   0.233   4.490   1    28.632  ? 945  GLN A O   1 
ATOM   265  C  CB  . GLN A 1 33  ? 1.950   -2.379  3.150   1    29.876  ? 945  GLN A CB  1 
ATOM   266  C  CG  . GLN A 1 33  ? 3.286   -2.466  2.405   1    35.059  ? 945  GLN A CG  1 
ATOM   267  C  CD  . GLN A 1 33  ? 3.079   -2.524  0.916   1    40.588  ? 945  GLN A CD  1 
ATOM   268  O  OE1 . GLN A 1 33  ? 2.969   -3.620  0.359   1    39.948  ? 945  GLN A OE1 1 
ATOM   269  N  NE2 . GLN A 1 33  ? 2.893   -1.364  0.294   1    41.754  ? 945  GLN A NE2 1 
ATOM   270  N  N   . THR A 1 34  ? 3.982   -0.866  5.621   1    28.244  ? 946  THR A N   1 
ATOM   271  C  CA  . THR A 1 34  ? 4.770   0.350   5.838   1    30.783  ? 946  THR A CA  1 
ATOM   272  C  C   . THR A 1 34  ? 6.033   0.252   4.979   1    26.364  ? 946  THR A C   1 
ATOM   273  O  O   . THR A 1 34  ? 6.776   -0.714  5.150   1    28.094  ? 946  THR A O   1 
ATOM   274  C  CB  . THR A 1 34  ? 5.136   0.432   7.317   1    34.65   ? 946  THR A CB  1 
ATOM   275  O  OG1 . THR A 1 34  ? 3.910   0.640   8.011   1    32.669  ? 946  THR A OG1 1 
ATOM   276  C  CG2 . THR A 1 34  ? 6.001   1.641   7.619   1    33.515  ? 946  THR A CG2 1 
ATOM   277  N  N   . CYS A 1 35  ? 6.240   1.244   4.108   1    28.237  ? 947  CYS A N   1 
ATOM   278  C  CA  . CYS A 1 35  ? 7.450   1.297   3.293   1    25.667  ? 947  CYS A CA  1 
ATOM   279  C  C   . CYS A 1 35  ? 8.100   2.680   3.490   1    27.973  ? 947  CYS A C   1 
ATOM   280  O  O   . CYS A 1 35  ? 7.402   3.678   3.626   1    30.767  ? 947  CYS A O   1 
ATOM   281  C  CB  . CYS A 1 35  ? 7.055   1.330   1.832   1    24.755  ? 947  CYS A CB  1 
ATOM   282  S  SG  . CYS A 1 35  ? 6.358   -0.287  1.298   1    36.842  ? 947  CYS A SG  1 
ATOM   283  N  N   . TYR A 1 36  ? 9.416   2.705   3.365   1    27.976  ? 948  TYR A N   1 
ATOM   284  C  CA  . TYR A 1 36  ? 10.137  3.972   3.433   1    27.223  ? 948  TYR A CA  1 
ATOM   285  C  C   . TYR A 1 36  ? 10.482  4.451   2.038   1    32.472  ? 948  TYR A C   1 
ATOM   286  O  O   . TYR A 1 36  ? 10.685  3.626   1.122   1    26.868  ? 948  TYR A O   1 
ATOM   287  C  CB  . TYR A 1 36  ? 11.420  3.691   4.217   1    27.551  ? 948  TYR A CB  1 
ATOM   288  C  CG  . TYR A 1 36  ? 11.270  3.446   5.700   1    27.859  ? 948  TYR A CG  1 
ATOM   289  C  CD1 . TYR A 1 36  ? 10.010  3.540   6.336   1    27.684  ? 948  TYR A CD1 1 
ATOM   290  C  CD2 . TYR A 1 36  ? 12.391  3.110   6.448   1    29.532  ? 948  TYR A CD2 1 
ATOM   291  C  CE1 . TYR A 1 36  ? 9.922   3.364   7.718   1    32.002  ? 948  TYR A CE1 1 
ATOM   292  C  CE2 . TYR A 1 36  ? 12.294  2.896   7.815   1    33.01   ? 948  TYR A CE2 1 
ATOM   293  C  CZ  . TYR A 1 36  ? 11.058  3.031   8.436   1    32.858  ? 948  TYR A CZ  1 
ATOM   294  O  OH  . TYR A 1 36  ? 11.003  2.837   9.793   1    35.933  ? 948  TYR A OH  1 
ATOM   295  N  N   A GLU A 1 37  ? 10.633  5.780   1.913   0.5  28.324  ? 949  GLU A N   1 
ATOM   296  N  N   B GLU A 1 37  ? 10.497  5.790   1.877   0.5  27.965  ? 949  GLU A N   1 
ATOM   297  C  CA  A GLU A 1 37  ? 11.027  6.431   0.674   0.5  26.583  ? 949  GLU A CA  1 
ATOM   298  C  CA  B GLU A 1 37  ? 11.085  6.407   0.696   0.5  25.727  ? 949  GLU A CA  1 
ATOM   299  C  C   A GLU A 1 37  ? 12.421  7.031   0.867   0.5  26.574  ? 949  GLU A C   1 
ATOM   300  C  C   B GLU A 1 37  ? 12.509  6.848   1.035   0.5  26.384  ? 949  GLU A C   1 
ATOM   301  O  O   A GLU A 1 37  ? 12.600  7.847   1.780   0.5  27.583  ? 949  GLU A O   1 
ATOM   302  O  O   B GLU A 1 37  ? 12.787  7.373   2.141   0.5  22.499  ? 949  GLU A O   1 
ATOM   303  C  CB  A GLU A 1 37  ? 9.974   7.507   0.414   0.5  26.911  ? 949  GLU A CB  1 
ATOM   304  C  CB  B GLU A 1 37  ? 10.237  7.475   0.002   0.5  26.234  ? 949  GLU A CB  1 
ATOM   305  C  CG  A GLU A 1 37  ? 10.278  8.270   -0.866  0.5  29.985  ? 949  GLU A CG  1 
ATOM   306  C  CG  B GLU A 1 37  ? 10.902  7.964   -1.283  0.5  28.405  ? 949  GLU A CG  1 
ATOM   307  C  CD  A GLU A 1 37  ? 9.578   9.592   -1.061  0.5  41.863  ? 949  GLU A CD  1 
ATOM   308  C  CD  B GLU A 1 37  ? 10.040  8.664   -2.320  0.5  32.206  ? 949  GLU A CD  1 
ATOM   309  O  OE1 A GLU A 1 37  ? 8.566   9.872   -0.357  0.5  49.793  ? 949  GLU A OE1 1 
ATOM   310  O  OE1 B GLU A 1 37  ? 10.022  8.200   -3.470  0.5  39.078  ? 949  GLU A OE1 1 
ATOM   311  O  OE2 A GLU A 1 37  ? 10.105  10.358  -1.904  0.5  36.122  ? 949  GLU A OE2 1 
ATOM   312  O  OE2 B GLU A 1 37  ? 9.417   9.680   -2.021  0.5  35.93   ? 949  GLU A OE2 1 
ATOM   313  N  N   . VAL A 1 38  ? 13.417  6.533   0.092   1    24.411  ? 950  VAL A N   1 
ATOM   314  C  CA  . VAL A 1 38  ? 14.833  6.913   0.296   1    27.58   ? 950  VAL A CA  1 
ATOM   315  C  C   . VAL A 1 38  ? 15.342  7.383   -1.046  1    30.519  ? 950  VAL A C   1 
ATOM   316  O  O   . VAL A 1 38  ? 14.888  6.873   -2.050  1    24.72   ? 950  VAL A O   1 
ATOM   317  C  CB  . VAL A 1 38  ? 15.798  5.852   0.863   1    26.113  ? 950  VAL A CB  1 
ATOM   318  C  CG1 . VAL A 1 38  ? 15.358  5.432   2.260   1    29.089  ? 950  VAL A CG1 1 
ATOM   319  C  CG2 . VAL A 1 38  ? 15.866  4.564   0.004   1    30.893  ? 950  VAL A CG2 1 
ATOM   320  N  N   A ASN A 1 39  ? 16.313  8.322   -1.032  0.53 26.488  ? 951  ASN A N   1 
ATOM   321  N  N   B ASN A 1 39  ? 16.230  8.402   -1.044  0.47 27.749  ? 951  ASN A N   1 
ATOM   322  C  CA  A ASN A 1 39  ? 16.855  8.912   -2.239  0.53 27.153  ? 951  ASN A CA  1 
ATOM   323  C  CA  B ASN A 1 39  ? 16.831  8.923   -2.259  0.47 28.891  ? 951  ASN A CA  1 
ATOM   324  C  C   A ASN A 1 39  ? 18.309  8.469   -2.318  0.53 27.181  ? 951  ASN A C   1 
ATOM   325  C  C   B ASN A 1 39  ? 18.280  8.438   -2.300  0.47 27.98   ? 951  ASN A C   1 
ATOM   326  O  O   A ASN A 1 39  ? 19.108  8.771   -1.425  0.53 26.287  ? 951  ASN A O   1 
ATOM   327  O  O   B ASN A 1 39  ? 19.065  8.710   -1.383  0.47 27.137  ? 951  ASN A O   1 
ATOM   328  C  CB  A ASN A 1 39  ? 16.726  10.437  -2.183  0.53 27.943  ? 951  ASN A CB  1 
ATOM   329  C  CB  B ASN A 1 39  ? 16.788  10.455  -2.327  0.47 31.141  ? 951  ASN A CB  1 
ATOM   330  C  CG  A ASN A 1 39  ? 17.163  11.194  -3.418  0.53 25.767  ? 951  ASN A CG  1 
ATOM   331  C  CG  B ASN A 1 39  ? 15.411  11.065  -2.508  0.47 34.363  ? 951  ASN A CG  1 
ATOM   332  O  OD1 A ASN A 1 39  ? 17.409  12.398  -3.295  0.53 29.677  ? 951  ASN A OD1 1 
ATOM   333  O  OD1 B ASN A 1 39  ? 14.396  10.384  -2.687  0.47 28.678  ? 951  ASN A OD1 1 
ATOM   334  N  ND2 A ASN A 1 39  ? 17.279  10.585  -4.600  0.53 29.257  ? 951  ASN A ND2 1 
ATOM   335  N  ND2 B ASN A 1 39  ? 15.352  12.385  -2.488  0.47 32.972  ? 951  ASN A ND2 1 
ATOM   336  N  N   . PHE A 1 40  ? 18.631  7.702   -3.355  1    24.75   ? 952  PHE A N   1 
ATOM   337  C  CA  . PHE A 1 40  ? 19.984  7.159   -3.500  1    23.726  ? 952  PHE A CA  1 
ATOM   338  C  C   . PHE A 1 40  ? 20.931  8.272   -3.984  1    25.771  ? 952  PHE A C   1 
ATOM   339  O  O   . PHE A 1 40  ? 20.500  9.283   -4.555  1    25.529  ? 952  PHE A O   1 
ATOM   340  C  CB  . PHE A 1 40  ? 19.948  6.047   -4.559  1    22.916  ? 952  PHE A CB  1 
ATOM   341  C  CG  . PHE A 1 40  ? 19.240  4.826   -3.962  1    26.78   ? 952  PHE A CG  1 
ATOM   342  C  CD1 . PHE A 1 40  ? 19.906  4.031   -3.024  1    30.106  ? 952  PHE A CD1 1 
ATOM   343  C  CD2 . PHE A 1 40  ? 17.943  4.484   -4.366  1    28.656  ? 952  PHE A CD2 1 
ATOM   344  C  CE1 . PHE A 1 40  ? 19.264  2.925   -2.435  1    34.972  ? 952  PHE A CE1 1 
ATOM   345  C  CE2 . PHE A 1 40  ? 17.313  3.361   -3.814  1    31.825  ? 952  PHE A CE2 1 
ATOM   346  C  CZ  . PHE A 1 40  ? 17.976  2.607   -2.822  1    30.21   ? 952  PHE A CZ  1 
ATOM   347  N  N   . ASP A 1 41  ? 22.240  8.007   -3.849  1    25.43   ? 953  ASP A N   1 
ATOM   348  C  CA  . ASP A 1 41  ? 23.204  9.058   -4.246  1    26.848  ? 953  ASP A CA  1 
ATOM   349  C  C   . ASP A 1 41  ? 23.352  9.193   -5.758  1    27.988  ? 953  ASP A C   1 
ATOM   350  O  O   . ASP A 1 41  ? 24.029  10.096  -6.241  1    26.465  ? 953  ASP A O   1 
ATOM   351  C  CB  . ASP A 1 41  ? 24.545  8.730   -3.631  1    26.104  ? 953  ASP A CB  1 
ATOM   352  C  CG  . ASP A 1 41  ? 24.633  9.002   -2.140  1    30.734  ? 953  ASP A CG  1 
ATOM   353  O  OD1 . ASP A 1 41  ? 23.745  9.709   -1.594  1    33.063  ? 953  ASP A OD1 1 
ATOM   354  O  OD2 . ASP A 1 41  ? 25.629  8.569   -1.551  1    33.236  ? 953  ASP A OD2 1 
ATOM   355  N  N   . ASP A 1 42  ? 22.726  8.321   -6.576  1    25.349  ? 954  ASP A N   1 
ATOM   356  C  CA  . ASP A 1 42  ? 22.778  8.539   -8.004  1    28.575  ? 954  ASP A CA  1 
ATOM   357  C  C   . ASP A 1 42  ? 21.544  9.284   -8.505  1    26.505  ? 954  ASP A C   1 
ATOM   358  O  O   . ASP A 1 42  ? 21.323  9.355   -9.704  1    33.208  ? 954  ASP A O   1 
ATOM   359  C  CB  . ASP A 1 42  ? 22.909  7.203   -8.688  1    29.824  ? 954  ASP A CB  1 
ATOM   360  C  CG  . ASP A 1 42  ? 21.703  6.301   -8.442  1    30.883  ? 954  ASP A CG  1 
ATOM   361  O  OD1 . ASP A 1 42  ? 20.763  6.679   -7.707  1    28.014  ? 954  ASP A OD1 1 
ATOM   362  O  OD2 . ASP A 1 42  ? 21.725  5.218   -9.007  1    34.151  ? 954  ASP A OD2 1 
ATOM   363  N  N   . GLY A 1 43  ? 20.736  9.800   -7.595  1    25.278  ? 955  GLY A N   1 
ATOM   364  C  CA  . GLY A 1 43  ? 19.582  10.597  -8.004  1    29.09   ? 955  GLY A CA  1 
ATOM   365  C  C   . GLY A 1 43  ? 18.277  9.765   -8.120  1    33.808  ? 955  GLY A C   1 
ATOM   366  O  O   . GLY A 1 43  ? 17.203  10.352  -8.244  1    36.531  ? 955  GLY A O   1 
ATOM   367  N  N   . SER A 1 44  ? 18.368  8.431   -7.966  1    26.423  ? 956  SER A N   1 
ATOM   368  C  CA  . SER A 1 44  ? 17.158  7.575   -8.057  1    26.358  ? 956  SER A CA  1 
ATOM   369  C  C   . SER A 1 44  ? 16.530  7.466   -6.673  1    26.976  ? 956  SER A C   1 
ATOM   370  O  O   . SER A 1 44  ? 17.056  7.985   -5.671  1    23.428  ? 956  SER A O   1 
ATOM   371  C  CB  . SER A 1 44  ? 17.570  6.193   -8.600  1    26.416  ? 956  SER A CB  1 
ATOM   372  O  OG  . SER A 1 44  ? 18.400  5.557   -7.646  1    26.372  ? 956  SER A OG  1 
ATOM   373  N  N   A TYR A 1 45  ? 15.406  6.731   -6.581  0.51 23.908  ? 957  TYR A N   1 
ATOM   374  N  N   B TYR A 1 45  ? 15.377  6.774   -6.564  0.49 22.691  ? 957  TYR A N   1 
ATOM   375  C  CA  A TYR A 1 45  ? 14.801  6.513   -5.282  0.51 23.221  ? 957  TYR A CA  1 
ATOM   376  C  CA  B TYR A 1 45  ? 14.783  6.593   -5.249  0.49 21.198  ? 957  TYR A CA  1 
ATOM   377  C  C   A TYR A 1 45  ? 14.217  5.100   -5.179  0.51 25.954  ? 957  TYR A C   1 
ATOM   378  C  C   B TYR A 1 45  ? 13.987  5.281   -5.210  0.49 23.67   ? 957  TYR A C   1 
ATOM   379  O  O   A TYR A 1 45  ? 14.189  4.321   -6.128  0.51 24.818  ? 957  TYR A O   1 
ATOM   380  O  O   B TYR A 1 45  ? 13.683  4.706   -6.265  0.49 21.238  ? 957  TYR A O   1 
ATOM   381  C  CB  A TYR A 1 45  ? 13.508  7.332   -5.190  0.51 27.272  ? 957  TYR A CB  1 
ATOM   382  C  CB  B TYR A 1 45  ? 13.842  7.766   -4.935  0.49 24.629  ? 957  TYR A CB  1 
ATOM   383  C  CG  A TYR A 1 45  ? 13.641  8.848   -5.173  0.51 27.807  ? 957  TYR A CG  1 
ATOM   384  C  CG  B TYR A 1 45  ? 12.516  7.821   -5.686  0.49 22.5    ? 957  TYR A CG  1 
ATOM   385  C  CD1 A TYR A 1 45  ? 13.775  9.582   -6.351  0.51 29.21   ? 957  TYR A CD1 1 
ATOM   386  C  CD1 B TYR A 1 45  ? 12.414  8.301   -6.994  0.49 24.607  ? 957  TYR A CD1 1 
ATOM   387  C  CD2 A TYR A 1 45  ? 13.639  9.544   -3.974  0.51 27.579  ? 957  TYR A CD2 1 
ATOM   388  C  CD2 B TYR A 1 45  ? 11.347  7.402   -5.051  0.49 22.256  ? 957  TYR A CD2 1 
ATOM   389  C  CE1 A TYR A 1 45  ? 13.892  10.967  -6.338  0.51 32.379  ? 957  TYR A CE1 1 
ATOM   390  C  CE1 B TYR A 1 45  ? 11.188  8.340   -7.653  0.49 25.701  ? 957  TYR A CE1 1 
ATOM   391  C  CE2 A TYR A 1 45  ? 13.753  10.930  -3.951  0.51 32.178  ? 957  TYR A CE2 1 
ATOM   392  C  CE2 B TYR A 1 45  ? 10.128  7.427   -5.702  0.49 24.494  ? 957  TYR A CE2 1 
ATOM   393  C  CZ  A TYR A 1 45  ? 13.869  11.642  -5.131  0.51 33.622  ? 957  TYR A CZ  1 
ATOM   394  C  CZ  B TYR A 1 45  ? 10.038  7.934   -6.988  0.49 28.072  ? 957  TYR A CZ  1 
ATOM   395  O  OH  A TYR A 1 45  ? 13.985  13.005  -5.103  0.51 31.142  ? 957  TYR A OH  1 
ATOM   396  O  OH  B TYR A 1 45  ? 8.790   7.959   -7.554  0.49 30.702  ? 957  TYR A OH  1 
ATOM   397  N  N   . SER A 1 46  ? 13.741  4.802   -3.981  1    25.579  ? 958  SER A N   1 
ATOM   398  C  CA  . SER A 1 46  ? 12.808  3.700   -3.784  1    25.804  ? 958  SER A CA  1 
ATOM   399  C  C   . SER A 1 46  ? 11.748  4.204   -2.839  1    29.405  ? 958  SER A C   1 
ATOM   400  O  O   . SER A 1 46  ? 12.092  4.822   -1.830  1    31.81   ? 958  SER A O   1 
ATOM   401  C  CB  . SER A 1 46  ? 13.490  2.470   -3.250  1    27.07   ? 958  SER A CB  1 
ATOM   402  O  OG  . SER A 1 46  ? 12.464  1.552   -2.811  1    30.161  ? 958  SER A OG  1 
ATOM   403  N  N   . ASP A 1 47  ? 10.479  3.989   -3.187  1    25.778  ? 959  ASP A N   1 
ATOM   404  C  CA  . ASP A 1 47  ? 9.460   4.264   -2.183  1    25.629  ? 959  ASP A CA  1 
ATOM   405  C  C   . ASP A 1 47  ? 8.837   2.961   -1.661  1    28.491  ? 959  ASP A C   1 
ATOM   406  O  O   . ASP A 1 47  ? 7.786   3.014   -0.998  1    27.659  ? 959  ASP A O   1 
ATOM   407  C  CB  . ASP A 1 47  ? 8.438   5.250   -2.729  1    28.422  ? 959  ASP A CB  1 
ATOM   408  C  CG  . ASP A 1 47  ? 7.646   4.787   -3.942  1    33.817  ? 959  ASP A CG  1 
ATOM   409  O  OD1 . ASP A 1 47  ? 7.780   3.605   -4.323  1    35.577  ? 959  ASP A OD1 1 
ATOM   410  O  OD2 . ASP A 1 47  ? 6.914   5.607   -4.526  1    39.7    ? 959  ASP A OD2 1 
ATOM   411  N  N   . ASN A 1 48  ? 9.561   1.858   -1.841  1    24.06   ? 960  ASN A N   1 
ATOM   412  C  CA  . ASN A 1 48  ? 9.057   0.517   -1.502  1    27.785  ? 960  ASN A CA  1 
ATOM   413  C  C   . ASN A 1 48  ? 9.966   -0.130  -0.473  1    26.828  ? 960  ASN A C   1 
ATOM   414  O  O   . ASN A 1 48  ? 9.900   -1.332  -0.268  1    26.591  ? 960  ASN A O   1 
ATOM   415  C  CB  . ASN A 1 48  ? 9.143   -0.355  -2.772  1    28.146  ? 960  ASN A CB  1 
ATOM   416  C  CG  . ASN A 1 48  ? 7.990   -0.069  -3.703  1    33.096  ? 960  ASN A CG  1 
ATOM   417  O  OD1 . ASN A 1 48  ? 6.888   0.184   -3.218  1    34.759  ? 960  ASN A OD1 1 
ATOM   418  N  ND2 . ASN A 1 48  ? 8.193   -0.044  -5.024  1    33.385  ? 960  ASN A ND2 1 
ATOM   419  N  N   . LEU A 1 49  ? 10.799  0.647   0.252   1    25.862  ? 961  LEU A N   1 
ATOM   420  C  CA  . LEU A 1 49  ? 11.883  0.033   1.016   1    24.155  ? 961  LEU A CA  1 
ATOM   421  C  C   . LEU A 1 49  ? 11.319  -0.600  2.292   1    24.367  ? 961  LEU A C   1 
ATOM   422  O  O   . LEU A 1 49  ? 10.540  0.042   3.014   1    26.249  ? 961  LEU A O   1 
ATOM   423  C  CB  . LEU A 1 49  ? 12.906  1.120   1.380   1    26.147  ? 961  LEU A CB  1 
ATOM   424  C  CG  . LEU A 1 49  ? 14.214  0.575   1.938   1    28.002  ? 961  LEU A CG  1 
ATOM   425  C  CD1 . LEU A 1 49  ? 15.109  0.221   0.748   1    27.354  ? 961  LEU A CD1 1 
ATOM   426  C  CD2 . LEU A 1 49  ? 14.935  1.622   2.860   1    29.504  ? 961  LEU A CD2 1 
ATOM   427  N  N   . TYR A 1 50  ? 11.754  -1.824  2.592   1    25.045  ? 962  TYR A N   1 
ATOM   428  C  CA  . TYR A 1 50  ? 11.386  -2.449  3.845   1    25.591  ? 962  TYR A CA  1 
ATOM   429  C  C   . TYR A 1 50  ? 12.102  -1.712  4.982   1    29.313  ? 962  TYR A C   1 
ATOM   430  O  O   . TYR A 1 50  ? 13.318  -1.433  4.899   1    30.28   ? 962  TYR A O   1 
ATOM   431  C  CB  . TYR A 1 50  ? 12.038  -3.827  3.914   1    26.396  ? 962  TYR A CB  1 
ATOM   432  C  CG  . TYR A 1 50  ? 11.555  -4.800  2.827   1    26.465  ? 962  TYR A CG  1 
ATOM   433  C  CD1 . TYR A 1 50  ? 10.204  -5.018  2.636   1    28.987  ? 962  TYR A CD1 1 
ATOM   434  C  CD2 . TYR A 1 50  ? 12.472  -5.513  2.056   1    28.528  ? 962  TYR A CD2 1 
ATOM   435  C  CE1 . TYR A 1 50  ? 9.764   -5.899  1.657   1    27.922  ? 962  TYR A CE1 1 
ATOM   436  C  CE2 . TYR A 1 50  ? 12.041  -6.433  1.095   1    26.256  ? 962  TYR A CE2 1 
ATOM   437  C  CZ  . TYR A 1 50  ? 10.683  -6.604  0.904   1    28.408  ? 962  TYR A CZ  1 
ATOM   438  O  OH  . TYR A 1 50  ? 10.228  -7.423  -0.100  1    26.314  ? 962  TYR A OH  1 
ATOM   439  N  N   . PRO A 1 51  ? 11.363  -1.327  6.052   1    29.192  ? 963  PRO A N   1 
ATOM   440  C  CA  . PRO A 1 51  ? 11.994  -0.670  7.211   1    31.537  ? 963  PRO A CA  1 
ATOM   441  C  C   . PRO A 1 51  ? 13.179  -1.426  7.771   1    33.136  ? 963  PRO A C   1 
ATOM   442  O  O   . PRO A 1 51  ? 14.156  -0.810  8.249   1    34.62   ? 963  PRO A O   1 
ATOM   443  C  CB  . PRO A 1 51  ? 10.864  -0.532  8.210   1    30.458  ? 963  PRO A CB  1 
ATOM   444  C  CG  . PRO A 1 51  ? 9.619   -0.441  7.330   1    32.764  ? 963  PRO A CG  1 
ATOM   445  C  CD  . PRO A 1 51  ? 9.907   -1.410  6.178   1    27.118  ? 963  PRO A CD  1 
ATOM   446  N  N   . GLU A 1 52  ? 13.135  -2.764  7.657   1    31.29   ? 964  GLU A N   1 
ATOM   447  C  CA  . GLU A 1 52  ? 14.205  -3.653  8.112   1    32.002  ? 964  GLU A CA  1 
ATOM   448  C  C   . GLU A 1 52  ? 15.532  -3.464  7.366   1    35.65   ? 964  GLU A C   1 
ATOM   449  O  O   . GLU A 1 52  ? 16.601  -3.897  7.846   1    36.607  ? 964  GLU A O   1 
ATOM   450  C  CB  . GLU A 1 52  ? 13.906  -5.151  7.989   1    38.901  ? 964  GLU A CB  1 
ATOM   451  C  CG  . GLU A 1 52  ? 12.649  -5.578  8.749   1    40.69   ? 964  GLU A CG  1 
ATOM   452  C  CD  . GLU A 1 52  ? 11.296  -5.491  8.033   1    46.436  ? 964  GLU A CD  1 
ATOM   453  O  OE1 . GLU A 1 52  ? 11.028  -4.518  7.326   1    38.473  ? 964  GLU A OE1 1 
ATOM   454  O  OE2 . GLU A 1 52  ? 10.449  -6.385  8.236   1    46.062  ? 964  GLU A OE2 1 
ATOM   455  N  N   A SER A 1 53  ? 15.454  -2.832  6.191   0.54 31.063  ? 965  SER A N   1 
ATOM   456  N  N   B SER A 1 53  ? 15.485  -2.903  6.161   0.46 32.669  ? 965  SER A N   1 
ATOM   457  C  CA  A SER A 1 53  ? 16.577  -2.657  5.287   0.54 27.17   ? 965  SER A CA  1 
ATOM   458  C  CA  B SER A 1 53  ? 16.710  -2.808  5.392   0.46 30.386  ? 965  SER A CA  1 
ATOM   459  C  C   A SER A 1 53  ? 17.529  -1.577  5.804   0.54 29.937  ? 965  SER A C   1 
ATOM   460  C  C   B SER A 1 53  ? 17.605  -1.707  5.973   0.46 32.126  ? 965  SER A C   1 
ATOM   461  O  O   A SER A 1 53  ? 18.685  -1.534  5.392   0.54 30.5    ? 965  SER A O   1 
ATOM   462  O  O   B SER A 1 53  ? 18.810  -1.773  5.767   0.46 31.162  ? 965  SER A O   1 
ATOM   463  C  CB  A SER A 1 53  ? 16.111  -2.316  3.908   0.54 32.136  ? 965  SER A CB  1 
ATOM   464  C  CB  B SER A 1 53  ? 16.449  -2.568  3.945   0.46 38.151  ? 965  SER A CB  1 
ATOM   465  O  OG  A SER A 1 53  ? 15.515  -3.486  3.367   0.54 35.294  ? 965  SER A OG  1 
ATOM   466  O  OG  B SER A 1 53  ? 15.873  -1.286  3.830   0.46 39.847  ? 965  SER A OG  1 
ATOM   467  N  N   . ILE A 1 54  ? 17.028  -0.740  6.703   1    33.169  ? 966  ILE A N   1 
ATOM   468  C  CA  . ILE A 1 54  ? 17.855  0.343   7.255   1    35.505  ? 966  ILE A CA  1 
ATOM   469  C  C   . ILE A 1 54  ? 18.818  -0.212  8.310   1    37.915  ? 966  ILE A C   1 
ATOM   470  O  O   . ILE A 1 54  ? 18.387  -0.861  9.264   1    37.777  ? 966  ILE A O   1 
ATOM   471  C  CB  . ILE A 1 54  ? 17.033  1.563   7.673   1    35.811  ? 966  ILE A CB  1 
ATOM   472  C  CG1 . ILE A 1 54  ? 16.516  2.254   6.360   1    37.629  ? 966  ILE A CG1 1 
ATOM   473  C  CG2 . ILE A 1 54  ? 17.913  2.529   8.496   1    35.117  ? 966  ILE A CG2 1 
ATOM   474  C  CD1 . ILE A 1 54  ? 15.735  3.524   6.557   1    50.501  ? 966  ILE A CD1 1 
ATOM   475  N  N   . THR A 1 55  ? 20.129  0.006   8.070   1    33.556  ? 967  THR A N   1 
ATOM   476  C  CA  . THR A 1 55  ? 21.173  -0.611  8.878   1    37.681  ? 967  THR A CA  1 
ATOM   477  C  C   . THR A 1 55  ? 21.843  0.414   9.799   1    40.095  ? 967  THR A C   1 
ATOM   478  O  O   . THR A 1 55  ? 22.529  0.008   10.724  1    45.921  ? 967  THR A O   1 
ATOM   479  C  CB  . THR A 1 55  ? 22.227  -1.326  8.043   1    40.345  ? 967  THR A CB  1 
ATOM   480  O  OG1 . THR A 1 55  ? 22.684  -0.337  7.128   1    40.722  ? 967  THR A OG1 1 
ATOM   481  C  CG2 . THR A 1 55  ? 21.697  -2.587  7.385   1    42.575  ? 967  THR A CG2 1 
ATOM   482  N  N   . SER A 1 56  ? 21.595  1.707   9.588   1    39.227  ? 968  SER A N   1 
ATOM   483  C  CA  . SER A 1 56  ? 22.211  2.756   10.401  1    44.938  ? 968  SER A CA  1 
ATOM   484  C  C   . SER A 1 56  ? 21.338  3.103   11.614  1    49.515  ? 968  SER A C   1 
ATOM   485  O  O   . SER A 1 56  ? 21.713  3.907   12.475  1    47.631  ? 968  SER A O   1 
ATOM   486  C  CB  . SER A 1 56  ? 22.515  3.943   9.528   1    37.976  ? 968  SER A CB  1 
ATOM   487  O  OG  . SER A 1 56  ? 21.313  4.506   8.999   1    40.185  ? 968  SER A OG  1 
ATOM   488  N  N   . ARG A 1 57  ? 20.164  2.463   11.701  1    41.295  ? 969  ARG A N   1 
ATOM   489  C  CA  . ARG A 1 57  ? 19.204  2.654   12.776  1    42.337  ? 969  ARG A CA  1 
ATOM   490  C  C   . ARG A 1 57  ? 18.307  1.411   12.821  1    54.455  ? 969  ARG A C   1 
ATOM   491  O  O   . ARG A 1 57  ? 17.986  0.833   11.782  1    44.521  ? 969  ARG A O   1 
ATOM   492  C  CB  . ARG A 1 57  ? 18.367  3.911   12.515  1    43.326  ? 969  ARG A CB  1 
ATOM   493  C  CG  . ARG A 1 57  ? 17.104  4.046   13.359  1    43.283  ? 969  ARG A CG  1 
ATOM   494  C  CD  . ARG A 1 57  ? 16.309  5.267   12.990  1    42.148  ? 969  ARG A CD  1 
ATOM   495  N  NE  . ARG A 1 57  ? 15.220  5.472   13.946  1    47.763  ? 969  ARG A NE  1 
ATOM   496  C  CZ  . ARG A 1 57  ? 15.315  6.346   14.950  1    54.8    ? 969  ARG A CZ  1 
ATOM   497  N  NH1 . ARG A 1 57  ? 16.469  6.948   15.173  1    50.031  ? 969  ARG A NH1 1 
ATOM   498  N  NH2 . ARG A 1 57  ? 14.281  6.597   15.735  1    44.554  ? 969  ARG A NH2 1 
ATOM   499  N  N   . ASP A 1 58  ? 17.878  1.012   14.022  1    49.761  ? 970  ASP A N   1 
ATOM   500  C  CA  . ASP A 1 58  ? 17.008  -0.143  14.164  1    46.387  ? 970  ASP A CA  1 
ATOM   501  C  C   . ASP A 1 58  ? 15.559  0.324   14.115  1    51.897  ? 970  ASP A C   1 
ATOM   502  O  O   . ASP A 1 58  ? 14.942  0.607   15.146  1    45.856  ? 970  ASP A O   1 
ATOM   503  C  CB  . ASP A 1 58  ? 17.390  -0.967  15.379  1    50.78   ? 970  ASP A CB  1 
ATOM   504  C  CG  . ASP A 1 58  ? 16.564  -2.219  15.577  1    56.953  ? 970  ASP A CG  1 
ATOM   505  O  OD1 . ASP A 1 58  ? 15.478  -2.316  14.937  1    49.462  ? 970  ASP A OD1 1 
ATOM   506  O  OD2 . ASP A 1 58  ? 17.038  -3.084  16.347  1    56.381  ? 970  ASP A OD2 1 
ATOM   507  N  N   . CYS A 1 59  ? 15.017  0.390   12.888  1    39.309  ? 971  CYS A N   1 
ATOM   508  C  CA  . CYS A 1 59  ? 13.796  1.133   12.672  1    37.938  ? 971  CYS A CA  1 
ATOM   509  C  C   . CYS A 1 59  ? 12.594  0.350   13.192  1    38.652  ? 971  CYS A C   1 
ATOM   510  O  O   . CYS A 1 59  ? 11.561  0.947   13.494  1    41.933  ? 971  CYS A O   1 
ATOM   511  C  CB  . CYS A 1 59  ? 13.661  1.476   11.192  1    39.184  ? 971  CYS A CB  1 
ATOM   512  S  SG  . CYS A 1 59  ? 14.890  2.710   10.702  1    41.139  ? 971  CYS A SG  1 
ATOM   513  N  N   . VAL A 1 60  ? 12.727  -0.974  13.239  1    40.591  ? 972  VAL A N   1 
ATOM   514  C  CA  . VAL A 1 60  ? 11.673  -1.803  13.800  1    46.201  ? 972  VAL A CA  1 
ATOM   515  C  C   . VAL A 1 60  ? 11.498  -1.465  15.287  1    51.914  ? 972  VAL A C   1 
ATOM   516  O  O   . VAL A 1 60  ? 10.369  -1.315  15.745  1    47.983  ? 972  VAL A O   1 
ATOM   517  C  CB  . VAL A 1 60  ? 11.939  -3.299  13.557  1    46.449  ? 972  VAL A CB  1 
ATOM   518  C  CG1 . VAL A 1 60  ? 11.045  -4.198  14.425  1    49.7    ? 972  VAL A CG1 1 
ATOM   519  C  CG2 . VAL A 1 60  ? 11.705  -3.645  12.084  1    46.453  ? 972  VAL A CG2 1 
ATOM   520  N  N   . GLN A 1 61  ? 12.609  -1.298  16.019  1    55.579  ? 973  GLN A N   1 
ATOM   521  C  CA  . GLN A 1 61  ? 12.539  -0.994  17.447  1    58.047  ? 973  GLN A CA  1 
ATOM   522  C  C   . GLN A 1 61  ? 12.197  0.481   17.659  1    61.904  ? 973  GLN A C   1 
ATOM   523  O  O   . GLN A 1 61  ? 11.303  0.793   18.434  1    61.126  ? 973  GLN A O   1 
ATOM   524  C  CB  . GLN A 1 61  ? 13.820  -1.301  18.220  1    58.398  ? 973  GLN A CB  1 
ATOM   525  C  CG  . GLN A 1 61  ? 14.356  -2.718  18.041  1    68.388  ? 973  GLN A CG  1 
ATOM   526  C  CD  . GLN A 1 61  ? 13.427  -3.801  18.547  1    81.455  ? 973  GLN A CD  1 
ATOM   527  O  OE1 . GLN A 1 61  ? 13.128  -3.883  19.743  1    88.917  ? 973  GLN A OE1 1 
ATOM   528  N  NE2 . GLN A 1 61  ? 12.969  -4.653  17.640  1    82.365  ? 973  GLN A NE2 1 
ATOM   529  N  N   . LEU A 1 62  ? 12.876  1.381   16.933  1    55.413  ? 974  LEU A N   1 
ATOM   530  C  CA  . LEU A 1 62  ? 12.887  2.803   17.256  1    53.02   ? 974  LEU A CA  1 
ATOM   531  C  C   . LEU A 1 62  ? 11.942  3.629   16.386  1    55.476  ? 974  LEU A C   1 
ATOM   532  O  O   . LEU A 1 62  ? 11.781  4.825   16.627  1    55.222  ? 974  LEU A O   1 
ATOM   533  C  CB  . LEU A 1 62  ? 14.307  3.371   17.207  1    53.04   ? 974  LEU A CB  1 
ATOM   534  C  CG  . LEU A 1 62  ? 15.278  2.945   18.312  1    62.265  ? 974  LEU A CG  1 
ATOM   535  C  CD1 . LEU A 1 62  ? 14.556  2.534   19.589  1    61.769  ? 974  LEU A CD1 1 
ATOM   536  C  CD2 . LEU A 1 62  ? 16.242  1.873   17.861  1    69.301  ? 974  LEU A CD2 1 
ATOM   537  N  N   . GLY A 1 63  ? 11.341  3.029   15.347  1    49.07   ? 975  GLY A N   1 
ATOM   538  C  CA  . GLY A 1 63  ? 10.568  3.842   14.417  1    46.797  ? 975  GLY A CA  1 
ATOM   539  C  C   . GLY A 1 63  ? 11.468  4.456   13.337  1    40.598  ? 975  GLY A C   1 
ATOM   540  O  O   . GLY A 1 63  ? 12.674  4.199   13.320  1    41.44   ? 975  GLY A O   1 
ATOM   541  N  N   . PRO A 1 64  ? 10.893  5.228   12.385  1    40.172  ? 976  PRO A N   1 
ATOM   542  C  CA  . PRO A 1 64  ? 11.650  5.727   11.239  1    40.107  ? 976  PRO A CA  1 
ATOM   543  C  C   . PRO A 1 64  ? 12.763  6.700   11.610  1    49.831  ? 976  PRO A C   1 
ATOM   544  O  O   . PRO A 1 64  ? 12.725  7.294   12.692  1    45.631  ? 976  PRO A O   1 
ATOM   545  C  CB  . PRO A 1 64  ? 10.604  6.399   10.374  1    40.081  ? 976  PRO A CB  1 
ATOM   546  C  CG  . PRO A 1 64  ? 9.363   6.557   11.237  1    41.652  ? 976  PRO A CG  1 
ATOM   547  C  CD  . PRO A 1 64  ? 9.454   5.503   12.281  1    40.552  ? 976  PRO A CD  1 
ATOM   548  N  N   . PRO A 1 65  ? 13.761  6.917   10.717  1    47.495  ? 977  PRO A N   1 
ATOM   549  C  CA  . PRO A 1 65  ? 14.663  8.061   10.847  1    46.157  ? 977  PRO A CA  1 
ATOM   550  C  C   . PRO A 1 65  ? 13.891  9.379   10.767  1    48.339  ? 977  PRO A C   1 
ATOM   551  O  O   . PRO A 1 65  ? 12.738  9.401   10.328  1    43.029  ? 977  PRO A O   1 
ATOM   552  C  CB  . PRO A 1 65  ? 15.631  7.902   9.649   1    43.253  ? 977  PRO A CB  1 
ATOM   553  C  CG  . PRO A 1 65  ? 15.436  6.439   9.178   1    40.534  ? 977  PRO A CG  1 
ATOM   554  C  CD  . PRO A 1 65  ? 13.991  6.152   9.470   1    38.733  ? 977  PRO A CD  1 
ATOM   555  N  N   . SER A 1 66  ? 14.525  10.496  11.173  1    44.486  ? 978  SER A N   1 
ATOM   556  C  CA  . SER A 1 66  ? 13.918  11.799  10.948  1    47.429  ? 978  SER A CA  1 
ATOM   557  C  C   . SER A 1 66  ? 13.908  12.085  9.458   1    40.86   ? 978  SER A C   1 
ATOM   558  O  O   . SER A 1 66  ? 14.778  11.608  8.740   1    44.106  ? 978  SER A O   1 
ATOM   559  C  CB  . SER A 1 66  ? 14.672  12.913  11.672  1    50.994  ? 978  SER A CB  1 
ATOM   560  O  OG  . SER A 1 66  ? 14.783  12.593  13.050  1    53.74   ? 978  SER A OG  1 
ATOM   561  N  N   A GLU A 1 67  ? 12.891  12.824  9.015   0.6  45.415  ? 979  GLU A N   1 
ATOM   562  N  N   B GLU A 1 67  ? 12.953  12.908  9.008   0.4  43.835  ? 979  GLU A N   1 
ATOM   563  C  CA  A GLU A 1 67  ? 12.828  13.219  7.623   0.6  46.544  ? 979  GLU A CA  1 
ATOM   564  C  CA  B GLU A 1 67  ? 12.788  13.226  7.597   0.4  44.165  ? 979  GLU A CA  1 
ATOM   565  C  C   A GLU A 1 67  ? 14.145  13.906  7.295   0.6  49.441  ? 979  GLU A C   1 
ATOM   566  C  C   B GLU A 1 67  ? 13.958  14.076  7.110   0.4  46.323  ? 979  GLU A C   1 
ATOM   567  O  O   A GLU A 1 67  ? 14.655  14.681  8.101   0.6  43.105  ? 979  GLU A O   1 
ATOM   568  O  O   B GLU A 1 67  ? 14.149  15.194  7.586   0.4  45.001  ? 979  GLU A O   1 
ATOM   569  C  CB  A GLU A 1 67  ? 11.565  14.033  7.337   0.6  52.249  ? 979  GLU A CB  1 
ATOM   570  C  CB  B GLU A 1 67  ? 11.458  13.945  7.361   0.4  47.208  ? 979  GLU A CB  1 
ATOM   571  C  CG  A GLU A 1 67  ? 10.304  13.269  7.740   0.6  58.95   ? 979  GLU A CG  1 
ATOM   572  C  CG  B GLU A 1 67  ? 10.259  13.064  7.706   0.4  47.879  ? 979  GLU A CG  1 
ATOM   573  C  CD  A GLU A 1 67  ? 9.084   13.480  6.862   0.6  69.926  ? 979  GLU A CD  1 
ATOM   574  C  CD  B GLU A 1 67  ? 8.919   13.522  7.160   0.4  54.487  ? 979  GLU A CD  1 
ATOM   575  O  OE1 A GLU A 1 67  ? 8.595   12.484  6.276   0.6  62.026  ? 979  GLU A OE1 1 
ATOM   576  O  OE1 B GLU A 1 67  ? 8.822   14.679  6.689   0.4  50.78   ? 979  GLU A OE1 1 
ATOM   577  O  OE2 A GLU A 1 67  ? 8.622   14.639  6.758   0.6  73.659  ? 979  GLU A OE2 1 
ATOM   578  O  OE2 B GLU A 1 67  ? 7.971   12.701  7.180   0.4  50.183  ? 979  GLU A OE2 1 
ATOM   579  N  N   . GLY A 1 68  ? 14.725  13.535  6.153   1    38.54   ? 980  GLY A N   1 
ATOM   580  C  CA  . GLY A 1 68  ? 15.925  14.172  5.640   1    36.661  ? 980  GLY A CA  1 
ATOM   581  C  C   . GLY A 1 68  ? 17.221  13.565  6.170   1    33.2    ? 980  GLY A C   1 
ATOM   582  O  O   . GLY A 1 68  ? 18.311  13.907  5.705   1    41.998  ? 980  GLY A O   1 
ATOM   583  N  N   . GLU A 1 69  ? 17.135  12.635  7.109   1    35.304  ? 981  GLU A N   1 
ATOM   584  C  CA  . GLU A 1 69  ? 18.285  12.009  7.728   1    35.536  ? 981  GLU A CA  1 
ATOM   585  C  C   . GLU A 1 69  ? 19.062  11.104  6.765   1    47.085  ? 981  GLU A C   1 
ATOM   586  O  O   . GLU A 1 69  ? 18.489  10.382  5.930   1    36.736  ? 981  GLU A O   1 
ATOM   587  C  CB  . GLU A 1 69  ? 17.814  11.233  8.958   1    43.422  ? 981  GLU A CB  1 
ATOM   588  C  CG  . GLU A 1 69  ? 18.933  10.471  9.664   1    46.293  ? 981  GLU A CG  1 
ATOM   589  C  CD  . GLU A 1 69  ? 18.424  9.812   10.939  1    59.646  ? 981  GLU A CD  1 
ATOM   590  O  OE1 . GLU A 1 69  ? 17.374  10.280  11.458  1    56.832  ? 981  GLU A OE1 1 
ATOM   591  O  OE2 . GLU A 1 69  ? 19.019  8.806   11.386  1    55.988  ? 981  GLU A OE2 1 
ATOM   592  N  N   . LEU A 1 70  ? 20.394  11.145  6.893   1    39.862  ? 982  LEU A N   1 
ATOM   593  C  CA  . LEU A 1 70  ? 21.253  10.302  6.078   1    47.168  ? 982  LEU A CA  1 
ATOM   594  C  C   . LEU A 1 70  ? 21.275  8.912   6.694   1    47.62   ? 982  LEU A C   1 
ATOM   595  O  O   . LEU A 1 70  ? 21.367  8.778   7.906   1    42.726  ? 982  LEU A O   1 
ATOM   596  C  CB  . LEU A 1 70  ? 22.647  10.896  5.859   1    45.946  ? 982  LEU A CB  1 
ATOM   597  C  CG  . LEU A 1 70  ? 22.644  12.268  5.165   1    51.642  ? 982  LEU A CG  1 
ATOM   598  C  CD1 . LEU A 1 70  ? 24.069  12.839  4.965   1    55.132  ? 982  LEU A CD1 1 
ATOM   599  C  CD2 . LEU A 1 70  ? 21.849  12.346  3.858   1    47.802  ? 982  LEU A CD2 1 
ATOM   600  N  N   . VAL A 1 71  ? 21.087  7.873   5.866   1    33.995  ? 983  VAL A N   1 
ATOM   601  C  CA  . VAL A 1 71  ? 21.012  6.533   6.421   1    35.415  ? 983  VAL A CA  1 
ATOM   602  C  C   . VAL A 1 71  ? 21.942  5.641   5.624   1    32.284  ? 983  VAL A C   1 
ATOM   603  O  O   . VAL A 1 71  ? 22.383  6.002   4.519   1    38.672  ? 983  VAL A O   1 
ATOM   604  C  CB  . VAL A 1 71  ? 19.566  5.991   6.338   1    36.358  ? 983  VAL A CB  1 
ATOM   605  C  CG1 . VAL A 1 71  ? 18.617  6.858   7.143   1    37.338  ? 983  VAL A CG1 1 
ATOM   606  C  CG2 . VAL A 1 71  ? 19.108  5.923   4.878   1    35.844  ? 983  VAL A CG2 1 
ATOM   607  N  N   . GLU A 1 72  ? 22.161  4.446   6.158   1    33.714  ? 984  GLU A N   1 
ATOM   608  C  CA  . GLU A 1 72  ? 22.753  3.370   5.387   1    33.596  ? 984  GLU A CA  1 
ATOM   609  C  C   . GLU A 1 72  ? 21.711  2.249   5.320   1    34.799  ? 984  GLU A C   1 
ATOM   610  O  O   . GLU A 1 72  ? 20.938  2.078   6.255   1    33.463  ? 984  GLU A O   1 
ATOM   611  C  CB  . GLU A 1 72  ? 23.881  2.738   6.195   1    40.019  ? 984  GLU A CB  1 
ATOM   612  C  CG  . GLU A 1 72  ? 24.716  1.731   5.405   1    43.011  ? 984  GLU A CG  1 
ATOM   613  C  CD  . GLU A 1 72  ? 25.874  1.257   6.279   1    59.705  ? 984  GLU A CD  1 
ATOM   614  O  OE1 . GLU A 1 72  ? 25.586  0.610   7.326   1    61.359  ? 984  GLU A OE1 1 
ATOM   615  O  OE2 . GLU A 1 72  ? 27.041  1.560   5.926   1    53.247  ? 984  GLU A OE2 1 
ATOM   616  N  N   . LEU A 1 73  ? 21.688  1.499   4.217   1    35.831  ? 985  LEU A N   1 
ATOM   617  C  CA  . LEU A 1 73  ? 20.719  0.407   4.108   1    32.584  ? 985  LEU A CA  1 
ATOM   618  C  C   . LEU A 1 73  ? 21.366  -0.792  3.427   1    32.703  ? 985  LEU A C   1 
ATOM   619  O  O   . LEU A 1 73  ? 22.341  -0.663  2.694   1    32.46   ? 985  LEU A O   1 
ATOM   620  C  CB  . LEU A 1 73  ? 19.488  0.923   3.347   1    27.544  ? 985  LEU A CB  1 
ATOM   621  C  CG  . LEU A 1 73  ? 19.739  1.315   1.888   1    31.799  ? 985  LEU A CG  1 
ATOM   622  C  CD1 . LEU A 1 73  ? 19.558  0.195   0.804   1    32.808  ? 985  LEU A CD1 1 
ATOM   623  C  CD2 . LEU A 1 73  ? 18.850  2.519   1.615   1    34.49   ? 985  LEU A CD2 1 
ATOM   624  N  N   . ARG A 1 74  ? 20.803  -1.987  3.635   1    30.507  ? 986  ARG A N   1 
ATOM   625  C  CA  . ARG A 1 74  ? 21.279  -3.129  2.887   1    31.221  ? 986  ARG A CA  1 
ATOM   626  C  C   . ARG A 1 74  ? 20.231  -3.424  1.815   1    29.81   ? 986  ARG A C   1 
ATOM   627  O  O   . ARG A 1 74  ? 19.054  -3.587  2.148   1    31.444  ? 986  ARG A O   1 
ATOM   628  C  CB  . ARG A 1 74  ? 21.390  -4.365  3.787   1    37.701  ? 986  ARG A CB  1 
ATOM   629  C  CG  . ARG A 1 74  ? 22.155  -5.495  3.116   1    36.796  ? 986  ARG A CG  1 
ATOM   630  C  CD  . ARG A 1 74  ? 22.352  -6.706  4.038   1    42.65   ? 986  ARG A CD  1 
ATOM   631  N  NE  . ARG A 1 74  ? 23.229  -6.328  5.160   1    49.466  ? 986  ARG A NE  1 
ATOM   632  C  CZ  . ARG A 1 74  ? 24.556  -6.121  5.196   1    47.533  ? 986  ARG A CZ  1 
ATOM   633  N  NH1 . ARG A 1 74  ? 25.337  -6.124  4.129   1    43.826  ? 986  ARG A NH1 1 
ATOM   634  N  NH2 . ARG A 1 74  ? 25.115  -5.862  6.359   1    53.646  ? 986  ARG A NH2 1 
ATOM   635  N  N   . TRP A 1 75  ? 20.666  -3.431  0.565   1    31.148  ? 987  TRP A N   1 
ATOM   636  C  CA  . TRP A 1 75  ? 19.744  -3.651  -0.543  1    29.417  ? 987  TRP A CA  1 
ATOM   637  C  C   . TRP A 1 75  ? 19.563  -5.150  -0.741  1    32.049  ? 987  TRP A C   1 
ATOM   638  O  O   . TRP A 1 75  ? 20.191  -5.958  -0.046  1    31.84   ? 987  TRP A O   1 
ATOM   639  C  CB  . TRP A 1 75  ? 20.371  -3.040  -1.796  1    29.041  ? 987  TRP A CB  1 
ATOM   640  C  CG  . TRP A 1 75  ? 19.523  -2.976  -3.037  1    29.874  ? 987  TRP A CG  1 
ATOM   641  C  CD1 . TRP A 1 75  ? 19.837  -3.514  -4.248  1    31.408  ? 987  TRP A CD1 1 
ATOM   642  C  CD2 . TRP A 1 75  ? 18.224  -2.354  -3.193  1    28.346  ? 987  TRP A CD2 1 
ATOM   643  N  NE1 . TRP A 1 75  ? 18.836  -3.277  -5.143  1    31.324  ? 987  TRP A NE1 1 
ATOM   644  C  CE2 . TRP A 1 75  ? 17.845  -2.538  -4.537  1    28.289  ? 987  TRP A CE2 1 
ATOM   645  C  CE3 . TRP A 1 75  ? 17.389  -1.603  -2.351  1    26.833  ? 987  TRP A CE3 1 
ATOM   646  C  CZ2 . TRP A 1 75  ? 16.641  -2.033  -5.061  1    28.474  ? 987  TRP A CZ2 1 
ATOM   647  C  CZ3 . TRP A 1 75  ? 16.212  -1.086  -2.870  1    26.845  ? 987  TRP A CZ3 1 
ATOM   648  C  CH2 . TRP A 1 75  ? 15.828  -1.322  -4.196  1    26.264  ? 987  TRP A CH2 1 
ATOM   649  N  N   . THR A 1 76  ? 18.721  -5.518  -1.730  1    30.054  ? 988  THR A N   1 
ATOM   650  C  CA  . THR A 1 76  ? 18.394  -6.929  -1.943  1    34.12   ? 988  THR A CA  1 
ATOM   651  C  C   . THR A 1 76  ? 19.570  -7.703  -2.555  1    36.814  ? 988  THR A C   1 
ATOM   652  O  O   . THR A 1 76  ? 19.536  -8.938  -2.609  1    35.803  ? 988  THR A O   1 
ATOM   653  C  CB  . THR A 1 76  ? 17.168  -7.024  -2.863  1    30.179  ? 988  THR A CB  1 
ATOM   654  O  OG1 . THR A 1 76  ? 17.567  -6.271  -4.023  1    32.445  ? 988  THR A OG1 1 
ATOM   655  C  CG2 . THR A 1 76  ? 15.930  -6.459  -2.190  1    31.698  ? 988  THR A CG2 1 
ATOM   656  N  N   . ASP A 1 77  ? 20.630  -7.012  -2.993  1    34.868  ? 989  ASP A N   1 
ATOM   657  C  CA  . ASP A 1 77  ? 21.865  -7.655  -3.440  1    30.85   ? 989  ASP A CA  1 
ATOM   658  C  C   . ASP A 1 77  ? 22.789  -7.939  -2.260  1    34.825  ? 989  ASP A C   1 
ATOM   659  O  O   . ASP A 1 77  ? 23.874  -8.489  -2.440  1    38.797  ? 989  ASP A O   1 
ATOM   660  C  CB  . ASP A 1 77  ? 22.578  -6.826  -4.498  1    36.216  ? 989  ASP A CB  1 
ATOM   661  C  CG  . ASP A 1 77  ? 23.136  -5.501  -3.972  1    36.045  ? 989  ASP A CG  1 
ATOM   662  O  OD1 . ASP A 1 77  ? 22.822  -5.167  -2.838  1    30.416  ? 989  ASP A OD1 1 
ATOM   663  O  OD2 . ASP A 1 77  ? 23.814  -4.780  -4.740  1    38.477  ? 989  ASP A OD2 1 
ATOM   664  N  N   . GLY A 1 78  ? 22.351  -7.640  -1.038  1    37.352  ? 990  GLY A N   1 
ATOM   665  C  CA  . GLY A 1 78  ? 23.178  -7.946  0.114   1    41.636  ? 990  GLY A CA  1 
ATOM   666  C  C   . GLY A 1 78  ? 24.256  -6.890  0.375   1    38.195  ? 990  GLY A C   1 
ATOM   667  O  O   . GLY A 1 78  ? 24.952  -7.027  1.366   1    41.292  ? 990  GLY A O   1 
ATOM   668  N  N   . ASN A 1 79  ? 24.340  -5.834  -0.457  1    34.894  ? 991  ASN A N   1 
ATOM   669  C  CA  . ASN A 1 79  ? 25.369  -4.800  -0.279  1    34.222  ? 991  ASN A CA  1 
ATOM   670  C  C   . ASN A 1 79  ? 24.816  -3.579  0.459   1    39.887  ? 991  ASN A C   1 
ATOM   671  O  O   . ASN A 1 79  ? 23.604  -3.353  0.480   1    33.367  ? 991  ASN A O   1 
ATOM   672  C  CB  . ASN A 1 79  ? 25.997  -4.425  -1.617  1    36.63   ? 991  ASN A CB  1 
ATOM   673  C  CG  . ASN A 1 79  ? 26.702  -5.619  -2.220  1    43.644  ? 991  ASN A CG  1 
ATOM   674  O  OD1 . ASN A 1 79  ? 27.455  -6.302  -1.515  1    43.854  ? 991  ASN A OD1 1 
ATOM   675  N  ND2 . ASN A 1 79  ? 26.439  -5.923  -3.480  1    39.767  ? 991  ASN A ND2 1 
ATOM   676  N  N   . LEU A 1 80  ? 25.712  -2.759  1.046   1    34.588  ? 992  LEU A N   1 
ATOM   677  C  CA  . LEU A 1 80  ? 25.276  -1.555  1.757   1    35.898  ? 992  LEU A CA  1 
ATOM   678  C  C   . LEU A 1 80  ? 25.356  -0.320  0.864   1    37.164  ? 992  LEU A C   1 
ATOM   679  O  O   . LEU A 1 80  ? 26.256  -0.191  0.027   1    40.277  ? 992  LEU A O   1 
ATOM   680  C  CB  . LEU A 1 80  ? 26.082  -1.349  3.041   1    40.068  ? 992  LEU A CB  1 
ATOM   681  C  CG  . LEU A 1 80  ? 25.985  -2.448  4.096   1    37.943  ? 992  LEU A CG  1 
ATOM   682  C  CD1 . LEU A 1 80  ? 27.063  -2.140  5.156   1    44.543  ? 992  LEU A CD1 1 
ATOM   683  C  CD2 . LEU A 1 80  ? 24.634  -2.587  4.770   1    41.113  ? 992  LEU A CD2 1 
ATOM   684  N  N   . TYR A 1 81  ? 24.364  0.568   0.999   1    33.088  ? 993  TYR A N   1 
ATOM   685  C  CA  . TYR A 1 81  ? 24.230  1.784   0.211   1    33.254  ? 993  TYR A CA  1 
ATOM   686  C  C   . TYR A 1 81  ? 23.867  2.931   1.141   1    35.912  ? 993  TYR A C   1 
ATOM   687  O  O   . TYR A 1 81  ? 23.158  2.709   2.124   1    36.942  ? 993  TYR A O   1 
ATOM   688  C  CB  . TYR A 1 81  ? 23.172  1.711   -0.901  1    31.625  ? 993  TYR A CB  1 
ATOM   689  C  CG  . TYR A 1 81  ? 23.597  0.656   -1.906  1    35.929  ? 993  TYR A CG  1 
ATOM   690  C  CD1 . TYR A 1 81  ? 23.255  -0.680  -1.700  1    31.141  ? 993  TYR A CD1 1 
ATOM   691  C  CD2 . TYR A 1 81  ? 24.405  0.965   -2.994  1    40.094  ? 993  TYR A CD2 1 
ATOM   692  C  CE1 . TYR A 1 81  ? 23.662  -1.678  -2.566  1    33.853  ? 993  TYR A CE1 1 
ATOM   693  C  CE2 . TYR A 1 81  ? 24.824  -0.028  -3.864  1    39.969  ? 993  TYR A CE2 1 
ATOM   694  C  CZ  . TYR A 1 81  ? 24.462  -1.349  -3.640  1    40.391  ? 993  TYR A CZ  1 
ATOM   695  O  OH  . TYR A 1 81  ? 24.861  -2.350  -4.476  1    36.377  ? 993  TYR A OH  1 
ATOM   696  N  N   . LYS A 1 82  ? 24.367  4.148   0.820   1    34.663  ? 994  LYS A N   1 
ATOM   697  C  CA  . LYS A 1 82  ? 23.993  5.358   1.521   1    37.536  ? 994  LYS A CA  1 
ATOM   698  C  C   . LYS A 1 82  ? 22.800  5.962   0.808   1    33.13   ? 994  LYS A C   1 
ATOM   699  O  O   . LYS A 1 82  ? 22.666  5.866   -0.415  1    38.689  ? 994  LYS A O   1 
ATOM   700  C  CB  . LYS A 1 82  ? 25.107  6.418   1.415   1    41.974  ? 994  LYS A CB  1 
ATOM   701  C  CG  . LYS A 1 82  ? 26.455  5.902   1.910   1    45.318  ? 994  LYS A CG  1 
ATOM   702  C  CD  . LYS A 1 82  ? 26.396  5.507   3.376   1    54.211  ? 994  LYS A CD  1 
ATOM   703  C  CE  . LYS A 1 82  ? 27.653  4.810   3.803   1    67.07   ? 994  LYS A CE  1 
ATOM   704  N  NZ  . LYS A 1 82  ? 27.554  4.443   5.214   1    64.555  ? 994  LYS A NZ  1 
ATOM   705  N  N   . ALA A 1 83  ? 21.911  6.586   1.579   1    30.243  ? 995  ALA A N   1 
ATOM   706  C  CA  . ALA A 1 83  ? 20.775  7.238   0.968   1    29.343  ? 995  ALA A CA  1 
ATOM   707  C  C   . ALA A 1 83  ? 20.254  8.296   1.938   1    30.092  ? 995  ALA A C   1 
ATOM   708  O  O   . ALA A 1 83  ? 20.666  8.322   3.106   1    31.376  ? 995  ALA A O   1 
ATOM   709  C  CB  . ALA A 1 83  ? 19.655  6.193   0.734   1    30.343  ? 995  ALA A CB  1 
ATOM   710  N  N   . LYS A 1 84  ? 19.375  9.157   1.437   1    30.348  ? 996  LYS A N   1 
ATOM   711  C  CA  . LYS A 1 84  ? 18.719  10.129  2.297   1    32.421  ? 996  LYS A CA  1 
ATOM   712  C  C   . LYS A 1 84  ? 17.306  9.617   2.580   1    32.045  ? 996  LYS A C   1 
ATOM   713  O  O   . LYS A 1 84  ? 16.528  9.364   1.651   1    31.318  ? 996  LYS A O   1 
ATOM   714  C  CB  . LYS A 1 84  ? 18.682  11.474  1.563   1    29.108  ? 996  LYS A CB  1 
ATOM   715  C  CG  . LYS A 1 84  ? 18.028  12.637  2.325   1    34.824  ? 996  LYS A CG  1 
ATOM   716  C  CD  . LYS A 1 84  ? 18.105  13.969  1.584   1    41.475  ? 996  LYS A CD  1 
ATOM   717  C  CE  . LYS A 1 84  ? 17.466  15.081  2.383   1    47.692  ? 996  LYS A CE  1 
ATOM   718  N  N   . PHE A 1 85  ? 16.960  9.508   3.856   1    31.367  ? 997  PHE A N   1 
ATOM   719  C  CA  . PHE A 1 85  ? 15.577  9.148   4.188   1    30.485  ? 997  PHE A CA  1 
ATOM   720  C  C   . PHE A 1 85  ? 14.622  10.307  3.914   1    33.6    ? 997  PHE A C   1 
ATOM   721  O  O   . PHE A 1 85  ? 14.842  11.444  4.361   1    34.857  ? 997  PHE A O   1 
ATOM   722  C  CB  . PHE A 1 85  ? 15.526  8.637   5.620   1    33.514  ? 997  PHE A CB  1 
ATOM   723  C  CG  . PHE A 1 85  ? 14.100  8.412   6.086   1    36.964  ? 997  PHE A CG  1 
ATOM   724  C  CD1 . PHE A 1 85  ? 13.446  7.214   5.772   1    35.087  ? 997  PHE A CD1 1 
ATOM   725  C  CD2 . PHE A 1 85  ? 13.418  9.383   6.812   1    36.943  ? 997  PHE A CD2 1 
ATOM   726  C  CE1 . PHE A 1 85  ? 12.153  6.999   6.221   1    34.958  ? 997  PHE A CE1 1 
ATOM   727  C  CE2 . PHE A 1 85  ? 12.107  9.161   7.258   1    39.185  ? 997  PHE A CE2 1 
ATOM   728  C  CZ  . PHE A 1 85  ? 11.491  7.953   6.975   1    36.003  ? 997  PHE A CZ  1 
ATOM   729  N  N   . ILE A 1 86  ? 13.522  10.033  3.202   1    28.277  ? 998  ILE A N   1 
ATOM   730  C  CA  . ILE A 1 86  ? 12.554  11.050  2.816   1    27.072  ? 998  ILE A CA  1 
ATOM   731  C  C   . ILE A 1 86  ? 11.316  10.941  3.717   1    36.566  ? 998  ILE A C   1 
ATOM   732  O  O   . ILE A 1 86  ? 10.943  11.902  4.380   1    34.403  ? 998  ILE A O   1 
ATOM   733  C  CB  . ILE A 1 86  ? 12.185  11.008  1.322   1    31.995  ? 998  ILE A CB  1 
ATOM   734  C  CG1 . ILE A 1 86  ? 13.423  11.072  0.372   1    30.785  ? 998  ILE A CG1 1 
ATOM   735  C  CG2 . ILE A 1 86  ? 11.139  12.065  0.965   1    31.783  ? 998  ILE A CG2 1 
ATOM   736  C  CD1 . ILE A 1 86  ? 14.213  12.383  0.484   1    38.073  ? 998  ILE A CD1 1 
ATOM   737  N  N   . SER A 1 87  ? 10.647  9.777   3.723   1    30.573  ? 999  SER A N   1 
ATOM   738  C  CA  . SER A 1 87  ? 9.385   9.644   4.453   1    30.908  ? 999  SER A CA  1 
ATOM   739  C  C   . SER A 1 87  ? 9.033   8.168   4.673   1    35.174  ? 999  SER A C   1 
ATOM   740  O  O   . SER A 1 87  ? 9.617   7.289   4.055   1    32.337  ? 999  SER A O   1 
ATOM   741  C  CB  . SER A 1 87  ? 8.281   10.354  3.708   1    39.185  ? 999  SER A CB  1 
ATOM   742  O  OG  . SER A 1 87  ? 7.936   9.689   2.509   1    48.401  ? 999  SER A OG  1 
ATOM   743  N  N   . SER A 1 88  ? 8.097   7.912   5.613   1    34.197  ? 1000 SER A N   1 
ATOM   744  C  CA  . SER A 1 88  ? 7.510   6.600   5.867   1    34.935  ? 1000 SER A CA  1 
ATOM   745  C  C   . SER A 1 88  ? 6.044   6.691   5.452   1    39.981  ? 1000 SER A C   1 
ATOM   746  O  O   . SER A 1 88  ? 5.371   7.697   5.770   1    33.578  ? 1000 SER A O   1 
ATOM   747  C  CB  . SER A 1 88  ? 7.614   6.232   7.327   1    39.2    ? 1000 SER A CB  1 
ATOM   748  O  OG  . SER A 1 88  ? 7.088   4.920   7.551   1    38.672  ? 1000 SER A OG  1 
ATOM   749  N  N   . VAL A 1 89  ? 5.545   5.674   4.717   1    31.06   ? 1001 VAL A N   1 
ATOM   750  C  CA  . VAL A 1 89  ? 4.152   5.705   4.303   1    30.885  ? 1001 VAL A CA  1 
ATOM   751  C  C   . VAL A 1 89  ? 3.529   4.388   4.761   1    32.947  ? 1001 VAL A C   1 
ATOM   752  O  O   . VAL A 1 89  ? 4.074   3.355   4.464   1    31.001  ? 1001 VAL A O   1 
ATOM   753  C  CB  . VAL A 1 89  ? 3.908   5.933   2.798   1    39.034  ? 1001 VAL A CB  1 
ATOM   754  C  CG1 . VAL A 1 89  ? 2.446   5.689   2.424   1    38.788  ? 1001 VAL A CG1 1 
ATOM   755  C  CG2 . VAL A 1 89  ? 4.310   7.349   2.332   1    37.45   ? 1001 VAL A CG2 1 
ATOM   756  N  N   . THR A 1 90  ? 2.431   4.430   5.525   1    31.431  ? 1002 THR A N   1 
ATOM   757  C  CA  . THR A 1 90  ? 1.727   3.187   5.861   1    30.829  ? 1002 THR A CA  1 
ATOM   758  C  C   . THR A 1 90  ? 0.454   3.187   5.041   1    33.792  ? 1002 THR A C   1 
ATOM   759  O  O   . THR A 1 90  ? -0.335  4.120   5.179   1    37.154  ? 1002 THR A O   1 
ATOM   760  C  CB  . THR A 1 90  ? 1.358   3.111   7.351   1    33.741  ? 1002 THR A CB  1 
ATOM   761  O  OG1 . THR A 1 90  ? 2.590   3.012   8.050   1    36.993  ? 1002 THR A OG1 1 
ATOM   762  C  CG2 . THR A 1 90  ? 0.567   1.840   7.659   1    33.009  ? 1002 THR A CG2 1 
ATOM   763  N  N   . SER A 1 91  ? 0.252   2.156   4.204   1    30.717  ? 1003 SER A N   1 
ATOM   764  C  CA  . SER A 1 91  ? -0.899  2.136   3.331   1    29.746  ? 1003 SER A CA  1 
ATOM   765  C  C   . SER A 1 91  ? -1.731  0.898   3.713   1    28.773  ? 1003 SER A C   1 
ATOM   766  O  O   . SER A 1 91  ? -1.190  -0.016  4.302   1    31.817  ? 1003 SER A O   1 
ATOM   767  C  CB  . SER A 1 91  ? -0.490  2.131   1.878   1    36.701  ? 1003 SER A CB  1 
ATOM   768  O  OG  . SER A 1 91  ? 0.295   0.974   1.702   1    38.747  ? 1003 SER A OG  1 
ATOM   769  N  N   . HIS A 1 92  ? -3.029  0.933   3.399   1    29.334  ? 1004 HIS A N   1 
ATOM   770  C  CA  . HIS A 1 92  ? -3.882  -0.186  3.793   1    27.946  ? 1004 HIS A CA  1 
ATOM   771  C  C   . HIS A 1 92  ? -4.241  -0.948  2.532   1    25.713  ? 1004 HIS A C   1 
ATOM   772  O  O   . HIS A 1 92  ? -4.599  -0.355  1.511   1    28.4    ? 1004 HIS A O   1 
ATOM   773  C  CB  . HIS A 1 92  ? -5.127  0.358   4.486   1    26.199  ? 1004 HIS A CB  1 
ATOM   774  C  CG  . HIS A 1 92  ? -4.720  1.009   5.764   1    28.445  ? 1004 HIS A CG  1 
ATOM   775  N  ND1 . HIS A 1 92  ? -4.996  2.341   5.976   1    32.116  ? 1004 HIS A ND1 1 
ATOM   776  C  CD2 . HIS A 1 92  ? -4.067  0.564   6.848   1    29.897  ? 1004 HIS A CD2 1 
ATOM   777  C  CE1 . HIS A 1 92  ? -4.522  2.684   7.175   1    33.784  ? 1004 HIS A CE1 1 
ATOM   778  N  NE2 . HIS A 1 92  ? -3.937  1.638   7.705   1    36.812  ? 1004 HIS A NE2 1 
ATOM   779  N  N   . ILE A 1 93  ? -4.245  -2.279  2.647   1    26.555  ? 1005 ILE A N   1 
ATOM   780  C  CA  . ILE A 1 93  ? -4.506  -3.157  1.517   1    26.732  ? 1005 ILE A CA  1 
ATOM   781  C  C   . ILE A 1 93  ? -5.586  -4.137  1.982   1    25.761  ? 1005 ILE A C   1 
ATOM   782  O  O   . ILE A 1 93  ? -5.511  -4.637  3.087   1    28.314  ? 1005 ILE A O   1 
ATOM   783  C  CB  . ILE A 1 93  ? -3.194  -3.894  1.152   1    29.661  ? 1005 ILE A CB  1 
ATOM   784  C  CG1 . ILE A 1 93  ? -2.100  -2.837  0.704   1    32.772  ? 1005 ILE A CG1 1 
ATOM   785  C  CG2 . ILE A 1 93  ? -3.413  -4.927  0.033   1    33.078  ? 1005 ILE A CG2 1 
ATOM   786  C  CD1 . ILE A 1 93  ? -0.689  -3.306  0.959   1    42.334  ? 1005 ILE A CD1 1 
ATOM   787  N  N   . TYR A 1 94  ? -6.519  -4.435  1.098   1    24.372  ? 1006 TYR A N   1 
ATOM   788  C  CA  . TYR A 1 94  ? -7.699  -5.195  1.491   1    22.385  ? 1006 TYR A CA  1 
ATOM   789  C  C   . TYR A 1 94  ? -7.825  -6.418  0.600   1    27.314  ? 1006 TYR A C   1 
ATOM   790  O  O   . TYR A 1 94  ? -7.365  -6.415  -0.546  1    30.607  ? 1006 TYR A O   1 
ATOM   791  C  CB  . TYR A 1 94  ? -8.946  -4.337  1.303   1    21.314  ? 1006 TYR A CB  1 
ATOM   792  C  CG  . TYR A 1 94  ? -8.848  -3.150  2.253   1    23.742  ? 1006 TYR A CG  1 
ATOM   793  C  CD1 . TYR A 1 94  ? -9.208  -3.301  3.604   1    26.508  ? 1006 TYR A CD1 1 
ATOM   794  C  CD2 . TYR A 1 94  ? -8.321  -1.932  1.834   1    26.23   ? 1006 TYR A CD2 1 
ATOM   795  C  CE1 . TYR A 1 94  ? -9.086  -2.222  4.483   1    26.763  ? 1006 TYR A CE1 1 
ATOM   796  C  CE2 . TYR A 1 94  ? -8.225  -0.841  2.694   1    26.847  ? 1006 TYR A CE2 1 
ATOM   797  C  CZ  . TYR A 1 94  ? -8.626  -0.996  4.014   1    28.09   ? 1006 TYR A CZ  1 
ATOM   798  O  OH  . TYR A 1 94  ? -8.513  0.044   4.891   1    29.714  ? 1006 TYR A OH  1 
ATOM   799  N  N   . GLN A 1 95  ? -8.319  -7.502  1.209   1    23.21   ? 1007 GLN A N   1 
ATOM   800  C  CA  . GLN A 1 95  ? -8.728  -8.646  0.393   1    24.062  ? 1007 GLN A CA  1 
ATOM   801  C  C   . GLN A 1 95  ? -10.232 -8.625  0.277   1    25.876  ? 1007 GLN A C   1 
ATOM   802  O  O   . GLN A 1 95  ? -10.938 -8.449  1.279   1    25.416  ? 1007 GLN A O   1 
ATOM   803  C  CB  . GLN A 1 95  ? -8.283  -9.947  1.046   1    26.601  ? 1007 GLN A CB  1 
ATOM   804  C  CG  . GLN A 1 95  ? -8.681  -11.160 0.223   1    25.569  ? 1007 GLN A CG  1 
ATOM   805  C  CD  . GLN A 1 95  ? -8.121  -12.433 0.830   1    34.384  ? 1007 GLN A CD  1 
ATOM   806  O  OE1 . GLN A 1 95  ? -8.285  -12.707 2.033   1    35.576  ? 1007 GLN A OE1 1 
ATOM   807  N  NE2 . GLN A 1 95  ? -7.510  -13.243 -0.029  1    31.928  ? 1007 GLN A NE2 1 
ATOM   808  N  N   . VAL A 1 96  ? -10.716 -8.835  -0.956  1    24.34   ? 1008 VAL A N   1 
ATOM   809  C  CA  . VAL A 1 96  ? -12.131 -8.774  -1.253  1    24.511  ? 1008 VAL A CA  1 
ATOM   810  C  C   . VAL A 1 96  ? -12.555 -10.116 -1.838  1    23.258  ? 1008 VAL A C   1 
ATOM   811  O  O   . VAL A 1 96  ? -11.708 -10.859 -2.381  1    23.633  ? 1008 VAL A O   1 
ATOM   812  C  CB  . VAL A 1 96  ? -12.554 -7.640  -2.212  1    23.52   ? 1008 VAL A CB  1 
ATOM   813  C  CG1 . VAL A 1 96  ? -12.156 -6.272  -1.650  1    22.283  ? 1008 VAL A CG1 1 
ATOM   814  C  CG2 . VAL A 1 96  ? -11.923 -7.798  -3.595  1    25.629  ? 1008 VAL A CG2 1 
ATOM   815  N  N   A GLU A 1 97  ? -13.836 -10.458 -1.640  0.57 22.039  ? 1009 GLU A N   1 
ATOM   816  N  N   B GLU A 1 97  ? -13.858 -10.388 -1.738  0.43 22.903  ? 1009 GLU A N   1 
ATOM   817  C  CA  A GLU A 1 97  ? -14.417 -11.645 -2.256  0.57 22.459  ? 1009 GLU A CA  1 
ATOM   818  C  CA  B GLU A 1 97  ? -14.422 -11.619 -2.257  0.43 23.226  ? 1009 GLU A CA  1 
ATOM   819  C  C   A GLU A 1 97  ? -15.621 -11.220 -3.093  0.57 23.271  ? 1009 GLU A C   1 
ATOM   820  C  C   B GLU A 1 97  ? -15.667 -11.301 -3.072  0.43 23.498  ? 1009 GLU A C   1 
ATOM   821  O  O   A GLU A 1 97  ? -16.461 -10.408 -2.661  0.57 22.297  ? 1009 GLU A O   1 
ATOM   822  O  O   B GLU A 1 97  ? -16.600 -10.656 -2.587  0.43 23.343  ? 1009 GLU A O   1 
ATOM   823  C  CB  A GLU A 1 97  ? -14.875 -12.685 -1.225  0.57 25.532  ? 1009 GLU A CB  1 
ATOM   824  C  CB  B GLU A 1 97  ? -14.911 -12.439 -1.068  0.43 25.663  ? 1009 GLU A CB  1 
ATOM   825  C  CG  A GLU A 1 97  ? -15.353 -14.008 -1.838  0.57 27.065  ? 1009 GLU A CG  1 
ATOM   826  C  CG  B GLU A 1 97  ? -15.204 -13.886 -1.435  0.43 29.153  ? 1009 GLU A CG  1 
ATOM   827  C  CD  A GLU A 1 97  ? -15.422 -15.166 -0.836  0.57 34.741  ? 1009 GLU A CD  1 
ATOM   828  C  CD  B GLU A 1 97  ? -15.391 -14.582 -0.102  0.43 32.762  ? 1009 GLU A CD  1 
ATOM   829  O  OE1 A GLU A 1 97  ? -14.383 -15.658 -0.297  0.57 32.812  ? 1009 GLU A OE1 1 
ATOM   830  O  OE1 B GLU A 1 97  ? -16.542 -14.469 0.381   0.43 30.655  ? 1009 GLU A OE1 1 
ATOM   831  O  OE2 A GLU A 1 97  ? -16.564 -15.549 -0.526  0.57 28.244  ? 1009 GLU A OE2 1 
ATOM   832  O  OE2 B GLU A 1 97  ? -14.413 -15.184 0.438   0.43 26.637  ? 1009 GLU A OE2 1 
ATOM   833  N  N   . PHE A 1 98  ? -15.643 -11.726 -4.344  1    22.561  ? 1010 PHE A N   1 
ATOM   834  C  CA  . PHE A 1 98  ? -16.736 -11.469 -5.269  1    25.762  ? 1010 PHE A CA  1 
ATOM   835  C  C   . PHE A 1 98  ? -17.860 -12.484 -5.083  1    28.473  ? 1010 PHE A C   1 
ATOM   836  O  O   . PHE A 1 98  ? -17.715 -13.504 -4.413  1    28.779  ? 1010 PHE A O   1 
ATOM   837  C  CB  . PHE A 1 98  ? -16.197 -11.574 -6.714  1    24.576  ? 1010 PHE A CB  1 
ATOM   838  C  CG  . PHE A 1 98  ? -15.192 -10.472 -6.998  1    24.355  ? 1010 PHE A CG  1 
ATOM   839  C  CD1 . PHE A 1 98  ? -15.618 -9.185  -7.358  1    25.485  ? 1010 PHE A CD1 1 
ATOM   840  C  CD2 . PHE A 1 98  ? -13.826 -10.675 -6.829  1    26.749  ? 1010 PHE A CD2 1 
ATOM   841  C  CE1 . PHE A 1 98  ? -14.686 -8.157  -7.633  1    26.047  ? 1010 PHE A CE1 1 
ATOM   842  C  CE2 . PHE A 1 98  ? -12.917 -9.642  -7.082  1    28.828  ? 1010 PHE A CE2 1 
ATOM   843  C  CZ  . PHE A 1 98  ? -13.340 -8.393  -7.482  1    28.399  ? 1010 PHE A CZ  1 
ATOM   844  N  N   . GLU A 1 99  ? -18.989 -12.212 -5.752  1    29.309  ? 1011 GLU A N   1 
ATOM   845  C  CA  . GLU A 1 99  ? -20.185 -13.055 -5.684  1    34.132  ? 1011 GLU A CA  1 
ATOM   846  C  C   . GLU A 1 99  ? -19.870 -14.521 -5.982  1    34.013  ? 1011 GLU A C   1 
ATOM   847  O  O   . GLU A 1 99  ? -20.372 -15.402 -5.310  1    41.28   ? 1011 GLU A O   1 
ATOM   848  C  CB  . GLU A 1 99  ? -21.224 -12.591 -6.713  1    36.712  ? 1011 GLU A CB  1 
ATOM   849  C  CG  . GLU A 1 99  ? -22.370 -13.594 -6.873  1    45.534  ? 1011 GLU A CG  1 
ATOM   850  C  CD  . GLU A 1 99  ? -23.519 -13.055 -7.718  1    50.989  ? 1011 GLU A CD  1 
ATOM   851  O  OE1 . GLU A 1 99  ? -24.671 -13.022 -7.217  1    47.811  ? 1011 GLU A OE1 1 
ATOM   852  O  OE2 . GLU A 1 99  ? -23.250 -12.670 -8.882  1    44.624  ? 1011 GLU A OE2 1 
ATOM   853  N  N   . ASP A 1 100 ? -19.001 -14.771 -6.954  1    37.514  ? 1012 ASP A N   1 
ATOM   854  C  CA  . ASP A 1 100 ? -18.675 -16.123 -7.386  1    43.469  ? 1012 ASP A CA  1 
ATOM   855  C  C   . ASP A 1 100 ? -17.667 -16.768 -6.429  1    46.872  ? 1012 ASP A C   1 
ATOM   856  O  O   . ASP A 1 100 ? -17.272 -17.918 -6.611  1    53.631  ? 1012 ASP A O   1 
ATOM   857  C  CB  . ASP A 1 100 ? -18.146 -16.100 -8.820  1    46.754  ? 1012 ASP A CB  1 
ATOM   858  C  CG  . ASP A 1 100 ? -16.870 -15.297 -9.050  1    54.015  ? 1012 ASP A CG  1 
ATOM   859  O  OD1 . ASP A 1 100 ? -16.251 -14.850 -8.059  1    48.298  ? 1012 ASP A OD1 1 
ATOM   860  O  OD2 . ASP A 1 100 ? -16.514 -15.063 -10.221 1    55.397  ? 1012 ASP A OD2 1 
ATOM   861  N  N   . GLY A 1 101 ? -17.219 -16.025 -5.417  1    35.145  ? 1013 GLY A N   1 
ATOM   862  C  CA  . GLY A 1 101 ? -16.359 -16.584 -4.389  1    33.775  ? 1013 GLY A CA  1 
ATOM   863  C  C   . GLY A 1 101 ? -14.870 -16.351 -4.707  1    33.276  ? 1013 GLY A C   1 
ATOM   864  O  O   . GLY A 1 101 ? -14.038 -16.627 -3.830  1    36.861  ? 1013 GLY A O   1 
ATOM   865  N  N   . SER A 1 102 ? -14.541 -15.770 -5.898  1    31.545  ? 1014 SER A N   1 
ATOM   866  C  CA  . SER A 1 102 ? -13.168 -15.440 -6.287  1    28.097  ? 1014 SER A CA  1 
ATOM   867  C  C   . SER A 1 102 ? -12.681 -14.301 -5.399  1    26.747  ? 1014 SER A C   1 
ATOM   868  O  O   . SER A 1 102 ? -13.515 -13.637 -4.788  1    27.063  ? 1014 SER A O   1 
ATOM   869  C  CB  . SER A 1 102 ? -12.956 -15.104 -7.771  1    32.422  ? 1014 SER A CB  1 
ATOM   870  O  OG  . SER A 1 102 ? -13.712 -13.947 -8.084  1    32.653  ? 1014 SER A OG  1 
ATOM   871  N  N   . GLN A 1 103 ? -11.358 -14.164 -5.273  1    22.648  ? 1015 GLN A N   1 
ATOM   872  C  CA  . GLN A 1 103 ? -10.824 -13.226 -4.276  1    22.311  ? 1015 GLN A CA  1 
ATOM   873  C  C   . GLN A 1 103 ? -9.732  -12.430 -4.965  1    26.925  ? 1015 GLN A C   1 
ATOM   874  O  O   . GLN A 1 103 ? -9.134  -12.928 -5.940  1    25.164  ? 1015 GLN A O   1 
ATOM   875  C  CB  . GLN A 1 103 ? -10.236 -13.999 -3.086  1    22.311  ? 1015 GLN A CB  1 
ATOM   876  C  CG  . GLN A 1 103 ? -11.309 -14.790 -2.325  1    23.275  ? 1015 GLN A CG  1 
ATOM   877  C  CD  . GLN A 1 103 ? -10.707 -15.695 -1.266  1    27.213  ? 1015 GLN A CD  1 
ATOM   878  O  OE1 . GLN A 1 103 ? -9.500  -15.952 -1.308  1    26.566  ? 1015 GLN A OE1 1 
ATOM   879  N  NE2 . GLN A 1 103 ? -11.503 -16.120 -0.294  1    22.77   ? 1015 GLN A NE2 1 
ATOM   880  N  N   . LEU A 1 104 ? -9.461  -11.222 -4.457  1    25.228  ? 1016 LEU A N   1 
ATOM   881  C  CA  . LEU A 1 104 ? -8.358  -10.429 -5.000  1    26.118  ? 1016 LEU A CA  1 
ATOM   882  C  C   . LEU A 1 104 ? -7.841  -9.567  -3.867  1    28.572  ? 1016 LEU A C   1 
ATOM   883  O  O   . LEU A 1 104 ? -8.645  -9.205  -2.991  1    26.738  ? 1016 LEU A O   1 
ATOM   884  C  CB  . LEU A 1 104 ? -8.952  -9.496  -6.062  1    28.09   ? 1016 LEU A CB  1 
ATOM   885  C  CG  . LEU A 1 104 ? -8.053  -8.992  -7.189  1    39.185  ? 1016 LEU A CG  1 
ATOM   886  C  CD1 . LEU A 1 104 ? -7.477  -10.227 -7.865  1    37.183  ? 1016 LEU A CD1 1 
ATOM   887  C  CD2 . LEU A 1 104 ? -8.946  -8.161  -8.147  1    34.283  ? 1016 LEU A CD2 1 
ATOM   888  N  N   . THR A 1 105 ? -6.542  -9.240  -3.922  1    27.033  ? 1017 THR A N   1 
ATOM   889  C  CA  . THR A 1 105 ? -5.957  -8.301  -2.982  1    27.556  ? 1017 THR A CA  1 
ATOM   890  C  C   . THR A 1 105 ? -5.943  -6.947  -3.692  1    33.117  ? 1017 THR A C   1 
ATOM   891  O  O   . THR A 1 105 ? -5.498  -6.845  -4.872  1    28.604  ? 1017 THR A O   1 
ATOM   892  C  CB  . THR A 1 105 ? -4.538  -8.734  -2.638  1    28.563  ? 1017 THR A CB  1 
ATOM   893  O  OG1 . THR A 1 105 ? -4.673  -9.930  -1.898  1    28.433  ? 1017 THR A OG1 1 
ATOM   894  C  CG2 . THR A 1 105 ? -3.824  -7.744  -1.732  1    35.906  ? 1017 THR A CG2 1 
ATOM   895  N  N   . VAL A 1 106 ? -6.398  -5.902  -2.972  1    24.084  ? 1018 VAL A N   1 
ATOM   896  C  CA  . VAL A 1 106 ? -6.654  -4.644  -3.664  1    25.277  ? 1018 VAL A CA  1 
ATOM   897  C  C   . VAL A 1 106 ? -6.104  -3.493  -2.837  1    28      ? 1018 VAL A C   1 
ATOM   898  O  O   . VAL A 1 106 ? -6.371  -3.399  -1.651  1    26.908  ? 1018 VAL A O   1 
ATOM   899  C  CB  . VAL A 1 106 ? -8.158  -4.431  -3.934  1    30.464  ? 1018 VAL A CB  1 
ATOM   900  C  CG1 . VAL A 1 106 ? -8.379  -3.226  -4.815  1    33.74   ? 1018 VAL A CG1 1 
ATOM   901  C  CG2 . VAL A 1 106 ? -8.795  -5.610  -4.670  1    39.735  ? 1018 VAL A CG2 1 
ATOM   902  N  N   . LYS A 1 107 ? -5.326  -2.587  -3.437  1    29.02   ? 1019 LYS A N   1 
ATOM   903  C  CA  . LYS A 1 107 ? -4.888  -1.404  -2.700  1    28.794  ? 1019 LYS A CA  1 
ATOM   904  C  C   . LYS A 1 107 ? -6.042  -0.426  -2.521  1    25.745  ? 1019 LYS A C   1 
ATOM   905  O  O   . LYS A 1 107 ? -6.974  -0.399  -3.313  1    27.747  ? 1019 LYS A O   1 
ATOM   906  C  CB  . LYS A 1 107 ? -3.817  -0.638  -3.496  1    31.246  ? 1019 LYS A CB  1 
ATOM   907  C  CG  . LYS A 1 107 ? -2.486  -1.366  -3.507  1    43.515  ? 1019 LYS A CG  1 
ATOM   908  C  CD  . LYS A 1 107 ? -1.405  -0.671  -4.345  1    46.366  ? 1019 LYS A CD  1 
ATOM   909  C  CE  . LYS A 1 107 ? -0.179  -1.553  -4.419  1    55.502  ? 1019 LYS A CE  1 
ATOM   910  N  NZ  . LYS A 1 107 ? 0.088   -2.190  -3.121  1    53.562  ? 1019 LYS A NZ  1 
ATOM   911  N  N   . ARG A 1 108 ? -5.988  0.394   -1.453  1    28.557  ? 1020 ARG A N   1 
ATOM   912  C  CA  . ARG A 1 108 ? -7.091  1.312   -1.148  1    29.942  ? 1020 ARG A CA  1 
ATOM   913  C  C   . ARG A 1 108 ? -7.425  2.185   -2.345  1    29.766  ? 1020 ARG A C   1 
ATOM   914  O  O   . ARG A 1 108 ? -8.587  2.453   -2.678  1    30.442  ? 1020 ARG A O   1 
ATOM   915  C  CB  . ARG A 1 108 ? -6.766  2.200   0.075   1    31.451  ? 1020 ARG A CB  1 
ATOM   916  C  CG  . ARG A 1 108 ? -7.840  3.259   0.354   1    31.283  ? 1020 ARG A CG  1 
ATOM   917  C  CD  . ARG A 1 108 ? -9.249  2.736   0.618   1    32.883  ? 1020 ARG A CD  1 
ATOM   918  N  NE  . ARG A 1 108 ? -10.232 3.818   0.789   1    32.39   ? 1020 ARG A NE  1 
ATOM   919  C  CZ  . ARG A 1 108 ? -11.061 4.263   -0.141  1    35.301  ? 1020 ARG A CZ  1 
ATOM   920  N  NH1 . ARG A 1 108 ? -10.905 3.949   -1.428  1    32.802  ? 1020 ARG A NH1 1 
ATOM   921  N  NH2 . ARG A 1 108 ? -12.043 5.083   0.189   1    35.385  ? 1020 ARG A NH2 1 
ATOM   922  N  N   . GLY A 1 109 ? -6.386  2.609   -3.072  1    35.44   ? 1021 GLY A N   1 
ATOM   923  C  CA  . GLY A 1 109 ? -6.620  3.465   -4.228  1    34.393  ? 1021 GLY A CA  1 
ATOM   924  C  C   . GLY A 1 109 ? -7.393  2.833   -5.374  1    37.655  ? 1021 GLY A C   1 
ATOM   925  O  O   . GLY A 1 109 ? -7.791  3.528   -6.284  1    38.036  ? 1021 GLY A O   1 
ATOM   926  N  N   . ASP A 1 110 ? -7.576  1.512   -5.357  1    30.905  ? 1022 ASP A N   1 
ATOM   927  C  CA  . ASP A 1 110 ? -8.260  0.796   -6.415  1    28.557  ? 1022 ASP A CA  1 
ATOM   928  C  C   . ASP A 1 110 ? -9.652  0.331   -5.999  1    31.101  ? 1022 ASP A C   1 
ATOM   929  O  O   . ASP A 1 110 ? -10.333 -0.364  -6.737  1    33.65   ? 1022 ASP A O   1 
ATOM   930  C  CB  . ASP A 1 110 ? -7.414  -0.387  -6.839  1    34.738  ? 1022 ASP A CB  1 
ATOM   931  C  CG  . ASP A 1 110 ? -6.141  0.028   -7.572  1    45.062  ? 1022 ASP A CG  1 
ATOM   932  O  OD1 . ASP A 1 110 ? -6.201  1.025   -8.320  1    44.569  ? 1022 ASP A OD1 1 
ATOM   933  O  OD2 . ASP A 1 110 ? -5.116  -0.636  -7.394  1    42.529  ? 1022 ASP A OD2 1 
ATOM   934  N  N   . ILE A 1 111 ? -10.069 0.755   -4.809  1    27.857  ? 1023 ILE A N   1 
ATOM   935  C  CA  . ILE A 1 111 ? -11.395 0.500   -4.262  1    30.984  ? 1023 ILE A CA  1 
ATOM   936  C  C   . ILE A 1 111 ? -12.232 1.765   -4.387  1    31.126  ? 1023 ILE A C   1 
ATOM   937  O  O   . ILE A 1 111 ? -11.757 2.871   -4.096  1    31.998  ? 1023 ILE A O   1 
ATOM   938  C  CB  . ILE A 1 111 ? -11.213 0.180   -2.765  1    32.951  ? 1023 ILE A CB  1 
ATOM   939  C  CG1 . ILE A 1 111 ? -10.507 -1.185  -2.622  1    37.587  ? 1023 ILE A CG1 1 
ATOM   940  C  CG2 . ILE A 1 111 ? -12.578 0.214   -2.076  1    35.977  ? 1023 ILE A CG2 1 
ATOM   941  C  CD1 . ILE A 1 111 ? -10.138 -1.546  -1.186  1    44.036  ? 1023 ILE A CD1 1 
ATOM   942  N  N   . PHE A 1 112 ? -13.499 1.568   -4.716  1    30.643  ? 1024 PHE A N   1 
ATOM   943  C  CA  . PHE A 1 112 ? -14.516 2.607   -4.591  1    33.588  ? 1024 PHE A CA  1 
ATOM   944  C  C   . PHE A 1 112 ? -15.496 2.207   -3.498  1    32.139  ? 1024 PHE A C   1 
ATOM   945  O  O   . PHE A 1 112 ? -16.088 1.130   -3.525  1    30.45   ? 1024 PHE A O   1 
ATOM   946  C  CB  . PHE A 1 112 ? -15.256 2.738   -5.917  1    36.334  ? 1024 PHE A CB  1 
ATOM   947  C  CG  . PHE A 1 112 ? -14.336 3.222   -7.035  1    41.357  ? 1024 PHE A CG  1 
ATOM   948  C  CD1 . PHE A 1 112 ? -14.130 4.587   -7.245  1    47.132  ? 1024 PHE A CD1 1 
ATOM   949  C  CD2 . PHE A 1 112 ? -13.665 2.319   -7.854  1    44.749  ? 1024 PHE A CD2 1 
ATOM   950  C  CE1 . PHE A 1 112 ? -13.258 5.031   -8.238  1    46.144  ? 1024 PHE A CE1 1 
ATOM   951  C  CE2 . PHE A 1 112 ? -12.795 2.768   -8.849  1    51.845  ? 1024 PHE A CE2 1 
ATOM   952  C  CZ  . PHE A 1 112 ? -12.601 4.124   -9.040  1    47.583  ? 1024 PHE A CZ  1 
ATOM   953  N  N   . THR A 1 113 ? -15.746 3.123   -2.560  1    35.453  ? 1025 THR A N   1 
ATOM   954  C  CA  . THR A 1 113 ? -16.824 2.827   -1.631  1    38.506  ? 1025 THR A CA  1 
ATOM   955  C  C   . THR A 1 113 ? -18.134 3.175   -2.315  1    37.45   ? 1025 THR A C   1 
ATOM   956  O  O   . THR A 1 113 ? -18.173 3.719   -3.403  1    43.543  ? 1025 THR A O   1 
ATOM   957  C  CB  . THR A 1 113 ? -16.632 3.504   -0.269  1    46.597  ? 1025 THR A CB  1 
ATOM   958  O  OG1 . THR A 1 113 ? -16.515 4.899   -0.529  1    46.57   ? 1025 THR A OG1 1 
ATOM   959  C  CG2 . THR A 1 113 ? -15.386 3.004   0.439   1    43.648  ? 1025 THR A CG2 1 
ATOM   960  N  N   . LEU A 1 114 ? -19.233 2.788   -1.698  1    31.996  ? 1026 LEU A N   1 
ATOM   961  C  CA  . LEU A 1 114 ? -20.505 2.874   -2.384  1    40.096  ? 1026 LEU A CA  1 
ATOM   962  C  C   . LEU A 1 114 ? -21.010 4.318   -2.341  1    44.047  ? 1026 LEU A C   1 
ATOM   963  O  O   . LEU A 1 114 ? -21.932 4.656   -3.082  1    48.724  ? 1026 LEU A O   1 
ATOM   964  C  CB  . LEU A 1 114 ? -21.496 1.917   -1.728  1    35.466  ? 1026 LEU A CB  1 
ATOM   965  C  CG  . LEU A 1 114 ? -21.156 0.429   -1.818  1    33.947  ? 1026 LEU A CG  1 
ATOM   966  C  CD1 . LEU A 1 114 ? -22.181 -0.453  -1.076  1    35.591  ? 1026 LEU A CD1 1 
ATOM   967  C  CD2 . LEU A 1 114 ? -21.050 -0.013  -3.282  1    33.935  ? 1026 LEU A CD2 1 
ATOM   968  N  N   . GLU A 1 115 ? -20.417 5.139   -1.477  1    43.479  ? 1027 GLU A N   1 
ATOM   969  C  CA  . GLU A 1 115 ? -20.841 6.533   -1.384  1    58.778  ? 1027 GLU A CA  1 
ATOM   970  C  C   . GLU A 1 115 ? -20.199 7.389   -2.490  1    66.296  ? 1027 GLU A C   1 
ATOM   971  O  O   . GLU A 1 115 ? -20.884 8.222   -3.075  1    79.685  ? 1027 GLU A O   1 
ATOM   972  C  CB  . GLU A 1 115 ? -20.760 7.060   0.051   1    63.099  ? 1027 GLU A CB  1 
ATOM   973  C  CG  . GLU A 1 115 ? -19.396 6.855   0.705   1    80.042  ? 1027 GLU A CG  1 
ATOM   974  C  CD  . GLU A 1 115 ? -18.282 7.788   0.254   1    84.772  ? 1027 GLU A CD  1 
ATOM   975  O  OE1 . GLU A 1 115 ? -18.571 8.802   -0.433  1    95.581  ? 1027 GLU A OE1 1 
ATOM   976  O  OE2 . GLU A 1 115 ? -17.113 7.490   0.584   1    75.311  ? 1027 GLU A OE2 1 
ATOM   977  N  N   . GLU A 1 116 ? -18.908 7.166   -2.800  1    61.8    ? 1028 GLU A N   1 
ATOM   978  C  CA  . GLU A 1 116 ? -18.163 7.879   -3.838  1    63.995  ? 1028 GLU A CA  1 
ATOM   979  C  C   . GLU A 1 116 ? -18.936 7.947   -5.157  1    73.195  ? 1028 GLU A C   1 
ATOM   980  O  O   . GLU A 1 116 ? -19.699 7.048   -5.501  1    67.176  ? 1028 GLU A O   1 
ATOM   981  C  CB  . GLU A 1 116 ? -16.916 7.095   -4.250  1    63.162  ? 1028 GLU A CB  1 
ATOM   982  C  CG  . GLU A 1 116 ? -15.970 6.781   -3.093  1    70.654  ? 1028 GLU A CG  1 
ATOM   983  C  CD  . GLU A 1 116 ? -14.641 6.206   -3.548  1    74.408  ? 1028 GLU A CD  1 
ATOM   984  O  OE1 . GLU A 1 116 ? -13.810 5.748   -2.720  1    70.167  ? 1028 GLU A OE1 1 
ATOM   985  O  OE2 . GLU A 1 116 ? -14.431 6.267   -4.773  1    86.001  ? 1028 GLU A OE2 1 
ATOM   986  N  N   . GLU A 1 117 ? -18.711 9.024   -5.916  1    77.118  ? 1029 GLU A N   1 
ATOM   987  C  CA  . GLU A 1 117 ? -19.232 9.138   -7.269  1    76.87   ? 1029 GLU A CA  1 
ATOM   988  C  C   . GLU A 1 117 ? -18.271 8.385   -8.193  1    70.646  ? 1029 GLU A C   1 
ATOM   989  O  O   . GLU A 1 117 ? -17.053 8.481   -8.037  1    68.964  ? 1029 GLU A O   1 
ATOM   990  C  CB  . GLU A 1 117 ? -19.497 10.625  -7.532  1    91.01   ? 1029 GLU A CB  1 
ATOM   991  C  CG  . GLU A 1 117 ? -20.069 10.969  -8.908  1    91.155  ? 1029 GLU A CG  1 
ATOM   992  C  CD  . GLU A 1 117 ? -19.102 11.551  -9.932  1    103.159 ? 1029 GLU A CD  1 
ATOM   993  O  OE1 . GLU A 1 117 ? -17.866 11.480  -9.738  1    103.856 ? 1029 GLU A OE1 1 
ATOM   994  O  OE2 . GLU A 1 117 ? -19.607 12.116  -10.928 1    97.357  ? 1029 GLU A OE2 1 
ATOM   995  N  N   . LEU A 1 118 ? -18.827 7.581   -9.111  1    61.403  ? 1030 LEU A N   1 
ATOM   996  C  CA  . LEU A 1 118 ? -18.013 6.687   -9.923  1    54.909  ? 1030 LEU A CA  1 
ATOM   997  C  C   . LEU A 1 118 ? -17.728 7.369   -11.256 1    56.936  ? 1030 LEU A C   1 
ATOM   998  O  O   . LEU A 1 118 ? -18.644 7.916   -11.874 1    57.728  ? 1030 LEU A O   1 
ATOM   999  C  CB  . LEU A 1 118 ? -18.712 5.352   -10.185 1    51.999  ? 1030 LEU A CB  1 
ATOM   1000 C  CG  . LEU A 1 118 ? -19.082 4.519   -8.952  1    55.135  ? 1030 LEU A CG  1 
ATOM   1001 C  CD1 . LEU A 1 118 ? -19.938 3.375   -9.422  1    47.213  ? 1030 LEU A CD1 1 
ATOM   1002 C  CD2 . LEU A 1 118 ? -17.874 4.014   -8.191  1    54.587  ? 1030 LEU A CD2 1 
ATOM   1003 N  N   . PRO A 1 119 ? -16.472 7.291   -11.749 1    59.56   ? 1031 PRO A N   1 
ATOM   1004 C  CA  . PRO A 1 119 ? -16.166 7.675   -13.123 1    63.385  ? 1031 PRO A CA  1 
ATOM   1005 C  C   . PRO A 1 119 ? -17.142 7.095   -14.143 1    69.561  ? 1031 PRO A C   1 
ATOM   1006 O  O   . PRO A 1 119 ? -17.762 6.049   -13.916 1    63.107  ? 1031 PRO A O   1 
ATOM   1007 C  CB  . PRO A 1 119 ? -14.716 7.249   -13.320 1    61.646  ? 1031 PRO A CB  1 
ATOM   1008 C  CG  . PRO A 1 119 ? -14.156 7.211   -11.905 1    59.739  ? 1031 PRO A CG  1 
ATOM   1009 C  CD  . PRO A 1 119 ? -15.291 6.821   -11.003 1    58.06   ? 1031 PRO A CD  1 
ATOM   1010 N  N   . LYS A 1 120 ? -17.296 7.818   -15.259 1    60.352  ? 1032 LYS A N   1 
ATOM   1011 C  CA  . LYS A 1 120 ? -18.128 7.359   -16.358 1    74.82   ? 1032 LYS A CA  1 
ATOM   1012 C  C   . LYS A 1 120 ? -17.523 6.076   -16.935 1    68.015  ? 1032 LYS A C   1 
ATOM   1013 O  O   . LYS A 1 120 ? -18.270 5.165   -17.305 1    68.753  ? 1032 LYS A O   1 
ATOM   1014 C  CB  . LYS A 1 120 ? -18.347 8.491   -17.374 1    76.188  ? 1032 LYS A CB  1 
ATOM   1015 C  CG  . LYS A 1 120 ? -18.920 8.104   -18.735 1    77.635  ? 1032 LYS A CG  1 
ATOM   1016 C  CD  . LYS A 1 120 ? -20.355 7.582   -18.759 1    82.622  ? 1032 LYS A CD  1 
ATOM   1017 C  CE  . LYS A 1 120 ? -20.899 7.469   -20.160 1    90.22   ? 1032 LYS A CE  1 
ATOM   1018 N  NZ  . LYS A 1 120 ? -20.995 8.773   -20.828 1    93.815  ? 1032 LYS A NZ  1 
ATOM   1019 N  N   . ARG A 1 121 ? -16.176 6.024   -16.972 1    66.771  ? 1033 ARG A N   1 
ATOM   1020 C  CA  . ARG A 1 121 ? -15.391 4.876   -17.418 1    67.452  ? 1033 ARG A CA  1 
ATOM   1021 C  C   . ARG A 1 121 ? -15.829 3.642   -16.620 1    72.654  ? 1033 ARG A C   1 
ATOM   1022 O  O   . ARG A 1 121 ? -15.964 2.547   -17.176 1    62.855  ? 1033 ARG A O   1 
ATOM   1023 C  CB  . ARG A 1 121 ? -13.907 5.263   -17.284 1    73.952  ? 1033 ARG A CB  1 
ATOM   1024 C  CG  . ARG A 1 121 ? -12.751 4.349   -17.685 1    91.799  ? 1033 ARG A CG  1 
ATOM   1025 C  CD  . ARG A 1 121 ? -12.434 3.250   -16.664 1    104.948 ? 1033 ARG A CD  1 
ATOM   1026 N  NE  . ARG A 1 121 ? -11.130 2.577   -16.750 1    108.57  ? 1033 ARG A NE  1 
ATOM   1027 C  CZ  . ARG A 1 121 ? -10.902 1.259   -16.749 1    106.646 ? 1033 ARG A CZ  1 
ATOM   1028 N  NH1 . ARG A 1 121 ? -11.902 0.399   -16.864 1    99.018  ? 1033 ARG A NH1 1 
ATOM   1029 N  NH2 . ARG A 1 121 ? -9.664  0.800   -16.662 1    99.414  ? 1033 ARG A NH2 1 
ATOM   1030 N  N   . VAL A 1 122 ? -16.112 3.865   -15.325 1    64.639  ? 1034 VAL A N   1 
ATOM   1031 C  CA  . VAL A 1 122 ? -16.405 2.824   -14.346 1    63.439  ? 1034 VAL A CA  1 
ATOM   1032 C  C   . VAL A 1 122 ? -17.887 2.447   -14.348 1    57.646  ? 1034 VAL A C   1 
ATOM   1033 O  O   . VAL A 1 122 ? -18.203 1.256   -14.360 1    55.564  ? 1034 VAL A O   1 
ATOM   1034 C  CB  . VAL A 1 122 ? -15.913 3.213   -12.935 1    65.04   ? 1034 VAL A CB  1 
ATOM   1035 C  CG1 . VAL A 1 122 ? -16.393 2.228   -11.867 1    56.958  ? 1034 VAL A CG1 1 
ATOM   1036 C  CG2 . VAL A 1 122 ? -14.394 3.352   -12.903 1    54.453  ? 1034 VAL A CG2 1 
ATOM   1037 N  N   . ARG A 1 123 ? -18.790 3.442   -14.319 1    57.064  ? 1035 ARG A N   1 
ATOM   1038 C  CA  . ARG A 1 123 ? -20.226 3.175   -14.323 1    61.861  ? 1035 ARG A CA  1 
ATOM   1039 C  C   . ARG A 1 123 ? -20.593 2.319   -15.533 1    62.79   ? 1035 ARG A C   1 
ATOM   1040 O  O   . ARG A 1 123 ? -21.531 1.517   -15.491 1    65.156  ? 1035 ARG A O   1 
ATOM   1041 C  CB  . ARG A 1 123 ? -21.064 4.459   -14.372 1    61.484  ? 1035 ARG A CB  1 
ATOM   1042 C  CG  . ARG A 1 123 ? -21.247 5.021   -12.978 1    60.33   ? 1035 ARG A CG  1 
ATOM   1043 C  CD  . ARG A 1 123 ? -22.004 6.344   -12.939 1    75.97   ? 1035 ARG A CD  1 
ATOM   1044 N  NE  . ARG A 1 123 ? -21.786 6.995   -11.639 1    86.372  ? 1035 ARG A NE  1 
ATOM   1045 C  CZ  . ARG A 1 123 ? -22.181 6.558   -10.433 1    88.516  ? 1035 ARG A CZ  1 
ATOM   1046 N  NH1 . ARG A 1 123 ? -23.016 5.530   -10.315 1    81.063  ? 1035 ARG A NH1 1 
ATOM   1047 N  NH2 . ARG A 1 123 ? -21.756 7.175   -9.341  1    73.675  ? 1035 ARG A NH2 1 
ATOM   1048 N  N   . SER A 1 124 ? -19.804 2.500   -16.597 1    57.703  ? 1036 SER A N   1 
ATOM   1049 C  CA  . SER A 1 124 ? -19.984 1.879   -17.896 1    61.688  ? 1036 SER A CA  1 
ATOM   1050 C  C   . SER A 1 124 ? -19.677 0.390   -17.820 1    63.371  ? 1036 SER A C   1 
ATOM   1051 O  O   . SER A 1 124 ? -20.234 -0.388  -18.593 1    61.036  ? 1036 SER A O   1 
ATOM   1052 C  CB  . SER A 1 124 ? -19.074 2.537   -18.912 1    65.749  ? 1036 SER A CB  1 
ATOM   1053 O  OG  . SER A 1 124 ? -19.459 2.165   -20.225 1    77.617  ? 1036 SER A OG  1 
ATOM   1054 N  N   . ARG A 1 125 ? -18.787 0.018   -16.886 1    57.126  ? 1037 ARG A N   1 
ATOM   1055 C  CA  . ARG A 1 125 ? -18.264 -1.336  -16.795 1    53.074  ? 1037 ARG A CA  1 
ATOM   1056 C  C   . ARG A 1 125 ? -18.702 -2.030  -15.497 1    48.059  ? 1037 ARG A C   1 
ATOM   1057 O  O   . ARG A 1 125 ? -18.180 -3.094  -15.174 1    40.197  ? 1037 ARG A O   1 
ATOM   1058 C  CB  . ARG A 1 125 ? -16.740 -1.260  -16.954 1    53.776  ? 1037 ARG A CB  1 
ATOM   1059 C  CG  . ARG A 1 125 ? -16.241 -0.750  -18.302 1    57.758  ? 1037 ARG A CG  1 
ATOM   1060 C  CD  . ARG A 1 125 ? -14.796 -1.197  -18.523 1    73.742  ? 1037 ARG A CD  1 
ATOM   1061 N  NE  . ARG A 1 125 ? -14.192 -0.838  -19.815 1    80.639  ? 1037 ARG A NE  1 
ATOM   1062 C  CZ  . ARG A 1 125 ? -14.050 0.388   -20.333 1    80.069  ? 1037 ARG A CZ  1 
ATOM   1063 N  NH1 . ARG A 1 125 ? -14.616 1.447   -19.761 1    65.466  ? 1037 ARG A NH1 1 
ATOM   1064 N  NH2 . ARG A 1 125 ? -13.355 0.543   -21.448 1    67.469  ? 1037 ARG A NH2 1 
ATOM   1065 N  N   . LEU A 1 126 ? -19.711 -1.467  -14.807 1    47.091  ? 1038 LEU A N   1 
ATOM   1066 C  CA  . LEU A 1 126 ? -20.211 -1.967  -13.531 1    48.452  ? 1038 LEU A CA  1 
ATOM   1067 C  C   . LEU A 1 126 ? -21.270 -3.056  -13.749 1    53.491  ? 1038 LEU A C   1 
ATOM   1068 O  O   . LEU A 1 126 ? -22.371 -2.800  -14.237 1    44.851  ? 1038 LEU A O   1 
ATOM   1069 C  CB  . LEU A 1 126 ? -20.743 -0.805  -12.683 1    47.083  ? 1038 LEU A CB  1 
ATOM   1070 C  CG  . LEU A 1 126 ? -21.302 -1.180  -11.299 1    50.392  ? 1038 LEU A CG  1 
ATOM   1071 C  CD1 . LEU A 1 126 ? -20.304 -1.918  -10.384 1    45.7    ? 1038 LEU A CD1 1 
ATOM   1072 C  CD2 . LEU A 1 126 ? -21.841 0.071   -10.601 1    52.408  ? 1038 LEU A CD2 1 
ATOM   1073 N  N   . SER A 1 127 ? -20.954 -4.285  -13.325 1    43.218  ? 1039 SER A N   1 
ATOM   1074 C  CA  . SER A 1 127 ? -21.939 -5.351  -13.313 1    41.836  ? 1039 SER A CA  1 
ATOM   1075 C  C   . SER A 1 127 ? -22.982 -5.180  -12.185 1    47.837  ? 1039 SER A C   1 
ATOM   1076 O  O   . SER A 1 127 ? -22.690 -4.618  -11.118 1    48.267  ? 1039 SER A O   1 
ATOM   1077 C  CB  . SER A 1 127 ? -21.205 -6.660  -13.194 1    37.652  ? 1039 SER A CB  1 
ATOM   1078 O  OG  . SER A 1 127 ? -22.150 -7.709  -13.025 1    42.477  ? 1039 SER A OG  1 
ATOM   1079 N  N   . LEU A 1 128 ? -24.185 -5.757  -12.385 1    46.526  ? 1040 LEU A N   1 
ATOM   1080 C  CA  . LEU A 1 128 ? -25.309 -5.645  -11.456 1    59.675  ? 1040 LEU A CA  1 
ATOM   1081 C  C   . LEU A 1 128 ? -25.104 -6.544  -10.212 1    67.935  ? 1040 LEU A C   1 
ATOM   1082 O  O   . LEU A 1 128 ? -24.903 -7.770  -10.394 1    72.115  ? 1040 LEU A O   1 
ATOM   1083 C  CB  . LEU A 1 128 ? -26.628 -5.943  -12.178 1    63.935  ? 1040 LEU A CB  1 
ATOM   1084 C  CG  . LEU A 1 128 ? -27.025 -4.970  -13.301 1    73.502  ? 1040 LEU A CG  1 
ATOM   1085 C  CD1 . LEU A 1 128 ? -28.290 -5.399  -14.058 1    65.668  ? 1040 LEU A CD1 1 
ATOM   1086 C  CD2 . LEU A 1 128 ? -27.148 -3.525  -12.798 1    65.737  ? 1040 LEU A CD2 1 
HETATM 1087 C  CAA . O4B B 2 .   ? 18.805  2.961   -8.116  0.5  56.617  ? 1101 O4B A CAA 1 
HETATM 1088 O  OAM . O4B B 2 .   ? 20.225  3.037   -7.983  0.62 85.374  ? 1101 O4B A OAM 1 
HETATM 1089 C  CAC . O4B B 2 .   ? 20.899  3.588   -9.116  0.62 96.763  ? 1101 O4B A CAC 1 
HETATM 1090 C  CAD . O4B B 2 .   ? 22.396  3.471   -8.945  0.62 104.812 ? 1101 O4B A CAD 1 
HETATM 1091 O  OAO . O4B B 2 .   ? 22.963  2.476   -9.792  0.62 112.873 ? 1101 O4B A OAO 1 
HETATM 1092 C  CAG . O4B B 2 .   ? 24.314  2.207   -9.435  0.62 106.676 ? 1101 O4B A CAG 1 
HETATM 1093 C  CAH . O4B B 2 .   ? 25.124  1.924   -10.658 0.62 105.241 ? 1101 O4B A CAH 1 
HETATM 1094 O  OAQ . O4B B 2 .   ? 25.895  0.754   -10.410 0.62 102.458 ? 1101 O4B A OAQ 1 
HETATM 1095 C  CAK . O4B B 2 .   ? 25.091  -0.373  -10.067 0.62 88.119  ? 1101 O4B A CAK 1 
HETATM 1096 C  CAL . O4B B 2 .   ? 24.969  -0.535  -8.578  0.62 72.325  ? 1101 O4B A CAL 1 
HETATM 1097 O  OAR . O4B B 2 .   ? 23.669  -1.009  -8.228  0.62 53.539  ? 1101 O4B A OAR 1 
HETATM 1098 C  CAJ . O4B B 2 .   ? 23.333  -0.611  -6.905  0.62 49.247  ? 1101 O4B A CAJ 1 
HETATM 1099 C  CAI . O4B B 2 .   ? 22.198  -1.400  -6.390  0.62 39.77   ? 1101 O4B A CAI 1 
HETATM 1100 O  OAP . O4B B 2 .   ? 21.005  -0.642  -6.520  0.62 37.97   ? 1101 O4B A OAP 1 
HETATM 1101 C  CAF . O4B B 2 .   ? 20.651  0.070   -5.352  0.62 38.504  ? 1101 O4B A CAF 1 
HETATM 1102 C  CAE . O4B B 2 .   ? 19.291  0.565   -5.576  0.62 38.996  ? 1101 O4B A CAE 1 
HETATM 1103 O  OAN . O4B B 2 .   ? 19.220  1.057   -6.902  0.62 39.415  ? 1101 O4B A OAN 1 
HETATM 1104 C  CAB . O4B B 2 .   ? 18.282  2.098   -7.064  0.62 43.296  ? 1101 O4B A CAB 1 
HETATM 1105 CL CL  . CL  C 3 .   ? 21.289  0.696   -9.095  0.49 33.861  ? 1102 CL  A CL  1 
HETATM 1106 O  O   . HOH D 4 .   ? 21.558  3.145   -7.183  1    34.19   ? 1201 HOH A O   1 
HETATM 1107 O  O   . HOH D 4 .   ? 23.872  4.374   -10.410 1    44.424  ? 1202 HOH A O   1 
HETATM 1108 O  O   . HOH D 4 .   ? -17.855 -12.685 1.249   1    47.804  ? 1203 HOH A O   1 
HETATM 1109 O  O   . HOH D 4 .   ? -20.086 -10.541 -15.055 1    47.322  ? 1204 HOH A O   1 
HETATM 1110 O  O   . HOH D 4 .   ? -25.262 -5.284  -0.477  1    56.084  ? 1205 HOH A O   1 
HETATM 1111 O  O   . HOH D 4 .   ? 14.856  10.154  -9.208  1    31.778  ? 1206 HOH A O   1 
HETATM 1112 O  O   . HOH D 4 .   ? 24.295  -5.587  -7.125  1    46.011  ? 1207 HOH A O   1 
HETATM 1113 O  O   . HOH D 4 .   ? -26.087 -10.995 -7.934  1    48.046  ? 1208 HOH A O   1 
HETATM 1114 O  O   . HOH D 4 .   ? -14.432 -18.331 -1.938  1    45.558  ? 1209 HOH A O   1 
HETATM 1115 O  O   . HOH D 4 .   ? 7.498   10.161  7.292   1    46.263  ? 1210 HOH A O   1 
HETATM 1116 O  O   . HOH D 4 .   ? -4.862  -2.942  -6.243  1    37.103  ? 1211 HOH A O   1 
HETATM 1117 O  O   . HOH D 4 .   ? 18.173  -3.923  9.909   1    46.146  ? 1212 HOH A O   1 
HETATM 1118 O  O   . HOH D 4 .   ? 23.337  5.354   -2.873  1    32.111  ? 1213 HOH A O   1 
HETATM 1119 O  O   . HOH D 4 .   ? 10.739  -3.783  -0.631  1    25.896  ? 1214 HOH A O   1 
HETATM 1120 O  O   . HOH D 4 .   ? 21.119  -11.004 -2.312  1    46.247  ? 1215 HOH A O   1 
HETATM 1121 O  O   . HOH D 4 .   ? 6.812   6.263   -7.225  1    39.575  ? 1216 HOH A O   1 
HETATM 1122 O  O   . HOH D 4 .   ? 17.661  14.104  -5.278  1    53.982  ? 1217 HOH A O   1 
HETATM 1123 O  O   . HOH D 4 .   ? 27.255  6.598   -2.227  1    35.349  ? 1218 HOH A O   1 
HETATM 1124 O  O   . HOH D 4 .   ? 13.498  14.008  -7.514  1    46.619  ? 1219 HOH A O   1 
HETATM 1125 O  O   . HOH D 4 .   ? -5.919  3.972   4.093   1    39.731  ? 1220 HOH A O   1 
HETATM 1126 O  O   . HOH D 4 .   ? 28.758  -6.624  0.778   1    66.092  ? 1221 HOH A O   1 
HETATM 1127 O  O   . HOH D 4 .   ? -10.727 5.041   -5.260  1    44.53   ? 1222 HOH A O   1 
HETATM 1128 O  O   . HOH D 4 .   ? -8.239  2.550   3.992   1    32.737  ? 1223 HOH A O   1 
HETATM 1129 O  O   . HOH D 4 .   ? 18.992  7.468   13.705  1    56.299  ? 1224 HOH A O   1 
HETATM 1130 O  O   . HOH D 4 .   ? -1.928  3.595   9.979   1    48.122  ? 1225 HOH A O   1 
HETATM 1131 O  O   . HOH D 4 .   ? 12.788  -1.073  -2.393  1    29.308  ? 1226 HOH A O   1 
HETATM 1132 O  O   . HOH D 4 .   ? -15.848 3.690   3.949   1    42.397  ? 1227 HOH A O   1 
HETATM 1133 O  O   . HOH D 4 .   ? 11.340  14.477  3.706   1    48.082  ? 1228 HOH A O   1 
HETATM 1134 O  O   . HOH D 4 .   ? -18.712 1.112   0.699   1    32.068  ? 1229 HOH A O   1 
HETATM 1135 O  O   . HOH D 4 .   ? 8.512   -4.739  6.378   1    39.027  ? 1230 HOH A O   1 
HETATM 1136 O  O   . HOH D 4 .   ? 6.731   4.933   0.579   1    40.524  ? 1231 HOH A O   1 
HETATM 1137 O  O   . HOH D 4 .   ? -2.986  0.705   -0.377  1    37.473  ? 1232 HOH A O   1 
HETATM 1138 O  O   . HOH D 4 .   ? -17.145 1.199   7.063   1    30.079  ? 1233 HOH A O   1 
HETATM 1139 O  O   . HOH D 4 .   ? 19.363  -6.982  -5.914  1    42.845  ? 1234 HOH A O   1 
HETATM 1140 O  O   . HOH D 4 .   ? 16.050  -3.882  0.745   1    46.584  ? 1235 HOH A O   1 
HETATM 1141 O  O   . HOH D 4 .   ? -9.276  -13.313 -8.617  1    46.581  ? 1236 HOH A O   1 
HETATM 1142 O  O   . HOH D 4 .   ? 21.188  10.627  -1.675  1    32.099  ? 1237 HOH A O   1 
HETATM 1143 O  O   . HOH D 4 .   ? -7.212  -15.788 -2.772  1    34.429  ? 1238 HOH A O   1 
HETATM 1144 O  O   . HOH D 4 .   ? 19.281  1.942   16.169  1    46.643  ? 1239 HOH A O   1 
HETATM 1145 O  O   . HOH D 4 .   ? 5.246   2.119   -2.217  1    30.109  ? 1240 HOH A O   1 
HETATM 1146 O  O   . HOH D 4 .   ? -13.065 -11.493 7.433   1    60.92   ? 1241 HOH A O   1 
HETATM 1147 O  O   . HOH D 4 .   ? 7.683   0.189   -7.695  1    46.959  ? 1242 HOH A O   1 
HETATM 1148 O  O   . HOH D 4 .   ? -16.349 -10.117 5.382   1    40.609  ? 1243 HOH A O   1 
HETATM 1149 O  O   . HOH D 4 .   ? 4.437   5.186   8.250   1    42.223  ? 1244 HOH A O   1 
HETATM 1150 O  O   . HOH D 4 .   ? 10.160  10.371  10.294  1    55.794  ? 1245 HOH A O   1 
HETATM 1151 O  O   . HOH D 4 .   ? -18.672 -20.293 -6.690  1    48.298  ? 1246 HOH A O   1 
HETATM 1152 O  O   . HOH D 4 .   ? -1.506  6.090   3.643   1    56.693  ? 1247 HOH A O   1 
HETATM 1153 O  O   . HOH D 4 .   ? 2.500   -1.771  8.650   1    37.632  ? 1248 HOH A O   1 
HETATM 1154 O  O   . HOH D 4 .   ? -11.031 2.381   11.058  1    41.85   ? 1249 HOH A O   1 
HETATM 1155 O  O   . HOH D 4 .   ? 15.848  -0.976  10.439  1    39.729  ? 1250 HOH A O   1 
HETATM 1156 O  O   . HOH D 4 .   ? 1.504   6.878   6.449   1    41.116  ? 1251 HOH A O   1 
HETATM 1157 O  O   . HOH D 4 .   ? 15.093  -2.782  12.223  1    42.989  ? 1252 HOH A O   1 
HETATM 1158 O  O   . HOH D 4 .   ? -21.599 -6.063  -8.837  1    45.192  ? 1253 HOH A O   1 
HETATM 1159 O  O   . HOH D 4 .   ? -3.708  2.797   -2.294  1    51.698  ? 1254 HOH A O   1 
HETATM 1160 O  O   . HOH D 4 .   ? 3.679   -6.010  1.639   1    39.081  ? 1255 HOH A O   1 
HETATM 1161 O  O   . HOH D 4 .   ? -10.622 -1.216  -9.393  1    50.668  ? 1256 HOH A O   1 
HETATM 1162 O  O   . HOH D 4 .   ? 15.197  -6.096  4.343   1    43.313  ? 1257 HOH A O   1 
HETATM 1163 O  O   . HOH D 4 .   ? -19.907 4.253   -5.691  1    53.557  ? 1258 HOH A O   1 
HETATM 1164 O  O   . HOH D 4 .   ? 28.355  -3.698  1.221   1    49.367  ? 1259 HOH A O   1 
HETATM 1165 O  O   . HOH D 4 .   ? 4.566   -3.392  6.711   1    41.554  ? 1260 HOH A O   1 
HETATM 1166 O  O   . HOH D 4 .   ? 7.376   -3.276  4.160   1    43.362  ? 1261 HOH A O   1 
HETATM 1167 O  O   . HOH D 4 .   ? -1.750  5.201   7.362   1    46.728  ? 1262 HOH A O   1 
HETATM 1168 O  O   . HOH D 4 .   ? -6.300  -12.292 -2.399  1    36.362  ? 1263 HOH A O   1 
HETATM 1169 O  O   . HOH D 4 .   ? -9.049  -4.458  -8.311  1    33.469  ? 1264 HOH A O   1 
HETATM 1170 O  O   . HOH D 4 .   ? -19.469 -9.806  -7.257  1    32.145  ? 1265 HOH A O   1 
HETATM 1171 O  O   . HOH D 4 .   ? 3.446   7.849   7.861   1    55.283  ? 1266 HOH A O   1 
HETATM 1172 O  O   . HOH D 4 .   ? -6.640  -14.303 -6.299  1    51.518  ? 1267 HOH A O   1 
HETATM 1173 O  O   . HOH D 4 .   ? 2.107   3.397   10.856  1    54.208  ? 1268 HOH A O   1 
HETATM 1174 O  O   . HOH D 4 .   ? 3.070   1.748   1.835   1    38.133  ? 1269 HOH A O   1 
HETATM 1175 O  O   . HOH D 4 .   ? 7.177   9.870   -6.115  0.5  42.091  ? 1270 HOH A O   1 
HETATM 1176 O  O   . HOH D 4 .   ? -3.942  3.452   2.328   1    36.621  ? 1271 HOH A O   1 
HETATM 1177 O  O   . HOH D 4 .   ? 21.592  13.126  8.619   1    45.695  ? 1272 HOH A O   1 
HETATM 1178 O  O   . HOH D 4 .   ? -7.605  5.593   5.165   1    56.838  ? 1273 HOH A O   1 
HETATM 1179 O  O   . HOH D 4 .   ? 6.954   8.411   -3.756  1    51.048  ? 1274 HOH A O   1 
HETATM 1180 O  O   . HOH D 4 .   ? 4.215   10.131  4.661   1    59.36   ? 1275 HOH A O   1 
HETATM 1181 O  O   . HOH D 4 .   ? 9.028   -6.136  10.772  1    48.412  ? 1276 HOH A O   1 
HETATM 1182 O  O   . HOH D 4 .   ? 12.698  13.761  -2.588  1    46.236  ? 1277 HOH A O   1 
HETATM 1183 O  O   . HOH D 4 .   ? -9.821  -16.330 -6.505  1    32.738  ? 1278 HOH A O   1 
HETATM 1184 O  O   . HOH D 4 .   ? 20.657  15.529  6.451   1    57.793  ? 1279 HOH A O   1 
HETATM 1185 O  O   . HOH D 4 .   ? -8.589  4.305   13.387  1    47.748  ? 1280 HOH A O   1 
HETATM 1186 O  O   . HOH D 4 .   ? -6.353  -5.394  -7.300  1    41.593  ? 1281 HOH A O   1 
HETATM 1187 O  O   . HOH D 4 .   ? -0.203  2.409   11.346  1    51.709  ? 1282 HOH A O   1 
HETATM 1188 O  O   . HOH D 4 .   ? 19.098  -4.927  6.598   1    47.41   ? 1283 HOH A O   1 
HETATM 1189 O  O   . HOH D 4 .   ? 26.187  4.218   -1.640  1    42.624  ? 1284 HOH A O   1 
HETATM 1190 O  O   . HOH D 4 .   ? -5.037  -7.702  2.616   1    41.504  ? 1285 HOH A O   1 
HETATM 1191 O  O   . HOH D 4 .   ? 20.361  6.035   14.395  1    57.766  ? 1286 HOH A O   1 
HETATM 1192 O  O   . HOH D 4 .   ? 13.356  -2.757  -0.014  1    38.241  ? 1287 HOH A O   1 
HETATM 1193 O  O   . HOH D 4 .   ? 18.419  -6.797  2.496   1    62.8    ? 1288 HOH A O   1 
HETATM 1194 O  O   . HOH D 4 .   ? 25.754  2.186   10.225  1    65.667  ? 1289 HOH A O   1 
HETATM 1195 O  O   . HOH D 4 .   ? 6.986   -2.738  7.850   1    48.885  ? 1290 HOH A O   1 
HETATM 1196 O  O   . HOH D 4 .   ? 23.102  4.972   -5.695  1    38.442  ? 1291 HOH A O   1 
HETATM 1197 O  O   . HOH D 4 .   ? -18.550 -12.283 -9.367  1    45.834  ? 1292 HOH A O   1 
HETATM 1198 O  O   . HOH D 4 .   ? -5.237  -2.502  -10.353 1    47.303  ? 1293 HOH A O   1 
HETATM 1199 O  O   . HOH D 4 .   ? 20.036  -8.786  2.149   1    45.063  ? 1294 HOH A O   1 
HETATM 1200 O  O   . HOH D 4 .   ? 4.461   -2.140  -4.534  1    64.686  ? 1295 HOH A O   1 
HETATM 1201 O  O   . HOH D 4 .   ? -22.666 -8.886  -5.513  1    56.939  ? 1296 HOH A O   1 
HETATM 1202 O  O   . HOH D 4 .   ? 8.529   9.277   8.964   1    50.726  ? 1297 HOH A O   1 
HETATM 1203 O  O   . HOH D 4 .   ? -20.825 -9.958  -3.335  1    67.481  ? 1298 HOH A O   1 
HETATM 1204 O  O   . HOH D 4 .   ? 4.250   3.395   0.030   1    45.614  ? 1299 HOH A O   1 
HETATM 1205 O  O   . HOH D 4 .   ? 20.338  -10.123 0.843   1    60.888  ? 1300 HOH A O   1 
HETATM 1206 O  O   . HOH D 4 .   ? -7.626  -6.946  10.491  1    47.215  ? 1301 HOH A O   1 
HETATM 1207 O  O   . HOH D 4 .   ? -21.941 -9.049  -8.240  1    54.683  ? 1302 HOH A O   1 
HETATM 1208 O  O   . HOH D 4 .   ? -20.985 -8.203  -2.086  1    58.448  ? 1303 HOH A O   1 
HETATM 1209 O  O   . HOH D 4 .   ? -7.819  -2.490  -9.996  1    49.803  ? 1304 HOH A O   1 
HETATM 1210 O  O   . HOH D 4 .   ? 27.335  6.360   -4.814  1    45.164  ? 1305 HOH A O   1 
HETATM 1211 O  O   . HOH D 4 .   ? -3.455  4.100   -0.205  1    49.624  ? 1306 HOH A O   1 
# 
